data_4IIS
#
_entry.id   4IIS
#
_cell.length_a   150.118
_cell.length_b   150.118
_cell.length_c   77.331
_cell.angle_alpha   90.00
_cell.angle_beta   90.00
_cell.angle_gamma   90.00
#
_symmetry.space_group_name_H-M   'P 41'
#
loop_
_entity.id
_entity.type
_entity.pdbx_description
1 polymer "Beta-1,3-glucanase form 'RRII Gln 2'"
2 branched 2-acetamido-2-deoxy-beta-D-glucopyranose-(1-4)-2-acetamido-2-deoxy-beta-D-glucopyranose
3 non-polymer 'CITRATE ANION'
4 non-polymer 'CACODYLATE ION'
5 non-polymer 'SODIUM ION'
6 water water
#
_entity_poly.entity_id   1
_entity_poly.type   'polypeptide(L)'
_entity_poly.pdbx_seq_one_letter_code
;(PCA)VGVCYGMQGNNLPPVSEVIALYKKSNITRMRIYDPNQAVLEALRGSNIELILGVPNSDLQSLTNPSNAKSWVQKN
VRGFWSSVRFRYIAVGNEISPVNRGTAWLAQFVLPAMRNIHDAIRSAGLQDQIKVSTAIDLTLVGNSYPPSAGAFRDDVR
SYLNPIIRFLSSIRSPLLANIYPYFTYAGNPRDISLPYALFTSPSVVVWDGQRGYKNLFDATLDALYSALERASGGSLEV
VVSESGWPSAGAFAATFDNGRTYLSNLIQHVKRGTPKRPKRAIETYLFAMFDENKKQPEVEKHFGLFFPNKWQKYNLNFS
;
_entity_poly.pdbx_strand_id   A,B,C,D
#
loop_
_chem_comp.id
_chem_comp.type
_chem_comp.name
_chem_comp.formula
CAC non-polymer 'CACODYLATE ION' 'C2 H6 As O2 -1'
FLC non-polymer 'CITRATE ANION' 'C6 H5 O7 -3'
NA non-polymer 'SODIUM ION' 'Na 1'
NAG D-saccharide, beta linking 2-acetamido-2-deoxy-beta-D-glucopyranose 'C8 H15 N O6'
#
# COMPACT_ATOMS: atom_id res chain seq x y z
N PCA A 1 -8.42 -5.53 -38.90
CA PCA A 1 -7.02 -5.89 -38.64
CB PCA A 1 -6.13 -4.65 -38.61
CG PCA A 1 -7.06 -3.48 -38.43
CD PCA A 1 -8.42 -4.06 -38.75
OE PCA A 1 -9.41 -3.34 -38.88
C PCA A 1 -6.83 -6.52 -37.28
O PCA A 1 -7.50 -6.19 -36.30
N VAL A 2 -5.89 -7.44 -37.21
CA VAL A 2 -5.64 -8.10 -35.96
C VAL A 2 -4.89 -7.10 -35.08
N GLY A 3 -5.05 -7.27 -33.78
CA GLY A 3 -4.32 -6.46 -32.83
C GLY A 3 -3.30 -7.31 -32.13
N VAL A 4 -2.45 -6.69 -31.34
CA VAL A 4 -1.48 -7.47 -30.63
C VAL A 4 -1.37 -6.95 -29.22
N CYS A 5 -1.37 -7.89 -28.27
CA CYS A 5 -1.22 -7.57 -26.86
C CYS A 5 0.26 -7.26 -26.61
N TYR A 6 0.52 -6.14 -25.96
CA TYR A 6 1.88 -5.75 -25.67
C TYR A 6 2.17 -6.04 -24.18
N GLY A 7 2.65 -7.24 -23.88
CA GLY A 7 3.09 -7.53 -22.53
C GLY A 7 4.54 -7.15 -22.45
N MET A 8 4.93 -6.56 -21.33
CA MET A 8 6.28 -6.04 -21.18
C MET A 8 7.18 -6.75 -20.16
N GLN A 9 6.74 -7.92 -19.71
CA GLN A 9 7.42 -8.69 -18.65
C GLN A 9 8.59 -9.57 -19.14
N GLY A 10 9.57 -8.94 -19.79
CA GLY A 10 10.80 -9.62 -20.17
C GLY A 10 12.01 -8.77 -19.82
N ASN A 11 13.15 -9.43 -19.68
CA ASN A 11 14.40 -8.76 -19.31
C ASN A 11 15.22 -8.41 -20.54
N ASN A 12 14.67 -8.71 -21.70
CA ASN A 12 15.43 -8.62 -22.93
C ASN A 12 14.62 -7.89 -24.00
N LEU A 13 13.69 -7.05 -23.60
CA LEU A 13 12.80 -6.42 -24.57
C LEU A 13 13.33 -5.12 -25.19
N PRO A 14 12.93 -4.82 -26.44
CA PRO A 14 13.29 -3.55 -27.10
C PRO A 14 12.72 -2.33 -26.38
N PRO A 15 13.35 -1.16 -26.55
CA PRO A 15 12.77 0.06 -25.98
C PRO A 15 11.35 0.26 -26.49
N VAL A 16 10.51 0.87 -25.66
CA VAL A 16 9.12 1.19 -26.02
C VAL A 16 9.04 1.79 -27.44
N SER A 17 9.91 2.76 -27.70
CA SER A 17 9.89 3.49 -28.97
C SER A 17 10.09 2.57 -30.16
N GLU A 18 11.00 1.61 -29.98
CA GLU A 18 11.30 0.64 -31.01
C GLU A 18 10.13 -0.32 -31.18
N VAL A 19 9.46 -0.63 -30.07
CA VAL A 19 8.32 -1.52 -30.14
C VAL A 19 7.18 -0.93 -30.96
N ILE A 20 6.89 0.35 -30.76
CA ILE A 20 5.89 1.08 -31.54
C ILE A 20 6.29 1.13 -33.02
N ALA A 21 7.53 1.55 -33.25
CA ALA A 21 8.09 1.52 -34.58
C ALA A 21 7.87 0.16 -35.20
N LEU A 22 8.18 -0.91 -34.46
CA LEU A 22 8.01 -2.27 -34.95
C LEU A 22 6.59 -2.66 -35.24
N TYR A 23 5.66 -2.02 -34.51
CA TYR A 23 4.24 -2.19 -34.73
C TYR A 23 3.88 -1.52 -36.02
N LYS A 24 4.31 -0.26 -36.15
CA LYS A 24 4.05 0.51 -37.35
C LYS A 24 4.66 -0.21 -38.55
N LYS A 25 5.92 -0.62 -38.37
CA LYS A 25 6.74 -1.37 -39.34
C LYS A 25 6.05 -2.62 -39.87
N SER A 26 5.46 -3.40 -38.95
CA SER A 26 4.79 -4.65 -39.29
C SER A 26 3.36 -4.40 -39.75
N ASN A 27 3.01 -3.12 -39.75
CA ASN A 27 1.67 -2.64 -40.12
C ASN A 27 0.54 -3.18 -39.22
N ILE A 28 0.86 -3.33 -37.93
CA ILE A 28 -0.12 -3.64 -36.87
C ILE A 28 -0.78 -2.36 -36.32
N THR A 29 -2.08 -2.20 -36.61
CA THR A 29 -2.82 -0.98 -36.27
C THR A 29 -3.68 -1.12 -34.99
N ARG A 30 -3.52 -2.23 -34.29
CA ARG A 30 -4.27 -2.39 -33.06
C ARG A 30 -3.43 -3.00 -31.96
N MET A 31 -3.54 -2.34 -30.80
CA MET A 31 -2.79 -2.71 -29.62
C MET A 31 -3.62 -2.87 -28.35
N ARG A 32 -3.22 -3.83 -27.53
CA ARG A 32 -3.77 -3.95 -26.20
C ARG A 32 -2.62 -3.79 -25.19
N ILE A 33 -2.76 -2.85 -24.27
CA ILE A 33 -1.83 -2.78 -23.15
C ILE A 33 -2.57 -3.16 -21.89
N TYR A 34 -1.83 -3.55 -20.85
CA TYR A 34 -2.51 -4.05 -19.67
C TYR A 34 -2.50 -3.05 -18.53
N ASP A 35 -1.78 -1.96 -18.71
CA ASP A 35 -1.84 -0.88 -17.75
C ASP A 35 -1.58 0.40 -18.54
N PRO A 36 -1.93 1.56 -17.98
CA PRO A 36 -1.67 2.77 -18.79
C PRO A 36 -0.27 3.35 -18.71
N ASN A 37 0.69 2.62 -19.26
CA ASN A 37 2.08 3.05 -19.30
C ASN A 37 2.18 4.33 -20.16
N GLN A 38 2.63 5.42 -19.53
CA GLN A 38 2.68 6.75 -20.16
C GLN A 38 3.60 6.82 -21.39
N ALA A 39 4.78 6.22 -21.27
CA ALA A 39 5.74 6.23 -22.36
C ALA A 39 5.04 5.62 -23.57
N VAL A 40 4.36 4.51 -23.36
CA VAL A 40 3.62 3.86 -24.43
C VAL A 40 2.54 4.78 -24.94
N LEU A 41 1.83 5.42 -24.01
CA LEU A 41 0.75 6.34 -24.32
C LEU A 41 1.25 7.56 -25.10
N GLU A 42 2.37 8.11 -24.65
CA GLU A 42 3.02 9.21 -25.34
C GLU A 42 3.53 8.75 -26.71
N ALA A 43 3.88 7.47 -26.82
CA ALA A 43 4.48 6.96 -28.06
C ALA A 43 3.45 6.66 -29.15
N LEU A 44 2.19 6.60 -28.76
CA LEU A 44 1.13 6.27 -29.70
C LEU A 44 0.51 7.52 -30.33
N ARG A 45 1.06 8.69 -30.01
CA ARG A 45 0.44 9.92 -30.46
C ARG A 45 0.55 10.08 -31.97
N GLY A 46 -0.61 10.22 -32.62
CA GLY A 46 -0.68 10.32 -34.07
C GLY A 46 -0.45 9.01 -34.82
N SER A 47 -0.38 7.90 -34.11
CA SER A 47 -0.09 6.59 -34.71
C SER A 47 -1.25 6.02 -35.55
N ASN A 48 -2.45 6.54 -35.31
CA ASN A 48 -3.69 6.02 -35.87
C ASN A 48 -4.01 4.58 -35.43
N ILE A 49 -3.31 4.11 -34.39
CA ILE A 49 -3.55 2.80 -33.81
C ILE A 49 -4.70 2.76 -32.82
N GLU A 50 -5.74 1.99 -33.14
CA GLU A 50 -6.85 1.85 -32.23
C GLU A 50 -6.35 1.15 -30.94
N LEU A 51 -6.72 1.67 -29.77
CA LEU A 51 -6.15 1.15 -28.52
C LEU A 51 -7.16 0.55 -27.55
N ILE A 52 -6.82 -0.64 -27.04
CA ILE A 52 -7.44 -1.18 -25.83
C ILE A 52 -6.59 -0.80 -24.66
N LEU A 53 -7.12 0.09 -23.82
CA LEU A 53 -6.44 0.56 -22.62
C LEU A 53 -6.91 -0.26 -21.43
N GLY A 54 -6.01 -0.92 -20.73
CA GLY A 54 -6.37 -1.80 -19.64
C GLY A 54 -6.35 -1.20 -18.26
N VAL A 55 -7.34 -1.55 -17.42
CA VAL A 55 -7.22 -1.26 -15.98
C VAL A 55 -6.59 -2.43 -15.20
N PRO A 56 -5.46 -2.17 -14.53
CA PRO A 56 -4.88 -3.34 -13.84
C PRO A 56 -5.73 -3.71 -12.62
N ASN A 57 -5.83 -5.00 -12.34
CA ASN A 57 -6.68 -5.51 -11.27
C ASN A 57 -6.37 -4.87 -9.90
N SER A 58 -5.12 -4.53 -9.65
CA SER A 58 -4.72 -3.91 -8.37
C SER A 58 -5.35 -2.54 -8.14
N ASP A 59 -5.82 -1.89 -9.21
CA ASP A 59 -6.44 -0.57 -9.09
C ASP A 59 -7.95 -0.61 -9.08
N LEU A 60 -8.50 -1.80 -9.32
CA LEU A 60 -9.94 -1.96 -9.35
C LEU A 60 -10.56 -1.42 -8.06
N GLN A 61 -9.90 -1.73 -6.96
CA GLN A 61 -10.39 -1.39 -5.63
C GLN A 61 -10.44 0.13 -5.52
N SER A 62 -9.31 0.75 -5.82
CA SER A 62 -9.18 2.20 -5.86
C SER A 62 -10.30 2.91 -6.66
N LEU A 63 -10.71 2.29 -7.76
CA LEU A 63 -11.63 2.93 -8.72
C LEU A 63 -13.09 2.76 -8.34
N THR A 64 -13.38 2.06 -7.26
CA THR A 64 -14.75 1.98 -6.80
C THR A 64 -15.12 3.30 -6.12
N ASN A 65 -14.10 4.12 -5.92
CA ASN A 65 -14.26 5.51 -5.52
C ASN A 65 -14.35 6.39 -6.75
N PRO A 66 -15.45 7.15 -6.87
CA PRO A 66 -15.70 7.98 -8.06
C PRO A 66 -14.56 8.94 -8.37
N SER A 67 -14.01 9.62 -7.35
CA SER A 67 -12.94 10.61 -7.49
C SER A 67 -11.61 10.01 -7.98
N ASN A 68 -11.27 8.81 -7.53
CA ASN A 68 -10.07 8.11 -7.99
C ASN A 68 -10.18 7.79 -9.46
N ALA A 69 -11.39 7.43 -9.86
CA ALA A 69 -11.71 7.11 -11.23
C ALA A 69 -11.62 8.37 -12.11
N LYS A 70 -12.11 9.49 -11.62
CA LYS A 70 -12.11 10.78 -12.32
C LYS A 70 -10.69 11.19 -12.68
N SER A 71 -9.84 11.16 -11.67
CA SER A 71 -8.44 11.50 -11.80
C SER A 71 -7.73 10.48 -12.67
N TRP A 72 -8.24 9.26 -12.65
CA TRP A 72 -7.70 8.19 -13.49
C TRP A 72 -7.99 8.50 -14.96
N VAL A 73 -9.24 8.82 -15.26
CA VAL A 73 -9.59 9.25 -16.61
C VAL A 73 -8.85 10.54 -17.07
N GLN A 74 -8.67 11.51 -16.17
CA GLN A 74 -7.98 12.75 -16.53
C GLN A 74 -6.55 12.50 -16.97
N LYS A 75 -5.80 11.77 -16.17
CA LYS A 75 -4.39 11.53 -16.43
C LYS A 75 -4.18 10.66 -17.66
N ASN A 76 -4.97 9.59 -17.76
CA ASN A 76 -4.70 8.58 -18.76
C ASN A 76 -5.56 8.66 -20.00
N VAL A 77 -6.65 9.41 -19.96
CA VAL A 77 -7.49 9.47 -21.14
C VAL A 77 -7.57 10.89 -21.76
N ARG A 78 -8.08 11.86 -21.01
CA ARG A 78 -8.31 13.21 -21.54
C ARG A 78 -7.06 13.93 -21.98
N GLY A 79 -5.93 13.57 -21.36
CA GLY A 79 -4.63 14.16 -21.64
C GLY A 79 -4.04 13.76 -22.99
N PHE A 80 -4.72 12.85 -23.68
CA PHE A 80 -4.22 12.22 -24.90
C PHE A 80 -5.29 12.09 -26.00
N TRP A 81 -6.53 12.41 -25.69
CA TRP A 81 -7.63 12.16 -26.62
C TRP A 81 -7.55 12.84 -28.01
N SER A 82 -6.91 14.00 -28.07
CA SER A 82 -6.59 14.62 -29.35
C SER A 82 -5.92 13.66 -30.36
N SER A 83 -5.01 12.80 -29.88
CA SER A 83 -4.09 12.12 -30.80
C SER A 83 -4.04 10.62 -30.61
N VAL A 84 -4.78 10.08 -29.66
CA VAL A 84 -4.73 8.64 -29.45
C VAL A 84 -6.12 8.07 -29.62
N ARG A 85 -6.25 7.09 -30.51
CA ARG A 85 -7.55 6.51 -30.78
C ARG A 85 -7.87 5.38 -29.78
N PHE A 86 -8.17 5.78 -28.54
CA PHE A 86 -8.69 4.90 -27.51
C PHE A 86 -9.92 4.27 -28.10
N ARG A 87 -10.01 2.96 -28.04
CA ARG A 87 -11.18 2.31 -28.60
C ARG A 87 -12.04 1.68 -27.50
N TYR A 88 -11.40 0.84 -26.70
CA TYR A 88 -12.04 0.23 -25.54
C TYR A 88 -11.13 0.43 -24.33
N ILE A 89 -11.74 0.59 -23.15
CA ILE A 89 -11.05 0.45 -21.87
C ILE A 89 -11.45 -0.87 -21.20
N ALA A 90 -10.48 -1.77 -20.98
CA ALA A 90 -10.74 -3.10 -20.41
C ALA A 90 -10.57 -3.09 -18.89
N VAL A 91 -11.68 -2.87 -18.19
CA VAL A 91 -11.66 -2.75 -16.74
C VAL A 91 -11.67 -4.09 -16.04
N GLY A 92 -10.45 -4.54 -15.71
CA GLY A 92 -10.18 -5.84 -15.12
C GLY A 92 -9.91 -6.86 -16.18
N ASN A 93 -9.15 -7.89 -15.85
CA ASN A 93 -8.78 -8.94 -16.80
C ASN A 93 -8.87 -10.30 -16.13
N GLU A 94 -9.66 -11.19 -16.72
CA GLU A 94 -9.82 -12.55 -16.23
C GLU A 94 -10.24 -12.64 -14.74
N ILE A 95 -11.17 -11.76 -14.33
CA ILE A 95 -11.72 -11.73 -12.97
C ILE A 95 -12.81 -12.79 -12.82
N SER A 96 -12.70 -13.58 -11.77
CA SER A 96 -13.73 -14.54 -11.43
C SER A 96 -14.12 -14.52 -9.98
N PRO A 97 -15.42 -14.61 -9.70
CA PRO A 97 -15.84 -14.61 -8.29
C PRO A 97 -15.64 -15.96 -7.61
N VAL A 98 -15.12 -16.93 -8.36
CA VAL A 98 -14.92 -18.28 -7.85
C VAL A 98 -13.51 -18.80 -8.15
N ASN A 99 -12.69 -18.02 -8.86
CA ASN A 99 -11.30 -18.44 -9.05
C ASN A 99 -10.49 -17.84 -7.91
N ARG A 100 -9.62 -18.66 -7.32
CA ARG A 100 -8.82 -18.26 -6.13
C ARG A 100 -8.01 -16.97 -6.35
N GLY A 101 -7.45 -16.82 -7.54
CA GLY A 101 -6.62 -15.67 -7.83
C GLY A 101 -7.32 -14.32 -7.85
N THR A 102 -8.61 -14.29 -8.17
CA THR A 102 -9.23 -12.99 -8.37
C THR A 102 -10.56 -12.79 -7.64
N ALA A 103 -11.01 -13.78 -6.89
CA ALA A 103 -12.33 -13.74 -6.26
C ALA A 103 -12.65 -12.49 -5.42
N TRP A 104 -11.72 -12.08 -4.55
CA TRP A 104 -11.87 -10.88 -3.71
C TRP A 104 -11.94 -9.52 -4.42
N LEU A 105 -11.91 -9.54 -5.76
CA LEU A 105 -11.93 -8.34 -6.58
C LEU A 105 -13.23 -8.16 -7.37
N ALA A 106 -14.02 -9.22 -7.46
CA ALA A 106 -15.21 -9.25 -8.28
C ALA A 106 -16.16 -8.08 -7.96
N GLN A 107 -16.36 -7.84 -6.68
CA GLN A 107 -17.11 -6.70 -6.15
C GLN A 107 -16.70 -5.39 -6.80
N PHE A 108 -15.43 -5.27 -7.19
CA PHE A 108 -14.92 -3.99 -7.63
C PHE A 108 -15.22 -3.69 -9.12
N VAL A 109 -15.48 -4.74 -9.92
CA VAL A 109 -15.47 -4.55 -11.37
C VAL A 109 -16.54 -3.63 -11.90
N LEU A 110 -17.80 -3.99 -11.69
CA LEU A 110 -18.90 -3.14 -12.13
C LEU A 110 -18.85 -1.69 -11.60
N PRO A 111 -18.53 -1.51 -10.29
CA PRO A 111 -18.46 -0.11 -9.84
C PRO A 111 -17.35 0.70 -10.52
N ALA A 112 -16.19 0.08 -10.67
CA ALA A 112 -15.13 0.68 -11.43
C ALA A 112 -15.55 1.08 -12.83
N MET A 113 -16.20 0.14 -13.51
CA MET A 113 -16.74 0.38 -14.84
C MET A 113 -17.71 1.55 -14.88
N ARG A 114 -18.59 1.64 -13.88
CA ARG A 114 -19.51 2.76 -13.87
C ARG A 114 -18.77 4.04 -13.66
N ASN A 115 -17.89 4.09 -12.67
CA ASN A 115 -17.14 5.32 -12.41
C ASN A 115 -16.29 5.74 -13.59
N ILE A 116 -15.54 4.81 -14.17
CA ILE A 116 -14.76 5.18 -15.34
C ILE A 116 -15.64 5.65 -16.50
N HIS A 117 -16.68 4.89 -16.81
CA HIS A 117 -17.59 5.28 -17.87
C HIS A 117 -18.26 6.61 -17.59
N ASP A 118 -18.63 6.79 -16.32
CA ASP A 118 -19.29 8.00 -15.86
C ASP A 118 -18.29 9.12 -16.09
N ALA A 119 -17.05 8.86 -15.70
CA ALA A 119 -15.94 9.79 -15.87
C ALA A 119 -15.72 10.05 -17.36
N ILE A 120 -15.69 8.97 -18.12
CA ILE A 120 -15.61 9.03 -19.59
C ILE A 120 -16.67 9.88 -20.32
N ARG A 121 -17.94 9.75 -19.93
CA ARG A 121 -19.02 10.48 -20.59
C ARG A 121 -19.01 11.99 -20.30
N SER A 122 -18.67 12.35 -19.08
CA SER A 122 -18.47 13.74 -18.70
C SER A 122 -17.48 14.42 -19.65
N ALA A 123 -16.50 13.67 -20.15
CA ALA A 123 -15.53 14.22 -21.07
C ALA A 123 -16.05 14.14 -22.51
N GLY A 124 -17.21 13.49 -22.66
CA GLY A 124 -17.91 13.31 -23.94
C GLY A 124 -17.26 12.35 -24.92
N LEU A 125 -16.65 11.29 -24.41
CA LEU A 125 -15.96 10.35 -25.27
C LEU A 125 -16.58 8.95 -25.32
N GLN A 126 -17.84 8.85 -24.91
CA GLN A 126 -18.49 7.54 -24.69
C GLN A 126 -18.88 6.81 -25.95
N ASP A 127 -18.93 7.52 -27.09
CA ASP A 127 -19.27 6.87 -28.35
C ASP A 127 -18.05 6.40 -29.14
N GLN A 128 -16.87 6.83 -28.69
CA GLN A 128 -15.60 6.44 -29.28
C GLN A 128 -15.00 5.37 -28.38
N ILE A 129 -15.06 5.65 -27.08
CA ILE A 129 -14.42 4.86 -26.05
C ILE A 129 -15.45 4.08 -25.23
N LYS A 130 -15.46 2.77 -25.46
CA LYS A 130 -16.40 1.82 -24.86
C LYS A 130 -15.82 1.22 -23.57
N VAL A 131 -16.48 1.43 -22.45
CA VAL A 131 -16.00 0.84 -21.21
C VAL A 131 -16.45 -0.64 -21.16
N SER A 132 -15.54 -1.55 -20.84
CA SER A 132 -15.89 -2.98 -20.76
C SER A 132 -14.96 -3.73 -19.79
N THR A 133 -15.03 -5.06 -19.82
CA THR A 133 -14.11 -5.88 -19.04
C THR A 133 -13.71 -7.10 -19.87
N ALA A 134 -12.51 -7.65 -19.62
CA ALA A 134 -11.98 -8.80 -20.38
C ALA A 134 -12.06 -10.05 -19.52
N ILE A 135 -12.86 -11.03 -19.93
CA ILE A 135 -13.00 -12.27 -19.16
C ILE A 135 -12.12 -13.40 -19.72
N ASP A 136 -11.95 -14.44 -18.93
CA ASP A 136 -11.52 -15.68 -19.49
C ASP A 136 -12.73 -16.57 -19.50
N LEU A 137 -12.60 -17.74 -20.07
CA LEU A 137 -13.73 -18.63 -20.21
C LEU A 137 -13.83 -19.65 -19.10
N THR A 138 -13.12 -19.45 -18.00
CA THR A 138 -13.33 -20.29 -16.82
C THR A 138 -14.75 -20.12 -16.28
N LEU A 139 -15.34 -18.97 -16.59
CA LEU A 139 -16.70 -18.56 -16.24
C LEU A 139 -17.79 -19.35 -16.98
N VAL A 140 -17.44 -19.85 -18.15
CA VAL A 140 -18.34 -20.70 -18.91
C VAL A 140 -18.26 -22.10 -18.35
N GLY A 141 -19.39 -22.65 -17.89
CA GLY A 141 -19.40 -23.98 -17.29
C GLY A 141 -19.66 -25.08 -18.32
N ASN A 142 -20.38 -24.73 -19.38
CA ASN A 142 -20.71 -25.67 -20.42
C ASN A 142 -20.62 -25.10 -21.83
N SER A 143 -20.04 -25.85 -22.74
CA SER A 143 -19.83 -25.30 -24.06
C SER A 143 -19.96 -26.45 -25.02
N TYR A 144 -20.33 -27.62 -24.50
CA TYR A 144 -20.54 -28.76 -25.38
C TYR A 144 -21.91 -29.41 -25.15
N PRO A 145 -22.73 -29.43 -26.20
CA PRO A 145 -22.41 -28.81 -27.49
C PRO A 145 -22.65 -27.32 -27.44
N PRO A 146 -22.10 -26.55 -28.40
CA PRO A 146 -22.15 -25.08 -28.35
C PRO A 146 -23.52 -24.45 -28.12
N SER A 147 -24.57 -25.05 -28.64
CA SER A 147 -25.92 -24.53 -28.41
C SER A 147 -26.33 -24.54 -26.95
N ALA A 148 -25.68 -25.43 -26.20
CA ALA A 148 -25.92 -25.58 -24.77
C ALA A 148 -25.09 -24.65 -23.93
N GLY A 149 -24.33 -23.77 -24.58
CA GLY A 149 -23.48 -22.85 -23.86
C GLY A 149 -24.15 -22.07 -22.79
N ALA A 150 -23.57 -22.17 -21.59
CA ALA A 150 -24.08 -21.54 -20.39
C ALA A 150 -23.00 -21.21 -19.38
N PHE A 151 -23.15 -20.08 -18.69
CA PHE A 151 -22.27 -19.66 -17.62
C PHE A 151 -22.49 -20.56 -16.39
N ARG A 152 -21.42 -20.73 -15.62
CA ARG A 152 -21.44 -21.46 -14.36
C ARG A 152 -22.50 -20.82 -13.47
N ASP A 153 -23.29 -21.68 -12.84
CA ASP A 153 -24.33 -21.25 -11.91
C ASP A 153 -23.80 -20.28 -10.81
N ASP A 154 -22.63 -20.58 -10.23
CA ASP A 154 -22.02 -19.74 -9.18
C ASP A 154 -21.37 -18.40 -9.67
N VAL A 155 -21.49 -18.07 -10.96
CA VAL A 155 -20.97 -16.78 -11.46
C VAL A 155 -22.03 -15.87 -12.04
N ARG A 156 -23.27 -16.34 -12.06
CA ARG A 156 -24.36 -15.54 -12.59
C ARG A 156 -24.67 -14.22 -11.84
N SER A 157 -24.58 -14.21 -10.51
CA SER A 157 -24.86 -12.99 -9.75
C SER A 157 -23.85 -11.88 -10.10
N TYR A 158 -22.63 -12.30 -10.37
CA TYR A 158 -21.55 -11.42 -10.80
C TYR A 158 -21.74 -10.94 -12.26
N LEU A 159 -21.87 -11.85 -13.22
CA LEU A 159 -21.94 -11.48 -14.62
C LEU A 159 -23.21 -10.73 -15.03
N ASN A 160 -24.35 -11.11 -14.46
CA ASN A 160 -25.63 -10.58 -14.89
C ASN A 160 -25.70 -9.06 -14.96
N PRO A 161 -25.39 -8.36 -13.84
CA PRO A 161 -25.52 -6.90 -13.90
C PRO A 161 -24.45 -6.24 -14.77
N ILE A 162 -23.36 -6.96 -14.99
CA ILE A 162 -22.26 -6.47 -15.83
C ILE A 162 -22.72 -6.49 -17.29
N ILE A 163 -23.31 -7.60 -17.72
CA ILE A 163 -23.99 -7.69 -19.01
C ILE A 163 -24.99 -6.58 -19.21
N ARG A 164 -25.87 -6.41 -18.23
CA ARG A 164 -26.86 -5.34 -18.26
C ARG A 164 -26.22 -3.98 -18.45
N PHE A 165 -25.24 -3.64 -17.62
CA PHE A 165 -24.51 -2.41 -17.82
C PHE A 165 -24.01 -2.25 -19.28
N LEU A 166 -23.34 -3.28 -19.80
CA LEU A 166 -22.78 -3.28 -21.15
C LEU A 166 -23.83 -3.11 -22.25
N SER A 167 -24.98 -3.74 -22.06
CA SER A 167 -26.03 -3.64 -23.05
C SER A 167 -26.50 -2.20 -23.19
N SER A 168 -26.58 -1.52 -22.05
CA SER A 168 -27.13 -0.17 -21.94
C SER A 168 -26.26 0.96 -22.47
N ILE A 169 -24.94 0.75 -22.47
CA ILE A 169 -24.01 1.76 -22.97
C ILE A 169 -23.54 1.30 -24.34
N ARG A 170 -24.11 0.16 -24.78
CA ARG A 170 -23.83 -0.47 -26.07
C ARG A 170 -22.33 -0.72 -26.17
N SER A 171 -21.74 -1.30 -25.13
CA SER A 171 -20.33 -1.75 -25.18
C SER A 171 -20.31 -3.25 -25.47
N PRO A 172 -19.26 -3.73 -26.17
CA PRO A 172 -19.11 -5.19 -26.33
C PRO A 172 -18.56 -5.86 -25.09
N LEU A 173 -18.55 -7.20 -25.08
CA LEU A 173 -17.86 -7.93 -24.03
C LEU A 173 -16.50 -8.34 -24.58
N LEU A 174 -15.44 -8.17 -23.80
CA LEU A 174 -14.13 -8.64 -24.18
C LEU A 174 -13.82 -10.03 -23.63
N ALA A 175 -13.30 -10.92 -24.46
CA ALA A 175 -12.97 -12.28 -24.02
C ALA A 175 -11.57 -12.68 -24.47
N ASN A 176 -10.80 -13.18 -23.51
CA ASN A 176 -9.52 -13.83 -23.80
C ASN A 176 -9.78 -15.30 -24.12
N ILE A 177 -9.28 -15.78 -25.26
CA ILE A 177 -9.64 -17.11 -25.77
C ILE A 177 -8.46 -17.92 -26.35
N TYR A 178 -8.18 -19.08 -25.74
CA TYR A 178 -7.03 -19.86 -26.14
C TYR A 178 -7.42 -21.31 -26.42
N PRO A 179 -7.78 -21.58 -27.68
CA PRO A 179 -7.96 -22.92 -28.25
C PRO A 179 -6.76 -23.80 -27.96
N TYR A 180 -5.57 -23.20 -27.84
CA TYR A 180 -4.40 -23.97 -27.45
C TYR A 180 -4.57 -24.81 -26.17
N PHE A 181 -5.05 -24.21 -25.08
CA PHE A 181 -5.13 -24.89 -23.81
C PHE A 181 -6.23 -25.95 -23.83
N THR A 182 -7.29 -25.69 -24.57
CA THR A 182 -8.36 -26.66 -24.77
C THR A 182 -7.73 -27.91 -25.40
N TYR A 183 -7.00 -27.71 -26.49
CA TYR A 183 -6.29 -28.80 -27.17
C TYR A 183 -5.25 -29.47 -26.24
N ALA A 184 -4.40 -28.66 -25.61
CA ALA A 184 -3.31 -29.17 -24.77
C ALA A 184 -3.73 -30.07 -23.61
N GLY A 185 -4.89 -29.75 -23.04
CA GLY A 185 -5.47 -30.54 -21.98
C GLY A 185 -6.13 -31.83 -22.42
N ASN A 186 -6.64 -31.85 -23.65
CA ASN A 186 -7.36 -33.03 -24.13
C ASN A 186 -7.15 -33.40 -25.61
N PRO A 187 -5.92 -33.74 -25.99
CA PRO A 187 -5.63 -34.02 -27.41
C PRO A 187 -6.26 -35.33 -27.92
N ARG A 188 -6.63 -36.20 -26.99
CA ARG A 188 -7.38 -37.40 -27.33
C ARG A 188 -8.74 -37.02 -27.93
N ASP A 189 -9.44 -36.03 -27.37
CA ASP A 189 -10.79 -35.65 -27.84
C ASP A 189 -10.81 -34.49 -28.78
N ILE A 190 -9.75 -33.69 -28.71
CA ILE A 190 -9.59 -32.55 -29.59
C ILE A 190 -8.49 -32.91 -30.58
N SER A 191 -8.79 -32.85 -31.88
CA SER A 191 -7.81 -33.15 -32.92
C SER A 191 -7.07 -31.89 -33.21
N LEU A 192 -5.80 -32.00 -33.55
CA LEU A 192 -4.99 -30.84 -33.85
C LEU A 192 -5.58 -30.01 -35.01
N PRO A 193 -6.02 -30.66 -36.13
CA PRO A 193 -6.63 -29.83 -37.18
C PRO A 193 -7.81 -29.04 -36.65
N TYR A 194 -8.55 -29.67 -35.73
CA TYR A 194 -9.66 -28.96 -35.12
C TYR A 194 -9.16 -27.73 -34.39
N ALA A 195 -8.06 -27.88 -33.66
CA ALA A 195 -7.52 -26.75 -32.93
C ALA A 195 -6.83 -25.71 -33.79
N LEU A 196 -6.38 -26.14 -34.97
CA LEU A 196 -5.52 -25.31 -35.80
C LEU A 196 -6.17 -24.70 -37.04
N PHE A 197 -7.48 -24.87 -37.20
CA PHE A 197 -8.29 -24.46 -38.39
C PHE A 197 -7.95 -25.18 -39.71
N THR A 198 -7.49 -26.42 -39.68
CA THR A 198 -7.09 -27.04 -40.94
C THR A 198 -7.99 -28.20 -41.34
N SER A 199 -9.16 -28.27 -40.72
CA SER A 199 -10.07 -29.36 -41.00
C SER A 199 -10.95 -29.09 -42.22
N PRO A 200 -10.89 -29.99 -43.21
CA PRO A 200 -11.70 -29.85 -44.43
C PRO A 200 -13.20 -30.05 -44.16
N SER A 201 -13.53 -31.04 -43.31
CA SER A 201 -14.91 -31.35 -42.85
C SER A 201 -15.22 -30.81 -41.44
N VAL A 202 -16.49 -30.71 -41.08
CA VAL A 202 -16.85 -30.35 -39.70
C VAL A 202 -16.42 -31.40 -38.67
N VAL A 203 -16.04 -30.90 -37.50
CA VAL A 203 -15.47 -31.71 -36.44
C VAL A 203 -16.46 -31.90 -35.30
N VAL A 204 -17.31 -30.89 -35.12
CA VAL A 204 -18.35 -30.88 -34.09
C VAL A 204 -19.65 -30.51 -34.74
N TRP A 205 -20.60 -31.41 -34.52
CA TRP A 205 -21.97 -31.31 -34.93
C TRP A 205 -22.86 -30.84 -33.81
N ASP A 206 -23.60 -29.77 -34.08
CA ASP A 206 -24.47 -29.14 -33.10
C ASP A 206 -25.86 -29.02 -33.74
N GLY A 207 -26.66 -30.07 -33.57
CA GLY A 207 -27.87 -30.24 -34.33
C GLY A 207 -27.45 -30.14 -35.79
N GLN A 208 -27.95 -29.11 -36.49
CA GLN A 208 -27.68 -28.94 -37.91
C GLN A 208 -26.45 -28.09 -38.16
N ARG A 209 -25.79 -27.70 -37.07
CA ARG A 209 -24.63 -26.83 -37.15
C ARG A 209 -23.34 -27.61 -36.92
N GLY A 210 -22.47 -27.51 -37.92
CA GLY A 210 -21.16 -28.12 -37.93
C GLY A 210 -19.99 -27.20 -37.67
N TYR A 211 -19.19 -27.55 -36.66
CA TYR A 211 -18.04 -26.76 -36.28
C TYR A 211 -16.75 -27.40 -36.83
N LYS A 212 -16.04 -26.63 -37.65
CA LYS A 212 -14.81 -27.07 -38.33
C LYS A 212 -13.53 -26.77 -37.54
N ASN A 213 -13.58 -25.75 -36.68
CA ASN A 213 -12.41 -25.37 -35.87
C ASN A 213 -12.82 -25.07 -34.42
N LEU A 214 -11.86 -25.25 -33.51
CA LEU A 214 -12.08 -25.10 -32.06
C LEU A 214 -12.42 -23.68 -31.65
N PHE A 215 -11.89 -22.74 -32.42
CA PHE A 215 -12.06 -21.35 -32.15
C PHE A 215 -13.53 -20.95 -32.39
N ASP A 216 -14.12 -21.36 -33.52
CA ASP A 216 -15.53 -21.01 -33.85
C ASP A 216 -16.55 -21.55 -32.84
N ALA A 217 -16.38 -22.81 -32.48
CA ALA A 217 -17.20 -23.50 -31.47
C ALA A 217 -17.24 -22.80 -30.11
N THR A 218 -16.10 -22.35 -29.67
CA THR A 218 -15.99 -21.79 -28.34
C THR A 218 -16.63 -20.40 -28.21
N LEU A 219 -16.40 -19.57 -29.21
CA LEU A 219 -16.97 -18.24 -29.25
C LEU A 219 -18.48 -18.38 -29.30
N ASP A 220 -18.96 -19.25 -30.17
CA ASP A 220 -20.38 -19.41 -30.29
C ASP A 220 -20.91 -20.00 -29.00
N ALA A 221 -20.11 -20.83 -28.34
CA ALA A 221 -20.47 -21.31 -27.02
C ALA A 221 -20.61 -20.12 -26.09
N LEU A 222 -19.72 -19.13 -26.23
CA LEU A 222 -19.77 -17.89 -25.43
C LEU A 222 -21.06 -17.14 -25.81
N TYR A 223 -21.31 -17.04 -27.13
CA TYR A 223 -22.50 -16.35 -27.65
C TYR A 223 -23.78 -16.95 -27.08
N SER A 224 -23.83 -18.28 -27.00
CA SER A 224 -25.03 -18.91 -26.45
C SER A 224 -25.17 -18.53 -24.97
N ALA A 225 -24.05 -18.44 -24.25
CA ALA A 225 -24.15 -18.08 -22.84
C ALA A 225 -24.58 -16.62 -22.67
N LEU A 226 -24.06 -15.72 -23.52
CA LEU A 226 -24.50 -14.33 -23.48
C LEU A 226 -25.99 -14.21 -23.82
N GLU A 227 -26.43 -14.93 -24.84
CA GLU A 227 -27.85 -14.92 -25.20
C GLU A 227 -28.76 -15.37 -24.04
N ARG A 228 -28.38 -16.42 -23.29
CA ARG A 228 -29.11 -16.83 -22.08
C ARG A 228 -29.03 -15.87 -20.89
N ALA A 229 -28.12 -14.93 -20.97
CA ALA A 229 -27.92 -14.00 -19.86
C ALA A 229 -28.23 -12.55 -20.27
N SER A 230 -29.17 -12.41 -21.20
CA SER A 230 -29.67 -11.10 -21.65
C SER A 230 -28.62 -10.21 -22.33
N GLY A 231 -27.71 -10.85 -23.04
CA GLY A 231 -26.72 -10.17 -23.86
C GLY A 231 -26.75 -10.58 -25.32
N GLY A 232 -27.92 -10.92 -25.82
CA GLY A 232 -28.03 -11.35 -27.19
C GLY A 232 -27.62 -10.26 -28.17
N SER A 233 -27.53 -9.02 -27.68
CA SER A 233 -27.06 -7.96 -28.53
C SER A 233 -25.61 -7.53 -28.32
N LEU A 234 -24.90 -8.21 -27.43
CA LEU A 234 -23.51 -7.84 -27.21
C LEU A 234 -22.62 -8.38 -28.31
N GLU A 235 -21.74 -7.52 -28.80
CA GLU A 235 -20.61 -7.91 -29.64
C GLU A 235 -19.48 -8.51 -28.79
N VAL A 236 -18.72 -9.49 -29.31
CA VAL A 236 -17.51 -9.88 -28.61
C VAL A 236 -16.24 -9.44 -29.34
N VAL A 237 -15.39 -8.67 -28.68
CA VAL A 237 -14.04 -8.44 -29.17
C VAL A 237 -13.15 -9.51 -28.51
N VAL A 238 -12.46 -10.32 -29.30
CA VAL A 238 -11.51 -11.32 -28.78
C VAL A 238 -10.17 -10.69 -28.39
N SER A 239 -9.98 -10.47 -27.09
CA SER A 239 -8.85 -9.64 -26.62
C SER A 239 -7.50 -10.37 -26.35
N GLU A 240 -7.51 -11.70 -26.40
CA GLU A 240 -6.27 -12.49 -26.48
C GLU A 240 -6.50 -13.76 -27.25
N SER A 241 -5.51 -14.14 -28.04
CA SER A 241 -5.45 -15.48 -28.59
C SER A 241 -4.04 -15.72 -29.10
N GLY A 242 -3.50 -16.89 -28.82
CA GLY A 242 -2.13 -17.15 -29.21
C GLY A 242 -1.77 -18.61 -29.07
N TRP A 243 -0.59 -18.98 -29.57
CA TRP A 243 -0.13 -20.34 -29.44
C TRP A 243 1.38 -20.32 -29.10
N PRO A 244 1.80 -21.03 -28.02
CA PRO A 244 3.21 -20.99 -27.54
C PRO A 244 4.16 -21.85 -28.38
N SER A 245 5.39 -21.39 -28.63
CA SER A 245 6.35 -22.16 -29.44
C SER A 245 7.10 -23.23 -28.67
N ALA A 246 7.09 -23.17 -27.35
CA ALA A 246 7.77 -24.18 -26.56
C ALA A 246 7.26 -24.18 -25.12
N GLY A 247 7.68 -25.19 -24.36
CA GLY A 247 7.55 -25.20 -22.91
C GLY A 247 6.59 -26.23 -22.34
N ALA A 248 5.90 -26.95 -23.23
CA ALA A 248 4.87 -27.90 -22.83
C ALA A 248 4.31 -28.65 -24.03
N PHE A 249 3.49 -29.66 -23.74
CA PHE A 249 2.86 -30.48 -24.76
C PHE A 249 2.25 -29.64 -25.90
N ALA A 250 2.62 -29.96 -27.14
CA ALA A 250 2.05 -29.30 -28.32
C ALA A 250 2.49 -27.85 -28.51
N ALA A 251 3.43 -27.41 -27.68
CA ALA A 251 4.04 -26.11 -27.87
C ALA A 251 5.20 -26.21 -28.87
N THR A 252 4.90 -25.92 -30.14
CA THR A 252 5.86 -26.03 -31.22
C THR A 252 5.73 -24.88 -32.22
N PHE A 253 6.83 -24.58 -32.89
CA PHE A 253 6.86 -23.58 -33.94
C PHE A 253 5.82 -23.74 -35.05
N ASP A 254 5.66 -24.97 -35.54
CA ASP A 254 4.77 -25.27 -36.64
C ASP A 254 3.34 -25.08 -36.24
N ASN A 255 2.98 -25.61 -35.07
CA ASN A 255 1.65 -25.37 -34.50
C ASN A 255 1.34 -23.89 -34.34
N GLY A 256 2.28 -23.17 -33.73
CA GLY A 256 2.20 -21.75 -33.60
C GLY A 256 1.94 -21.04 -34.92
N ARG A 257 2.76 -21.37 -35.92
CA ARG A 257 2.69 -20.70 -37.23
C ARG A 257 1.32 -20.99 -37.89
N THR A 258 0.90 -22.26 -37.83
CA THR A 258 -0.39 -22.71 -38.37
C THR A 258 -1.54 -22.00 -37.69
N TYR A 259 -1.59 -22.15 -36.37
CA TYR A 259 -2.65 -21.57 -35.57
C TYR A 259 -2.88 -20.09 -35.82
N LEU A 260 -1.80 -19.34 -35.69
CA LEU A 260 -1.81 -17.89 -35.78
C LEU A 260 -2.10 -17.42 -37.22
N SER A 261 -1.58 -18.13 -38.22
CA SER A 261 -1.82 -17.74 -39.60
C SER A 261 -3.27 -17.99 -40.02
N ASN A 262 -3.82 -19.17 -39.72
CA ASN A 262 -5.23 -19.39 -40.01
C ASN A 262 -6.12 -18.45 -39.26
N LEU A 263 -5.75 -18.15 -38.03
CA LEU A 263 -6.53 -17.25 -37.20
C LEU A 263 -6.63 -15.86 -37.80
N ILE A 264 -5.49 -15.30 -38.20
CA ILE A 264 -5.42 -13.97 -38.79
C ILE A 264 -6.35 -13.89 -39.99
N GLN A 265 -6.35 -14.99 -40.73
CA GLN A 265 -7.15 -15.18 -41.93
C GLN A 265 -8.63 -15.45 -41.63
N HIS A 266 -8.86 -16.32 -40.65
CA HIS A 266 -10.20 -16.69 -40.20
C HIS A 266 -11.07 -15.48 -39.82
N VAL A 267 -10.49 -14.57 -39.03
CA VAL A 267 -11.24 -13.47 -38.41
C VAL A 267 -11.58 -12.35 -39.42
N LYS A 268 -11.27 -12.58 -40.69
CA LYS A 268 -11.69 -11.66 -41.75
C LYS A 268 -13.22 -11.84 -41.91
N ARG A 269 -13.71 -13.00 -41.43
CA ARG A 269 -15.13 -13.44 -41.32
C ARG A 269 -15.50 -13.87 -39.91
N GLY A 270 -16.71 -14.41 -39.77
CA GLY A 270 -17.32 -14.74 -38.50
C GLY A 270 -17.43 -16.24 -38.16
N THR A 271 -18.42 -16.56 -37.33
CA THR A 271 -18.61 -17.91 -36.81
C THR A 271 -19.88 -18.49 -37.44
N PRO A 272 -20.09 -19.81 -37.30
CA PRO A 272 -21.35 -20.39 -37.79
C PRO A 272 -22.63 -19.78 -37.24
N LYS A 273 -22.58 -19.11 -36.10
CA LYS A 273 -23.78 -18.49 -35.52
C LYS A 273 -24.01 -17.00 -35.86
N ARG A 274 -22.93 -16.24 -36.12
CA ARG A 274 -23.00 -14.78 -36.43
C ARG A 274 -22.03 -14.45 -37.54
N PRO A 275 -22.51 -14.67 -38.77
CA PRO A 275 -21.72 -14.70 -40.01
C PRO A 275 -21.35 -13.31 -40.53
N LYS A 276 -22.17 -12.30 -40.26
CA LYS A 276 -21.91 -11.03 -40.90
C LYS A 276 -20.66 -10.43 -40.25
N ARG A 277 -20.68 -10.16 -38.96
CA ARG A 277 -19.60 -9.33 -38.47
C ARG A 277 -18.25 -10.08 -38.28
N ALA A 278 -17.17 -9.40 -38.70
CA ALA A 278 -15.76 -9.73 -38.53
C ALA A 278 -15.44 -9.85 -37.05
N ILE A 279 -14.52 -10.71 -36.64
CA ILE A 279 -14.23 -10.72 -35.19
C ILE A 279 -13.00 -9.85 -34.87
N GLU A 280 -13.24 -8.74 -34.21
CA GLU A 280 -12.12 -7.92 -33.77
C GLU A 280 -11.29 -8.77 -32.80
N THR A 281 -10.01 -8.95 -33.12
CA THR A 281 -9.20 -9.95 -32.41
C THR A 281 -7.82 -9.42 -32.06
N TYR A 282 -7.40 -9.65 -30.82
CA TYR A 282 -6.05 -9.29 -30.38
C TYR A 282 -5.16 -10.49 -30.10
N LEU A 283 -4.13 -10.61 -30.94
CA LEU A 283 -3.15 -11.68 -30.80
C LEU A 283 -2.30 -11.53 -29.56
N PHE A 284 -2.11 -12.63 -28.82
CA PHE A 284 -1.25 -12.63 -27.65
C PHE A 284 0.01 -13.46 -27.91
N ALA A 285 1.19 -12.87 -27.92
CA ALA A 285 1.45 -11.46 -27.67
C ALA A 285 2.69 -11.10 -28.48
N MET A 286 3.05 -9.83 -28.48
CA MET A 286 4.10 -9.34 -29.35
C MET A 286 5.47 -9.95 -29.10
N PHE A 287 5.89 -10.00 -27.85
CA PHE A 287 7.21 -10.52 -27.55
C PHE A 287 7.15 -11.70 -26.58
N ASP A 288 8.11 -12.61 -26.69
CA ASP A 288 8.28 -13.53 -25.57
C ASP A 288 8.47 -12.68 -24.30
N GLU A 289 8.10 -13.25 -23.16
CA GLU A 289 8.18 -12.52 -21.89
C GLU A 289 8.82 -13.40 -20.87
N ASN A 290 10.15 -13.34 -20.85
CA ASN A 290 10.96 -14.27 -20.07
C ASN A 290 10.73 -14.19 -18.55
N LYS A 291 9.94 -13.23 -18.08
CA LYS A 291 9.73 -13.14 -16.63
C LYS A 291 8.48 -13.87 -16.17
N LYS A 292 7.64 -14.34 -17.10
CA LYS A 292 6.40 -14.99 -16.71
C LYS A 292 6.60 -16.43 -16.30
N GLN A 293 5.71 -17.00 -15.49
CA GLN A 293 5.80 -18.40 -15.09
C GLN A 293 4.47 -19.10 -15.32
N PRO A 294 4.48 -20.38 -15.71
CA PRO A 294 5.62 -21.29 -15.95
C PRO A 294 6.24 -21.13 -17.35
N GLU A 295 6.99 -22.15 -17.77
CA GLU A 295 7.78 -22.01 -18.97
C GLU A 295 7.00 -21.62 -20.18
N VAL A 296 5.82 -22.16 -20.33
CA VAL A 296 5.13 -21.95 -21.58
C VAL A 296 4.68 -20.49 -21.76
N GLU A 297 4.47 -19.78 -20.65
CA GLU A 297 4.02 -18.39 -20.74
C GLU A 297 5.13 -17.41 -21.14
N LYS A 298 6.34 -17.94 -21.40
CA LYS A 298 7.47 -17.11 -21.87
C LYS A 298 7.66 -17.28 -23.37
N HIS A 299 6.73 -17.94 -24.03
CA HIS A 299 6.96 -18.24 -25.43
C HIS A 299 5.77 -17.90 -26.28
N PHE A 300 4.96 -16.96 -25.84
CA PHE A 300 3.80 -16.61 -26.65
C PHE A 300 4.12 -15.54 -27.63
N GLY A 301 5.36 -15.08 -27.60
CA GLY A 301 5.82 -14.02 -28.48
C GLY A 301 5.60 -14.32 -29.94
N LEU A 302 5.31 -13.27 -30.69
CA LEU A 302 5.14 -13.39 -32.10
C LEU A 302 6.45 -13.01 -32.75
N PHE A 303 7.20 -12.20 -32.00
CA PHE A 303 8.50 -11.62 -32.31
C PHE A 303 9.55 -12.02 -31.27
N PHE A 304 10.82 -12.16 -31.69
CA PHE A 304 11.89 -12.27 -30.70
C PHE A 304 12.17 -10.91 -30.08
N PRO A 305 12.93 -10.89 -28.98
CA PRO A 305 13.18 -9.55 -28.43
C PRO A 305 14.14 -8.73 -29.28
N ASN A 306 14.92 -9.40 -30.11
CA ASN A 306 15.75 -8.70 -31.08
C ASN A 306 14.93 -8.22 -32.30
N LYS A 307 13.62 -8.41 -32.22
CA LYS A 307 12.62 -7.95 -33.19
C LYS A 307 12.55 -8.75 -34.52
N TRP A 308 13.17 -9.92 -34.60
CA TRP A 308 12.95 -10.74 -35.79
C TRP A 308 11.70 -11.57 -35.53
N GLN A 309 10.82 -11.71 -36.52
CA GLN A 309 9.58 -12.47 -36.35
C GLN A 309 9.83 -13.95 -36.13
N LYS A 310 9.08 -14.52 -35.20
CA LYS A 310 9.10 -15.95 -35.03
C LYS A 310 8.49 -16.78 -36.18
N TYR A 311 7.36 -16.30 -36.72
CA TYR A 311 6.49 -17.16 -37.51
C TYR A 311 6.27 -16.70 -38.95
N ASN A 312 6.76 -15.51 -39.29
CA ASN A 312 6.69 -14.98 -40.67
C ASN A 312 5.22 -14.82 -41.12
N LEU A 313 4.50 -13.91 -40.47
CA LEU A 313 3.06 -13.68 -40.65
C LEU A 313 2.77 -12.45 -41.51
N ASN A 314 1.71 -12.47 -42.33
CA ASN A 314 1.22 -11.21 -42.91
C ASN A 314 0.17 -10.58 -41.97
N PHE A 315 0.37 -9.38 -41.45
CA PHE A 315 -0.71 -8.88 -40.61
C PHE A 315 -1.69 -8.05 -41.46
N SER A 316 -1.24 -7.74 -42.67
CA SER A 316 -2.07 -7.10 -43.68
C SER A 316 -2.89 -8.16 -44.43
N PCA B 1 -2.08 38.69 -11.20
CA PCA B 1 -2.12 37.30 -11.69
CB PCA B 1 -1.27 37.17 -12.95
CG PCA B 1 -0.35 38.38 -13.01
CD PCA B 1 -0.99 39.31 -12.01
OE PCA B 1 -0.62 40.51 -11.91
C PCA B 1 -1.59 36.26 -10.68
O PCA B 1 -0.69 36.54 -9.88
N VAL B 2 -2.15 35.05 -10.69
CA VAL B 2 -1.70 34.02 -9.77
C VAL B 2 -0.35 33.48 -10.26
N GLY B 3 0.48 33.00 -9.34
CA GLY B 3 1.74 32.37 -9.68
C GLY B 3 1.68 30.89 -9.40
N VAL B 4 2.71 30.13 -9.78
CA VAL B 4 2.74 28.70 -9.50
C VAL B 4 4.15 28.27 -9.02
N CYS B 5 4.23 27.49 -7.94
CA CYS B 5 5.53 26.97 -7.48
C CYS B 5 5.99 25.83 -8.35
N TYR B 6 7.23 25.91 -8.82
CA TYR B 6 7.86 24.90 -9.67
C TYR B 6 8.83 24.02 -8.89
N GLY B 7 8.31 22.93 -8.35
CA GLY B 7 9.13 21.92 -7.72
C GLY B 7 9.52 20.89 -8.75
N MET B 8 10.78 20.43 -8.70
CA MET B 8 11.27 19.53 -9.72
C MET B 8 11.58 18.08 -9.29
N GLN B 9 11.15 17.66 -8.11
CA GLN B 9 11.56 16.33 -7.64
C GLN B 9 10.73 15.17 -8.17
N GLY B 10 10.66 15.03 -9.49
CA GLY B 10 10.02 13.87 -10.07
C GLY B 10 10.93 13.29 -11.15
N ASN B 11 10.73 12.00 -11.44
CA ASN B 11 11.58 11.32 -12.41
C ASN B 11 11.01 11.33 -13.81
N ASN B 12 9.86 11.97 -13.94
CA ASN B 12 9.09 11.92 -15.16
C ASN B 12 8.62 13.29 -15.58
N LEU B 13 9.35 14.32 -15.15
CA LEU B 13 8.93 15.70 -15.40
C LEU B 13 9.44 16.19 -16.76
N PRO B 14 8.71 17.13 -17.40
CA PRO B 14 9.21 17.67 -18.68
C PRO B 14 10.54 18.34 -18.54
N PRO B 15 11.28 18.41 -19.67
CA PRO B 15 12.54 19.17 -19.66
C PRO B 15 12.29 20.61 -19.23
N VAL B 16 13.27 21.23 -18.56
CA VAL B 16 13.15 22.63 -18.13
C VAL B 16 12.57 23.52 -19.22
N SER B 17 13.15 23.36 -20.41
CA SER B 17 12.82 24.19 -21.56
C SER B 17 11.34 24.06 -21.92
N GLU B 18 10.81 22.84 -21.80
CA GLU B 18 9.39 22.56 -22.06
C GLU B 18 8.42 23.11 -21.00
N VAL B 19 8.86 23.09 -19.75
CA VAL B 19 8.07 23.58 -18.63
C VAL B 19 7.74 25.08 -18.65
N ILE B 20 8.73 25.91 -19.01
CA ILE B 20 8.53 27.37 -19.17
C ILE B 20 7.47 27.70 -20.24
N ALA B 21 7.62 27.12 -21.43
CA ALA B 21 6.59 27.23 -22.46
C ALA B 21 5.21 26.90 -21.88
N LEU B 22 5.13 25.80 -21.14
CA LEU B 22 3.87 25.39 -20.53
C LEU B 22 3.35 26.39 -19.49
N TYR B 23 4.25 27.12 -18.85
CA TYR B 23 3.80 28.15 -17.93
C TYR B 23 3.21 29.25 -18.80
N LYS B 24 3.99 29.65 -19.81
CA LYS B 24 3.63 30.67 -20.79
C LYS B 24 2.38 30.31 -21.56
N LYS B 25 2.33 29.07 -22.06
CA LYS B 25 1.17 28.58 -22.81
C LYS B 25 -0.11 28.78 -21.99
N SER B 26 -0.03 28.43 -20.70
CA SER B 26 -1.15 28.48 -19.75
C SER B 26 -1.42 29.86 -19.13
N ASN B 27 -0.62 30.85 -19.51
CA ASN B 27 -0.68 32.21 -18.99
C ASN B 27 -0.38 32.27 -17.48
N ILE B 28 0.52 31.40 -17.02
CA ILE B 28 1.00 31.55 -15.67
C ILE B 28 2.17 32.50 -15.81
N THR B 29 2.01 33.73 -15.30
CA THR B 29 3.03 34.76 -15.50
C THR B 29 3.94 34.93 -14.29
N ARG B 30 3.76 34.04 -13.31
CA ARG B 30 4.58 34.06 -12.11
C ARG B 30 5.00 32.66 -11.63
N MET B 31 6.29 32.55 -11.31
CA MET B 31 6.90 31.31 -10.88
C MET B 31 7.69 31.46 -9.58
N ARG B 32 7.64 30.41 -8.77
CA ARG B 32 8.48 30.28 -7.59
C ARG B 32 9.33 29.06 -7.82
N ILE B 33 10.65 29.22 -7.74
CA ILE B 33 11.52 28.05 -7.71
C ILE B 33 12.16 27.96 -6.32
N TYR B 34 12.64 26.78 -5.97
CA TYR B 34 13.14 26.49 -4.60
C TYR B 34 14.65 26.43 -4.49
N ASP B 35 15.31 26.54 -5.64
CA ASP B 35 16.76 26.66 -5.65
C ASP B 35 17.08 27.53 -6.87
N PRO B 36 18.31 28.08 -6.94
CA PRO B 36 18.64 28.90 -8.11
C PRO B 36 19.14 27.94 -9.22
N ASN B 37 18.20 27.15 -9.74
CA ASN B 37 18.49 26.22 -10.82
C ASN B 37 18.95 26.94 -12.09
N GLN B 38 20.16 26.64 -12.55
CA GLN B 38 20.73 27.37 -13.70
C GLN B 38 19.89 27.18 -14.97
N ALA B 39 19.49 25.94 -15.24
CA ALA B 39 18.71 25.60 -16.43
C ALA B 39 17.41 26.40 -16.48
N VAL B 40 16.71 26.44 -15.35
CA VAL B 40 15.48 27.20 -15.23
C VAL B 40 15.71 28.69 -15.44
N LEU B 41 16.79 29.18 -14.84
CA LEU B 41 17.13 30.58 -14.94
C LEU B 41 17.38 30.99 -16.39
N GLU B 42 18.14 30.17 -17.12
CA GLU B 42 18.39 30.39 -18.54
C GLU B 42 17.17 30.28 -19.42
N ALA B 43 16.20 29.47 -19.01
CA ALA B 43 15.04 29.25 -19.85
C ALA B 43 14.05 30.44 -19.68
N LEU B 44 14.25 31.23 -18.62
CA LEU B 44 13.31 32.32 -18.35
C LEU B 44 13.70 33.64 -19.01
N ARG B 45 14.76 33.61 -19.79
CA ARG B 45 15.28 34.82 -20.37
C ARG B 45 14.27 35.27 -21.42
N GLY B 46 13.70 36.47 -21.28
CA GLY B 46 12.66 36.93 -22.19
C GLY B 46 11.28 36.29 -22.02
N SER B 47 11.13 35.51 -20.95
CA SER B 47 9.88 34.81 -20.69
C SER B 47 8.77 35.74 -20.21
N ASN B 48 9.16 36.91 -19.69
CA ASN B 48 8.26 37.86 -19.02
C ASN B 48 7.58 37.32 -17.76
N ILE B 49 8.06 36.19 -17.27
CA ILE B 49 7.55 35.58 -16.04
C ILE B 49 8.19 36.18 -14.76
N GLU B 50 7.40 36.80 -13.91
CA GLU B 50 7.95 37.37 -12.67
C GLU B 50 8.44 36.18 -11.80
N LEU B 51 9.64 36.28 -11.22
CA LEU B 51 10.23 35.11 -10.53
C LEU B 51 10.46 35.32 -9.04
N ILE B 52 10.03 34.33 -8.24
CA ILE B 52 10.52 34.25 -6.86
C ILE B 52 11.73 33.32 -6.89
N LEU B 53 12.91 33.89 -6.64
CA LEU B 53 14.11 33.08 -6.61
C LEU B 53 14.43 32.65 -5.18
N GLY B 54 14.51 31.35 -4.97
CA GLY B 54 14.71 30.83 -3.64
C GLY B 54 16.16 30.55 -3.29
N VAL B 55 16.52 30.91 -2.07
CA VAL B 55 17.76 30.44 -1.49
C VAL B 55 17.53 29.15 -0.71
N PRO B 56 18.25 28.09 -1.07
CA PRO B 56 18.00 26.83 -0.36
C PRO B 56 18.55 26.96 1.06
N ASN B 57 17.89 26.33 2.03
CA ASN B 57 18.31 26.45 3.43
C ASN B 57 19.79 26.11 3.65
N SER B 58 20.30 25.16 2.88
CA SER B 58 21.68 24.73 3.01
C SER B 58 22.69 25.84 2.67
N ASP B 59 22.25 26.86 1.95
CA ASP B 59 23.16 27.94 1.58
C ASP B 59 23.05 29.13 2.48
N LEU B 60 22.08 29.08 3.39
CA LEU B 60 21.88 30.19 4.31
C LEU B 60 23.15 30.56 5.08
N GLN B 61 23.89 29.56 5.57
CA GLN B 61 25.11 29.82 6.37
C GLN B 61 26.23 30.50 5.60
N SER B 62 26.60 29.86 4.49
CA SER B 62 27.60 30.38 3.58
C SER B 62 27.36 31.85 3.26
N LEU B 63 26.09 32.21 3.13
CA LEU B 63 25.73 33.53 2.65
C LEU B 63 25.72 34.55 3.80
N THR B 64 25.97 34.04 5.01
CA THR B 64 26.15 34.87 6.21
C THR B 64 27.53 35.51 6.27
N ASN B 65 28.39 35.06 5.37
CA ASN B 65 29.66 35.71 5.10
C ASN B 65 29.33 36.70 3.99
N PRO B 66 29.59 38.00 4.23
CA PRO B 66 29.24 39.10 3.34
C PRO B 66 29.78 38.92 1.95
N SER B 67 31.04 38.52 1.85
CA SER B 67 31.72 38.32 0.57
C SER B 67 31.07 37.17 -0.23
N ASN B 68 30.62 36.13 0.47
CA ASN B 68 29.89 35.00 -0.16
C ASN B 68 28.55 35.38 -0.78
N ALA B 69 27.83 36.26 -0.10
CA ALA B 69 26.52 36.71 -0.59
C ALA B 69 26.66 37.52 -1.89
N LYS B 70 27.70 38.35 -2.00
CA LYS B 70 27.93 39.18 -3.17
C LYS B 70 28.03 38.31 -4.41
N SER B 71 28.85 37.28 -4.29
CA SER B 71 29.09 36.32 -5.34
C SER B 71 27.89 35.47 -5.78
N TRP B 72 26.98 35.23 -4.84
CA TRP B 72 25.74 34.50 -5.10
C TRP B 72 24.81 35.31 -5.98
N VAL B 73 24.61 36.56 -5.58
CA VAL B 73 23.84 37.55 -6.34
C VAL B 73 24.37 37.80 -7.75
N GLN B 74 25.68 37.83 -7.91
CA GLN B 74 26.23 38.03 -9.25
C GLN B 74 25.83 36.88 -10.17
N LYS B 75 26.10 35.68 -9.67
CA LYS B 75 25.91 34.45 -10.41
C LYS B 75 24.44 34.17 -10.64
N ASN B 76 23.62 34.39 -9.62
CA ASN B 76 22.25 33.94 -9.67
C ASN B 76 21.23 35.03 -10.00
N VAL B 77 21.64 36.29 -9.87
CA VAL B 77 20.73 37.39 -10.16
C VAL B 77 21.19 38.28 -11.34
N ARG B 78 22.34 38.94 -11.17
CA ARG B 78 22.87 39.89 -12.15
C ARG B 78 23.21 39.25 -13.49
N GLY B 79 23.52 37.96 -13.47
CA GLY B 79 23.89 37.27 -14.69
C GLY B 79 22.68 37.11 -15.58
N PHE B 80 21.52 37.49 -15.06
CA PHE B 80 20.25 37.25 -15.72
C PHE B 80 19.30 38.46 -15.64
N TRP B 81 19.67 39.48 -14.87
CA TRP B 81 18.75 40.61 -14.59
C TRP B 81 18.22 41.43 -15.77
N SER B 82 19.01 41.55 -16.84
CA SER B 82 18.50 42.12 -18.09
C SER B 82 17.18 41.50 -18.57
N SER B 83 17.07 40.17 -18.43
CA SER B 83 16.05 39.38 -19.12
C SER B 83 15.23 38.43 -18.26
N VAL B 84 15.53 38.36 -16.96
CA VAL B 84 14.78 37.44 -16.10
C VAL B 84 14.17 38.34 -15.02
N ARG B 85 12.85 38.25 -14.88
CA ARG B 85 12.11 39.11 -13.96
C ARG B 85 12.06 38.61 -12.52
N PHE B 86 13.20 38.73 -11.85
CA PHE B 86 13.34 38.53 -10.42
C PHE B 86 12.34 39.48 -9.71
N ARG B 87 11.50 38.98 -8.83
CA ARG B 87 10.52 39.83 -8.10
C ARG B 87 10.79 39.92 -6.60
N TYR B 88 10.90 38.74 -5.98
CA TYR B 88 11.25 38.55 -4.57
C TYR B 88 12.38 37.56 -4.50
N ILE B 89 13.29 37.70 -3.54
CA ILE B 89 14.21 36.59 -3.21
C ILE B 89 13.79 35.94 -1.88
N ALA B 90 13.47 34.66 -1.90
CA ALA B 90 13.02 33.97 -0.70
C ALA B 90 14.22 33.34 -0.02
N VAL B 91 14.82 34.09 0.91
CA VAL B 91 16.02 33.66 1.60
C VAL B 91 15.63 32.73 2.75
N GLY B 92 15.63 31.43 2.50
CA GLY B 92 15.18 30.44 3.46
C GLY B 92 13.68 30.14 3.32
N ASN B 93 13.29 28.92 3.70
CA ASN B 93 11.91 28.44 3.59
C ASN B 93 11.56 27.65 4.87
N GLU B 94 10.48 28.07 5.52
CA GLU B 94 9.94 27.44 6.72
C GLU B 94 10.92 27.28 7.89
N ILE B 95 11.75 28.29 8.10
CA ILE B 95 12.68 28.23 9.21
C ILE B 95 12.00 28.69 10.50
N SER B 96 12.17 27.89 11.55
CA SER B 96 11.71 28.25 12.89
C SER B 96 12.82 27.98 13.88
N PRO B 97 12.98 28.86 14.87
CA PRO B 97 14.01 28.75 15.89
C PRO B 97 13.67 27.74 16.98
N VAL B 98 12.53 27.05 16.85
CA VAL B 98 12.11 26.10 17.85
C VAL B 98 11.73 24.76 17.22
N ASN B 99 11.77 24.67 15.89
CA ASN B 99 11.51 23.38 15.25
C ASN B 99 12.76 22.56 15.10
N ARG B 100 12.63 21.28 15.44
CA ARG B 100 13.74 20.33 15.45
C ARG B 100 14.45 20.30 14.11
N GLY B 101 13.64 20.35 13.06
CA GLY B 101 14.17 20.30 11.70
C GLY B 101 15.01 21.49 11.30
N THR B 102 14.73 22.65 11.88
CA THR B 102 15.37 23.90 11.46
C THR B 102 15.97 24.83 12.53
N ALA B 103 15.88 24.46 13.81
CA ALA B 103 16.32 25.36 14.88
C ALA B 103 17.75 25.90 14.72
N TRP B 104 18.67 24.99 14.43
CA TRP B 104 20.09 25.33 14.21
C TRP B 104 20.42 26.17 12.99
N LEU B 105 19.42 26.61 12.26
CA LEU B 105 19.64 27.44 11.08
C LEU B 105 19.12 28.87 11.24
N ALA B 106 18.26 29.04 12.23
CA ALA B 106 17.56 30.29 12.50
C ALA B 106 18.52 31.46 12.66
N GLN B 107 19.61 31.21 13.38
CA GLN B 107 20.70 32.18 13.53
C GLN B 107 21.15 32.85 12.21
N PHE B 108 21.10 32.10 11.13
CA PHE B 108 21.68 32.51 9.84
C PHE B 108 20.80 33.42 8.98
N VAL B 109 19.49 33.41 9.22
CA VAL B 109 18.59 33.99 8.23
C VAL B 109 18.76 35.48 8.01
N LEU B 110 18.56 36.27 9.06
CA LEU B 110 18.73 37.73 8.93
C LEU B 110 20.12 38.17 8.41
N PRO B 111 21.23 37.54 8.87
CA PRO B 111 22.49 38.04 8.28
C PRO B 111 22.61 37.83 6.76
N ALA B 112 22.24 36.65 6.27
CA ALA B 112 22.16 36.39 4.83
C ALA B 112 21.26 37.43 4.15
N MET B 113 20.07 37.63 4.71
CA MET B 113 19.13 38.64 4.25
C MET B 113 19.71 40.05 4.26
N ARG B 114 20.46 40.38 5.30
CA ARG B 114 21.08 41.68 5.42
C ARG B 114 22.13 41.83 4.30
N ASN B 115 22.97 40.82 4.12
CA ASN B 115 24.00 40.83 3.06
C ASN B 115 23.49 40.89 1.61
N ILE B 116 22.50 40.06 1.30
CA ILE B 116 21.87 40.00 -0.02
C ILE B 116 21.19 41.28 -0.50
N HIS B 117 20.37 41.88 0.36
CA HIS B 117 19.69 43.13 0.00
C HIS B 117 20.72 44.20 -0.33
N ASP B 118 21.82 44.19 0.43
CA ASP B 118 22.90 45.12 0.26
C ASP B 118 23.58 44.98 -1.11
N ALA B 119 23.86 43.73 -1.50
CA ALA B 119 24.46 43.43 -2.80
C ALA B 119 23.52 43.90 -3.94
N ILE B 120 22.24 43.55 -3.80
CA ILE B 120 21.17 43.99 -4.70
C ILE B 120 21.15 45.52 -4.85
N ARG B 121 21.31 46.20 -3.72
CA ARG B 121 21.29 47.66 -3.59
C ARG B 121 22.52 48.29 -4.27
N SER B 122 23.69 47.66 -4.08
CA SER B 122 24.90 48.01 -4.83
C SER B 122 24.75 47.92 -6.36
N ALA B 123 23.95 46.94 -6.80
CA ALA B 123 23.69 46.68 -8.21
C ALA B 123 22.52 47.52 -8.72
N GLY B 124 21.88 48.24 -7.80
CA GLY B 124 20.76 49.10 -8.14
C GLY B 124 19.48 48.36 -8.50
N LEU B 125 19.23 47.23 -7.84
CA LEU B 125 18.09 46.42 -8.19
C LEU B 125 17.07 46.42 -7.07
N GLN B 126 17.19 47.40 -6.19
CA GLN B 126 16.42 47.40 -4.96
C GLN B 126 14.99 47.77 -5.31
N ASP B 127 14.85 48.36 -6.49
CA ASP B 127 13.54 48.75 -6.97
C ASP B 127 12.93 47.62 -7.82
N GLN B 128 13.73 46.61 -8.17
CA GLN B 128 13.21 45.45 -8.93
C GLN B 128 12.95 44.21 -8.07
N ILE B 129 13.97 43.90 -7.27
CA ILE B 129 14.09 42.70 -6.45
C ILE B 129 13.96 42.88 -4.94
N LYS B 130 12.86 42.43 -4.36
CA LYS B 130 12.58 42.63 -2.95
C LYS B 130 13.16 41.42 -2.22
N VAL B 131 14.12 41.64 -1.34
CA VAL B 131 14.71 40.53 -0.62
C VAL B 131 13.79 40.09 0.54
N SER B 132 13.53 38.78 0.69
CA SER B 132 12.64 38.34 1.77
C SER B 132 12.86 36.91 2.30
N THR B 133 11.90 36.44 3.10
CA THR B 133 11.97 35.05 3.56
C THR B 133 10.59 34.36 3.62
N ALA B 134 10.58 33.05 3.44
CA ALA B 134 9.33 32.29 3.41
C ALA B 134 9.11 31.50 4.68
N ILE B 135 8.05 31.84 5.41
CA ILE B 135 7.73 31.15 6.65
C ILE B 135 6.64 30.08 6.54
N ASP B 136 6.54 29.25 7.56
CA ASP B 136 5.31 28.50 7.78
C ASP B 136 4.57 29.09 8.99
N LEU B 137 3.37 28.59 9.24
CA LEU B 137 2.57 29.17 10.28
C LEU B 137 2.74 28.40 11.60
N THR B 138 3.77 27.58 11.71
CA THR B 138 4.10 27.02 13.00
C THR B 138 4.47 28.15 13.94
N LEU B 139 4.93 29.27 13.36
CA LEU B 139 5.32 30.46 14.12
C LEU B 139 4.22 31.27 14.80
N VAL B 140 3.01 31.19 14.27
CA VAL B 140 1.83 31.81 14.86
C VAL B 140 1.30 30.89 15.96
N GLY B 141 1.25 31.39 17.18
CA GLY B 141 0.87 30.61 18.35
C GLY B 141 -0.62 30.56 18.70
N ASN B 142 -1.33 31.61 18.32
CA ASN B 142 -2.76 31.73 18.56
C ASN B 142 -3.45 32.33 17.33
N SER B 143 -4.60 31.79 16.97
CA SER B 143 -5.21 32.23 15.72
C SER B 143 -6.76 32.25 15.83
N TYR B 144 -7.31 32.07 17.04
CA TYR B 144 -8.75 32.20 17.15
C TYR B 144 -9.17 33.19 18.23
N PRO B 145 -9.84 34.29 17.82
CA PRO B 145 -10.21 34.71 16.46
C PRO B 145 -9.06 35.41 15.74
N PRO B 146 -9.10 35.55 14.40
CA PRO B 146 -7.94 36.06 13.65
C PRO B 146 -7.37 37.36 14.21
N SER B 147 -8.22 38.22 14.74
CA SER B 147 -7.77 39.49 15.34
C SER B 147 -6.85 39.27 16.57
N ALA B 148 -6.98 38.10 17.21
CA ALA B 148 -6.18 37.72 18.36
C ALA B 148 -4.83 37.10 17.96
N GLY B 149 -4.56 37.09 16.64
CA GLY B 149 -3.34 36.53 16.07
C GLY B 149 -2.07 37.06 16.69
N ALA B 150 -1.22 36.15 17.14
CA ALA B 150 0.00 36.51 17.84
C ALA B 150 1.04 35.42 17.56
N PHE B 151 2.29 35.84 17.39
CA PHE B 151 3.38 34.89 17.17
C PHE B 151 3.65 34.15 18.47
N ARG B 152 4.13 32.92 18.36
CA ARG B 152 4.53 32.24 19.55
C ARG B 152 5.56 33.15 20.22
N ASP B 153 5.42 33.37 21.51
CA ASP B 153 6.39 34.18 22.21
C ASP B 153 7.85 33.67 22.00
N ASP B 154 8.05 32.34 22.03
CA ASP B 154 9.41 31.76 21.89
C ASP B 154 10.02 31.86 20.48
N VAL B 155 9.34 32.54 19.56
CA VAL B 155 9.94 32.80 18.26
C VAL B 155 10.12 34.27 17.93
N ARG B 156 9.71 35.12 18.87
CA ARG B 156 9.80 36.56 18.74
C ARG B 156 11.22 37.17 18.56
N SER B 157 12.21 36.62 19.27
CA SER B 157 13.60 37.11 19.16
C SER B 157 14.17 36.93 17.77
N TYR B 158 13.74 35.84 17.18
CA TYR B 158 14.11 35.49 15.82
C TYR B 158 13.34 36.45 14.91
N LEU B 159 12.02 36.46 15.03
CA LEU B 159 11.17 37.24 14.13
C LEU B 159 11.30 38.79 14.17
N ASN B 160 11.44 39.33 15.38
CA ASN B 160 11.44 40.79 15.58
C ASN B 160 12.43 41.57 14.70
N PRO B 161 13.73 41.22 14.74
CA PRO B 161 14.63 42.04 13.94
C PRO B 161 14.46 41.81 12.46
N ILE B 162 13.90 40.66 12.11
CA ILE B 162 13.65 40.30 10.73
C ILE B 162 12.48 41.12 10.20
N ILE B 163 11.41 41.16 11.00
CA ILE B 163 10.30 42.08 10.76
C ILE B 163 10.79 43.51 10.56
N ARG B 164 11.56 43.96 11.53
CA ARG B 164 12.14 45.29 11.47
C ARG B 164 12.92 45.49 10.18
N PHE B 165 13.85 44.57 9.91
CA PHE B 165 14.59 44.53 8.65
C PHE B 165 13.70 44.63 7.42
N LEU B 166 12.65 43.81 7.36
CA LEU B 166 11.74 43.82 6.22
C LEU B 166 11.05 45.18 6.07
N SER B 167 10.70 45.77 7.20
CA SER B 167 10.08 47.08 7.21
C SER B 167 10.98 48.17 6.67
N SER B 168 12.26 48.06 7.04
CA SER B 168 13.23 49.10 6.72
C SER B 168 13.65 49.08 5.25
N ILE B 169 13.55 47.89 4.62
CA ILE B 169 13.92 47.76 3.22
C ILE B 169 12.68 47.67 2.34
N ARG B 170 11.52 47.78 2.98
CA ARG B 170 10.22 47.69 2.32
C ARG B 170 10.07 46.36 1.57
N SER B 171 10.42 45.25 2.22
CA SER B 171 10.16 43.91 1.67
C SER B 171 8.92 43.28 2.31
N PRO B 172 8.20 42.43 1.54
CA PRO B 172 7.12 41.68 2.19
C PRO B 172 7.63 40.49 2.98
N LEU B 173 6.71 39.87 3.70
CA LEU B 173 7.02 38.59 4.32
C LEU B 173 6.45 37.50 3.39
N LEU B 174 7.22 36.45 3.16
CA LEU B 174 6.70 35.35 2.39
C LEU B 174 6.17 34.32 3.40
N ALA B 175 4.96 33.80 3.17
CA ALA B 175 4.35 32.83 4.06
C ALA B 175 3.78 31.64 3.27
N ASN B 176 4.14 30.41 3.69
CA ASN B 176 3.49 29.19 3.19
C ASN B 176 2.23 28.84 3.96
N ILE B 177 1.14 28.66 3.23
CA ILE B 177 -0.20 28.56 3.80
C ILE B 177 -1.07 27.46 3.18
N TYR B 178 -1.47 26.47 3.99
CA TYR B 178 -2.19 25.32 3.48
C TYR B 178 -3.46 25.06 4.30
N PRO B 179 -4.61 25.66 3.88
CA PRO B 179 -5.89 25.27 4.48
C PRO B 179 -6.14 23.76 4.50
N TYR B 180 -5.62 23.01 3.52
CA TYR B 180 -5.77 21.55 3.56
C TYR B 180 -5.34 20.86 4.87
N PHE B 181 -4.13 21.20 5.32
CA PHE B 181 -3.59 20.52 6.46
C PHE B 181 -4.36 20.97 7.68
N THR B 182 -4.79 22.24 7.69
CA THR B 182 -5.62 22.73 8.79
C THR B 182 -6.88 21.89 8.85
N TYR B 183 -7.58 21.78 7.72
CA TYR B 183 -8.79 20.96 7.68
C TYR B 183 -8.55 19.51 8.02
N ALA B 184 -7.55 18.92 7.36
CA ALA B 184 -7.25 17.48 7.51
C ALA B 184 -6.95 17.10 8.96
N GLY B 185 -6.35 18.01 9.74
CA GLY B 185 -6.10 17.67 11.13
C GLY B 185 -7.28 17.71 12.09
N ASN B 186 -8.26 18.55 11.83
CA ASN B 186 -9.39 18.67 12.75
C ASN B 186 -10.72 18.88 12.02
N PRO B 187 -11.13 17.92 11.19
CA PRO B 187 -12.34 18.04 10.36
C PRO B 187 -13.64 17.97 11.12
N ARG B 188 -13.52 17.43 12.32
CA ARG B 188 -14.59 17.37 13.29
C ARG B 188 -15.03 18.80 13.68
N ASP B 189 -14.07 19.71 13.89
CA ASP B 189 -14.34 21.11 14.28
C ASP B 189 -14.26 22.13 13.10
N ILE B 190 -13.57 21.78 12.03
CA ILE B 190 -13.48 22.62 10.82
C ILE B 190 -14.26 21.96 9.71
N SER B 191 -15.23 22.66 9.12
CA SER B 191 -16.00 22.01 8.08
C SER B 191 -15.30 22.12 6.78
N LEU B 192 -15.52 21.10 5.98
CA LEU B 192 -14.91 21.05 4.68
C LEU B 192 -15.33 22.27 3.83
N PRO B 193 -16.64 22.64 3.78
CA PRO B 193 -17.01 23.83 2.99
C PRO B 193 -16.25 25.06 3.44
N TYR B 194 -16.03 25.13 4.76
CA TYR B 194 -15.31 26.24 5.35
C TYR B 194 -13.92 26.33 4.74
N ALA B 195 -13.28 25.18 4.58
CA ALA B 195 -11.94 25.14 4.02
C ALA B 195 -11.89 25.37 2.51
N LEU B 196 -13.01 25.16 1.84
CA LEU B 196 -13.05 25.14 0.37
C LEU B 196 -13.64 26.36 -0.37
N PHE B 197 -13.97 27.42 0.38
CA PHE B 197 -14.65 28.61 -0.13
C PHE B 197 -16.08 28.33 -0.65
N THR B 198 -16.73 27.33 -0.09
CA THR B 198 -18.06 26.93 -0.54
C THR B 198 -19.13 27.16 0.52
N SER B 199 -18.79 27.93 1.54
CA SER B 199 -19.70 28.19 2.65
C SER B 199 -20.59 29.38 2.30
N PRO B 200 -21.91 29.15 2.29
CA PRO B 200 -22.96 30.12 1.97
C PRO B 200 -23.17 31.25 3.00
N SER B 201 -23.14 30.92 4.30
CA SER B 201 -23.26 31.87 5.41
C SER B 201 -21.90 32.21 5.99
N VAL B 202 -21.81 33.32 6.74
CA VAL B 202 -20.57 33.63 7.48
C VAL B 202 -20.34 32.52 8.56
N VAL B 203 -19.08 32.14 8.80
CA VAL B 203 -18.76 31.02 9.74
C VAL B 203 -18.13 31.60 11.00
N VAL B 204 -17.42 32.72 10.84
CA VAL B 204 -16.80 33.42 11.94
C VAL B 204 -17.06 34.94 11.95
N TRP B 205 -17.60 35.48 13.04
CA TRP B 205 -17.71 36.93 13.21
C TRP B 205 -16.58 37.42 14.09
N ASP B 206 -15.84 38.39 13.55
CA ASP B 206 -14.65 38.97 14.17
C ASP B 206 -14.81 40.49 14.18
N GLY B 207 -15.45 41.08 15.19
CA GLY B 207 -15.82 42.47 15.08
C GLY B 207 -16.57 42.78 13.81
N GLN B 208 -15.99 43.61 12.95
CA GLN B 208 -16.67 44.06 11.74
C GLN B 208 -16.35 43.06 10.67
N ARG B 209 -15.60 42.03 11.06
CA ARG B 209 -15.19 41.03 10.10
C ARG B 209 -15.97 39.72 10.21
N GLY B 210 -16.62 39.33 9.11
CA GLY B 210 -17.37 38.08 9.04
C GLY B 210 -16.49 37.14 8.23
N TYR B 211 -16.15 35.98 8.77
CA TYR B 211 -15.28 35.05 8.02
C TYR B 211 -16.00 33.90 7.37
N LYS B 212 -15.87 33.86 6.05
CA LYS B 212 -16.49 32.83 5.20
C LYS B 212 -15.57 31.64 4.92
N ASN B 213 -14.28 31.86 4.94
CA ASN B 213 -13.36 30.77 4.67
C ASN B 213 -12.13 30.65 5.60
N LEU B 214 -11.62 29.43 5.69
CA LEU B 214 -10.54 29.10 6.59
C LEU B 214 -9.33 29.89 6.18
N PHE B 215 -9.25 30.17 4.88
CA PHE B 215 -8.11 30.87 4.29
C PHE B 215 -8.03 32.32 4.76
N ASP B 216 -9.15 33.02 4.72
CA ASP B 216 -9.21 34.42 5.11
C ASP B 216 -8.84 34.62 6.57
N ALA B 217 -9.41 33.74 7.40
CA ALA B 217 -9.20 33.65 8.85
C ALA B 217 -7.72 33.51 9.23
N THR B 218 -7.00 32.64 8.51
CA THR B 218 -5.61 32.29 8.80
C THR B 218 -4.65 33.42 8.43
N LEU B 219 -4.87 34.01 7.27
CA LEU B 219 -4.04 35.12 6.84
C LEU B 219 -4.25 36.27 7.81
N ASP B 220 -5.49 36.56 8.12
CA ASP B 220 -5.79 37.67 9.01
C ASP B 220 -5.28 37.35 10.40
N ALA B 221 -5.27 36.08 10.78
CA ALA B 221 -4.61 35.71 12.02
C ALA B 221 -3.15 36.07 11.93
N LEU B 222 -2.52 35.84 10.78
CA LEU B 222 -1.10 36.22 10.62
C LEU B 222 -0.89 37.75 10.67
N TYR B 223 -1.72 38.51 9.94
CA TYR B 223 -1.62 39.97 9.92
C TYR B 223 -1.72 40.60 11.30
N SER B 224 -2.64 40.09 12.11
CA SER B 224 -2.81 40.65 13.44
C SER B 224 -1.53 40.42 14.26
N ALA B 225 -0.87 39.28 14.07
CA ALA B 225 0.37 39.00 14.80
C ALA B 225 1.56 39.88 14.34
N LEU B 226 1.66 40.11 13.04
CA LEU B 226 2.67 41.01 12.51
C LEU B 226 2.45 42.43 13.03
N GLU B 227 1.19 42.83 13.04
CA GLU B 227 0.77 44.14 13.51
C GLU B 227 1.18 44.33 14.95
N ARG B 228 1.00 43.27 15.77
CA ARG B 228 1.49 43.33 17.15
C ARG B 228 3.00 43.39 17.31
N ALA B 229 3.73 43.07 16.23
CA ALA B 229 5.18 43.04 16.26
C ALA B 229 5.79 44.08 15.30
N SER B 230 5.07 45.19 15.09
CA SER B 230 5.54 46.32 14.29
C SER B 230 5.82 46.03 12.82
N GLY B 231 5.04 45.14 12.23
CA GLY B 231 5.15 44.92 10.80
C GLY B 231 3.78 45.13 10.20
N GLY B 232 3.04 46.04 10.81
CA GLY B 232 1.70 46.32 10.37
C GLY B 232 1.55 46.88 8.96
N SER B 233 2.64 47.35 8.39
CA SER B 233 2.58 47.81 7.02
C SER B 233 3.16 46.87 5.95
N LEU B 234 3.59 45.67 6.34
CA LEU B 234 4.13 44.73 5.38
C LEU B 234 3.00 44.07 4.58
N GLU B 235 3.13 43.98 3.25
CA GLU B 235 2.24 43.14 2.44
C GLU B 235 2.72 41.70 2.68
N VAL B 236 1.83 40.71 2.67
CA VAL B 236 2.29 39.31 2.66
C VAL B 236 1.99 38.68 1.31
N VAL B 237 3.03 38.16 0.67
CA VAL B 237 2.87 37.29 -0.49
C VAL B 237 2.79 35.83 -0.04
N VAL B 238 1.70 35.17 -0.43
CA VAL B 238 1.46 33.76 -0.15
C VAL B 238 2.26 32.88 -1.08
N SER B 239 3.38 32.34 -0.57
CA SER B 239 4.40 31.69 -1.38
C SER B 239 4.26 30.19 -1.66
N GLU B 240 3.30 29.55 -1.02
CA GLU B 240 2.83 28.22 -1.37
C GLU B 240 1.40 28.16 -0.97
N SER B 241 0.62 27.49 -1.78
CA SER B 241 -0.70 27.08 -1.36
C SER B 241 -1.17 26.04 -2.34
N GLY B 242 -1.73 24.94 -1.83
CA GLY B 242 -2.15 23.84 -2.68
C GLY B 242 -3.03 22.82 -1.97
N TRP B 243 -3.64 21.91 -2.73
CA TRP B 243 -4.47 20.89 -2.12
C TRP B 243 -4.23 19.52 -2.83
N PRO B 244 -3.92 18.43 -2.08
CA PRO B 244 -3.59 17.15 -2.74
C PRO B 244 -4.79 16.33 -3.26
N SER B 245 -4.61 15.71 -4.44
CA SER B 245 -5.66 14.93 -5.09
C SER B 245 -5.75 13.51 -4.50
N ALA B 246 -4.71 13.07 -3.77
CA ALA B 246 -4.72 11.73 -3.16
C ALA B 246 -3.69 11.63 -2.03
N GLY B 247 -3.70 10.53 -1.27
CA GLY B 247 -2.57 10.22 -0.42
C GLY B 247 -2.75 10.29 1.09
N ALA B 248 -3.94 10.72 1.52
CA ALA B 248 -4.28 10.92 2.92
C ALA B 248 -5.73 11.35 3.06
N PHE B 249 -6.19 11.36 4.30
CA PHE B 249 -7.55 11.79 4.56
C PHE B 249 -7.91 13.12 3.89
N ALA B 250 -9.04 13.11 3.16
CA ALA B 250 -9.59 14.29 2.52
C ALA B 250 -8.73 14.81 1.36
N ALA B 251 -7.70 14.03 1.03
CA ALA B 251 -6.88 14.23 -0.16
C ALA B 251 -7.57 13.53 -1.31
N THR B 252 -8.35 14.30 -2.08
CA THR B 252 -9.15 13.77 -3.16
C THR B 252 -9.04 14.71 -4.35
N PHE B 253 -9.25 14.17 -5.55
CA PHE B 253 -9.27 14.93 -6.80
C PHE B 253 -10.20 16.14 -6.79
N ASP B 254 -11.42 15.89 -6.32
CA ASP B 254 -12.52 16.85 -6.28
C ASP B 254 -12.24 18.02 -5.35
N ASN B 255 -11.79 17.74 -4.12
CA ASN B 255 -11.38 18.81 -3.21
C ASN B 255 -10.32 19.72 -3.85
N GLY B 256 -9.32 19.10 -4.46
CA GLY B 256 -8.32 19.88 -5.17
C GLY B 256 -8.84 20.91 -6.17
N ARG B 257 -9.75 20.51 -7.07
CA ARG B 257 -10.24 21.43 -8.12
C ARG B 257 -11.02 22.62 -7.56
N THR B 258 -11.93 22.35 -6.62
CA THR B 258 -12.72 23.39 -5.97
C THR B 258 -11.76 24.34 -5.24
N TYR B 259 -10.98 23.83 -4.30
CA TYR B 259 -10.07 24.68 -3.54
C TYR B 259 -9.22 25.57 -4.45
N LEU B 260 -8.54 24.95 -5.39
CA LEU B 260 -7.61 25.70 -6.23
C LEU B 260 -8.35 26.67 -7.15
N SER B 261 -9.52 26.27 -7.66
CA SER B 261 -10.28 27.18 -8.53
C SER B 261 -10.85 28.36 -7.72
N ASN B 262 -11.46 28.05 -6.57
CA ASN B 262 -11.96 29.08 -5.66
C ASN B 262 -10.85 30.00 -5.11
N LEU B 263 -9.68 29.42 -4.83
CA LEU B 263 -8.53 30.17 -4.30
C LEU B 263 -8.15 31.22 -5.34
N ILE B 264 -8.04 30.78 -6.59
CA ILE B 264 -7.69 31.68 -7.69
C ILE B 264 -8.67 32.87 -7.77
N GLN B 265 -9.95 32.61 -7.49
CA GLN B 265 -10.99 33.64 -7.52
C GLN B 265 -10.95 34.57 -6.32
N HIS B 266 -10.80 33.96 -5.16
CA HIS B 266 -10.71 34.67 -3.92
C HIS B 266 -9.60 35.75 -3.97
N VAL B 267 -8.41 35.35 -4.45
CA VAL B 267 -7.23 36.22 -4.36
C VAL B 267 -7.25 37.34 -5.39
N LYS B 268 -8.37 37.48 -6.11
CA LYS B 268 -8.55 38.63 -6.98
C LYS B 268 -8.79 39.89 -6.10
N ARG B 269 -9.23 39.67 -4.86
CA ARG B 269 -9.39 40.71 -3.85
C ARG B 269 -8.62 40.26 -2.59
N GLY B 270 -8.76 41.00 -1.49
CA GLY B 270 -7.96 40.75 -0.30
C GLY B 270 -8.81 40.14 0.79
N THR B 271 -8.45 40.34 2.06
CA THR B 271 -9.10 39.68 3.22
C THR B 271 -9.93 40.71 3.98
N PRO B 272 -10.75 40.27 4.95
CA PRO B 272 -11.45 41.33 5.71
C PRO B 272 -10.58 42.43 6.40
N LYS B 273 -9.30 42.19 6.62
CA LYS B 273 -8.44 43.19 7.28
C LYS B 273 -7.78 44.07 6.22
N ARG B 274 -7.60 43.48 5.03
CA ARG B 274 -7.03 44.19 3.90
C ARG B 274 -7.85 43.73 2.73
N PRO B 275 -9.05 44.32 2.60
CA PRO B 275 -10.07 43.78 1.70
C PRO B 275 -9.93 44.09 0.22
N LYS B 276 -9.36 45.25 -0.10
CA LYS B 276 -9.34 45.75 -1.48
C LYS B 276 -8.34 44.97 -2.34
N ARG B 277 -7.08 45.01 -1.94
CA ARG B 277 -5.98 44.61 -2.80
C ARG B 277 -5.84 43.08 -2.96
N ALA B 278 -5.54 42.63 -4.17
CA ALA B 278 -5.27 41.22 -4.45
C ALA B 278 -4.14 40.67 -3.60
N ILE B 279 -4.25 39.38 -3.24
CA ILE B 279 -3.24 38.70 -2.45
C ILE B 279 -2.37 37.97 -3.46
N GLU B 280 -1.15 38.40 -3.59
CA GLU B 280 -0.23 37.72 -4.46
C GLU B 280 -0.06 36.30 -3.98
N THR B 281 -0.34 35.34 -4.86
CA THR B 281 -0.44 33.95 -4.44
C THR B 281 0.29 33.08 -5.44
N TYR B 282 1.15 32.18 -4.93
CA TYR B 282 1.86 31.17 -5.73
C TYR B 282 1.32 29.80 -5.36
N LEU B 283 0.63 29.18 -6.33
CA LEU B 283 0.03 27.85 -6.19
C LEU B 283 1.09 26.76 -6.09
N PHE B 284 0.92 25.83 -5.15
CA PHE B 284 1.81 24.70 -5.00
C PHE B 284 1.16 23.38 -5.37
N ALA B 285 1.64 22.72 -6.43
CA ALA B 285 2.80 23.15 -7.23
C ALA B 285 2.56 22.67 -8.65
N MET B 286 3.46 23.02 -9.57
CA MET B 286 3.16 22.76 -10.97
C MET B 286 2.99 21.27 -11.27
N PHE B 287 3.92 20.44 -10.80
CA PHE B 287 3.86 18.99 -11.09
C PHE B 287 3.82 18.19 -9.79
N ASP B 288 3.13 17.06 -9.83
CA ASP B 288 3.27 16.05 -8.79
C ASP B 288 4.76 15.74 -8.66
N GLU B 289 5.22 15.33 -7.49
CA GLU B 289 6.64 15.08 -7.30
C GLU B 289 6.78 13.74 -6.65
N ASN B 290 6.80 12.75 -7.51
CA ASN B 290 6.70 11.35 -7.09
C ASN B 290 7.81 10.83 -6.20
N LYS B 291 8.86 11.63 -5.97
CA LYS B 291 9.93 11.15 -5.11
C LYS B 291 9.72 11.60 -3.66
N LYS B 292 8.71 12.46 -3.40
CA LYS B 292 8.59 12.93 -2.02
C LYS B 292 7.91 11.90 -1.15
N GLN B 293 8.19 11.97 0.14
CA GLN B 293 7.61 11.08 1.15
C GLN B 293 7.06 11.93 2.31
N PRO B 294 5.93 11.54 2.90
CA PRO B 294 5.08 10.37 2.61
C PRO B 294 4.08 10.57 1.46
N GLU B 295 3.08 9.71 1.38
CA GLU B 295 2.20 9.64 0.22
C GLU B 295 1.51 10.93 -0.20
N VAL B 296 1.08 11.74 0.75
CA VAL B 296 0.26 12.89 0.38
C VAL B 296 1.09 13.96 -0.34
N GLU B 297 2.40 13.99 -0.09
CA GLU B 297 3.32 14.96 -0.68
C GLU B 297 3.70 14.71 -2.14
N LYS B 298 3.11 13.67 -2.74
CA LYS B 298 3.33 13.39 -4.16
C LYS B 298 2.18 13.84 -5.04
N HIS B 299 1.23 14.57 -4.47
CA HIS B 299 0.03 14.90 -5.24
C HIS B 299 -0.40 16.38 -5.21
N PHE B 300 0.55 17.28 -4.98
CA PHE B 300 0.25 18.71 -4.92
C PHE B 300 0.34 19.36 -6.28
N GLY B 301 0.66 18.53 -7.26
CA GLY B 301 0.78 18.93 -8.65
C GLY B 301 -0.48 19.60 -9.13
N LEU B 302 -0.32 20.56 -10.02
CA LEU B 302 -1.48 21.18 -10.62
C LEU B 302 -1.64 20.41 -11.93
N PHE B 303 -0.50 19.88 -12.37
CA PHE B 303 -0.32 19.11 -13.59
C PHE B 303 0.22 17.71 -13.35
N PHE B 304 -0.23 16.80 -14.20
CA PHE B 304 0.38 15.49 -14.27
C PHE B 304 1.71 15.61 -15.01
N PRO B 305 2.51 14.55 -14.98
CA PRO B 305 3.79 14.64 -15.68
C PRO B 305 3.59 14.60 -17.20
N ASN B 306 2.44 14.11 -17.68
CA ASN B 306 2.11 14.17 -19.11
C ASN B 306 1.69 15.58 -19.60
N LYS B 307 1.78 16.58 -18.71
CA LYS B 307 1.54 18.01 -19.01
C LYS B 307 0.07 18.40 -19.18
N TRP B 308 -0.83 17.50 -18.81
CA TRP B 308 -2.27 17.78 -18.75
C TRP B 308 -2.77 18.34 -17.38
N GLN B 309 -3.66 19.35 -17.37
CA GLN B 309 -4.14 19.90 -16.09
C GLN B 309 -5.01 18.88 -15.38
N LYS B 310 -4.84 18.75 -14.06
CA LYS B 310 -5.73 17.90 -13.27
C LYS B 310 -7.13 18.47 -13.30
N TYR B 311 -7.24 19.78 -13.21
CA TYR B 311 -8.50 20.37 -12.82
C TYR B 311 -9.09 21.28 -13.87
N ASN B 312 -8.34 21.55 -14.93
CA ASN B 312 -8.82 22.36 -16.06
C ASN B 312 -9.12 23.77 -15.59
N LEU B 313 -8.10 24.51 -15.20
CA LEU B 313 -8.35 25.83 -14.62
C LEU B 313 -8.11 26.87 -15.69
N ASN B 314 -8.92 27.92 -15.70
CA ASN B 314 -8.59 29.07 -16.53
C ASN B 314 -7.74 30.05 -15.74
N PHE B 315 -6.53 30.32 -16.23
CA PHE B 315 -5.67 31.28 -15.57
C PHE B 315 -5.73 32.72 -16.09
N SER B 316 -5.58 33.64 -15.13
CA SER B 316 -5.47 35.07 -15.35
C SER B 316 -4.00 35.40 -15.69
N PCA C 1 15.42 4.53 37.77
CA PCA C 1 16.30 3.96 36.75
CB PCA C 1 16.25 2.43 36.78
CG PCA C 1 15.00 2.08 37.56
CD PCA C 1 14.64 3.39 38.23
OE PCA C 1 13.77 3.47 39.10
C PCA C 1 16.00 4.54 35.38
O PCA C 1 14.88 4.54 34.88
N VAL C 2 17.06 5.07 34.78
CA VAL C 2 16.94 5.68 33.47
C VAL C 2 16.84 4.59 32.43
N GLY C 3 16.18 4.92 31.33
CA GLY C 3 16.11 4.04 30.19
C GLY C 3 16.91 4.65 29.05
N VAL C 4 17.10 3.89 27.97
CA VAL C 4 17.79 4.39 26.79
C VAL C 4 17.04 3.92 25.55
N CYS C 5 16.82 4.83 24.60
CA CYS C 5 16.16 4.47 23.33
C CYS C 5 17.04 3.70 22.36
N TYR C 6 16.49 2.62 21.84
CA TYR C 6 17.18 1.80 20.88
C TYR C 6 16.61 2.12 19.49
N GLY C 7 17.25 3.10 18.84
CA GLY C 7 16.97 3.45 17.45
C GLY C 7 17.87 2.61 16.59
N MET C 8 17.34 2.14 15.48
CA MET C 8 18.08 1.21 14.64
C MET C 8 18.49 1.77 13.29
N GLN C 9 18.37 3.08 13.10
CA GLN C 9 18.63 3.66 11.78
C GLN C 9 20.09 3.98 11.43
N GLY C 10 20.95 2.96 11.54
CA GLY C 10 22.34 3.02 11.10
C GLY C 10 22.65 1.75 10.30
N ASN C 11 23.66 1.81 9.43
CA ASN C 11 24.06 0.67 8.58
C ASN C 11 25.21 -0.16 9.18
N ASN C 12 25.67 0.23 10.36
CA ASN C 12 26.88 -0.32 10.95
C ASN C 12 26.71 -0.70 12.43
N LEU C 13 25.48 -0.99 12.82
CA LEU C 13 25.16 -1.23 14.22
C LEU C 13 25.38 -2.71 14.57
N PRO C 14 25.69 -2.99 15.86
CA PRO C 14 25.84 -4.40 16.28
C PRO C 14 24.57 -5.22 16.09
N PRO C 15 24.73 -6.54 15.94
CA PRO C 15 23.55 -7.40 15.85
C PRO C 15 22.69 -7.19 17.07
N VAL C 16 21.40 -7.33 16.81
CA VAL C 16 20.37 -7.22 17.79
C VAL C 16 20.67 -7.94 19.12
N SER C 17 21.09 -9.21 19.04
CA SER C 17 21.31 -10.05 20.25
C SER C 17 22.37 -9.52 21.24
N GLU C 18 23.46 -9.00 20.68
CA GLU C 18 24.58 -8.42 21.42
C GLU C 18 24.18 -7.06 22.04
N VAL C 19 23.32 -6.34 21.32
CA VAL C 19 22.80 -5.04 21.76
C VAL C 19 22.01 -5.24 23.05
N ILE C 20 21.23 -6.30 23.13
CA ILE C 20 20.52 -6.61 24.37
C ILE C 20 21.50 -6.85 25.57
N ALA C 21 22.49 -7.73 25.36
CA ALA C 21 23.60 -7.96 26.31
C ALA C 21 24.23 -6.66 26.78
N LEU C 22 24.50 -5.77 25.83
CA LEU C 22 25.12 -4.49 26.13
C LEU C 22 24.23 -3.64 27.02
N TYR C 23 22.93 -3.83 26.96
CA TYR C 23 22.05 -3.13 27.86
C TYR C 23 22.23 -3.66 29.28
N LYS C 24 22.18 -4.98 29.43
CA LYS C 24 22.34 -5.67 30.71
C LYS C 24 23.70 -5.30 31.31
N LYS C 25 24.71 -5.37 30.45
CA LYS C 25 26.10 -5.01 30.77
C LYS C 25 26.26 -3.62 31.35
N SER C 26 25.59 -2.66 30.72
CA SER C 26 25.63 -1.22 31.02
C SER C 26 24.70 -0.75 32.14
N ASN C 27 23.99 -1.71 32.73
CA ASN C 27 22.99 -1.48 33.78
C ASN C 27 21.84 -0.59 33.28
N ILE C 28 21.53 -0.69 31.98
CA ILE C 28 20.36 -0.04 31.43
C ILE C 28 19.14 -0.97 31.58
N THR C 29 18.20 -0.64 32.46
CA THR C 29 17.11 -1.57 32.73
C THR C 29 15.83 -1.21 31.98
N ARG C 30 15.92 -0.21 31.12
CA ARG C 30 14.80 0.23 30.31
C ARG C 30 15.19 0.60 28.89
N MET C 31 14.39 0.12 27.94
CA MET C 31 14.65 0.32 26.52
C MET C 31 13.40 0.86 25.82
N ARG C 32 13.60 1.73 24.83
CA ARG C 32 12.48 2.10 23.96
C ARG C 32 12.73 1.73 22.50
N ILE C 33 11.81 0.96 21.89
CA ILE C 33 11.86 0.79 20.44
C ILE C 33 10.67 1.48 19.80
N TYR C 34 10.78 1.77 18.51
CA TYR C 34 9.81 2.57 17.78
C TYR C 34 8.92 1.76 16.84
N ASP C 35 9.23 0.47 16.72
CA ASP C 35 8.39 -0.43 15.96
C ASP C 35 8.46 -1.81 16.60
N PRO C 36 7.50 -2.70 16.25
CA PRO C 36 7.59 -4.05 16.84
C PRO C 36 8.53 -4.94 16.02
N ASN C 37 9.81 -4.58 16.08
CA ASN C 37 10.83 -5.36 15.42
C ASN C 37 10.91 -6.76 16.01
N GLN C 38 10.62 -7.75 15.17
CA GLN C 38 10.55 -9.13 15.63
C GLN C 38 11.89 -9.58 16.14
N ALA C 39 12.93 -9.24 15.39
CA ALA C 39 14.29 -9.62 15.71
C ALA C 39 14.70 -9.14 17.10
N VAL C 40 14.41 -7.88 17.42
CA VAL C 40 14.70 -7.29 18.72
C VAL C 40 13.96 -7.95 19.85
N LEU C 41 12.68 -8.21 19.59
CA LEU C 41 11.79 -8.84 20.53
C LEU C 41 12.30 -10.22 20.85
N GLU C 42 12.69 -10.93 19.80
CA GLU C 42 13.29 -12.25 19.98
C GLU C 42 14.59 -12.16 20.74
N ALA C 43 15.31 -11.04 20.58
CA ALA C 43 16.60 -10.93 21.22
C ALA C 43 16.44 -10.56 22.69
N LEU C 44 15.24 -10.07 23.03
CA LEU C 44 14.97 -9.62 24.39
C LEU C 44 14.41 -10.71 25.28
N ARG C 45 14.30 -11.92 24.75
CA ARG C 45 13.62 -12.94 25.52
C ARG C 45 14.41 -13.34 26.78
N GLY C 46 13.74 -13.18 27.92
CA GLY C 46 14.32 -13.45 29.22
C GLY C 46 15.37 -12.47 29.69
N SER C 47 15.57 -11.38 28.96
CA SER C 47 16.61 -10.40 29.28
C SER C 47 16.30 -9.51 30.51
N ASN C 48 15.03 -9.42 30.90
CA ASN C 48 14.55 -8.51 31.95
C ASN C 48 14.72 -7.02 31.70
N ILE C 49 14.98 -6.63 30.46
CA ILE C 49 15.09 -5.21 30.09
C ILE C 49 13.71 -4.62 29.84
N GLU C 50 13.27 -3.61 30.60
CA GLU C 50 11.97 -3.00 30.31
C GLU C 50 11.88 -2.24 28.98
N LEU C 51 10.79 -2.50 28.27
CA LEU C 51 10.61 -2.00 26.91
C LEU C 51 9.45 -1.06 26.74
N ILE C 52 9.73 0.07 26.09
CA ILE C 52 8.69 0.90 25.51
C ILE C 52 8.57 0.44 24.07
N LEU C 53 7.44 -0.18 23.76
CA LEU C 53 7.17 -0.68 22.41
C LEU C 53 6.39 0.33 21.60
N GLY C 54 6.94 0.70 20.46
CA GLY C 54 6.33 1.72 19.64
C GLY C 54 5.43 1.18 18.54
N VAL C 55 4.29 1.85 18.35
CA VAL C 55 3.47 1.70 17.15
C VAL C 55 3.94 2.78 16.16
N PRO C 56 4.37 2.36 14.95
CA PRO C 56 4.87 3.40 14.03
C PRO C 56 3.73 4.24 13.54
N ASN C 57 3.99 5.53 13.29
CA ASN C 57 2.95 6.47 12.89
C ASN C 57 2.20 5.97 11.66
N SER C 58 2.96 5.32 10.80
CA SER C 58 2.48 4.78 9.54
C SER C 58 1.48 3.66 9.71
N ASP C 59 1.48 3.08 10.90
CA ASP C 59 0.56 1.98 11.22
C ASP C 59 -0.69 2.34 12.00
N LEU C 60 -0.82 3.60 12.43
CA LEU C 60 -1.97 4.03 13.23
C LEU C 60 -3.35 3.72 12.58
N GLN C 61 -3.48 3.94 11.27
CA GLN C 61 -4.77 3.76 10.60
C GLN C 61 -5.18 2.30 10.69
N SER C 62 -4.28 1.41 10.30
CA SER C 62 -4.51 -0.03 10.41
C SER C 62 -5.07 -0.45 11.78
N LEU C 63 -4.60 0.15 12.85
CA LEU C 63 -4.97 -0.30 14.18
C LEU C 63 -6.27 0.35 14.64
N THR C 64 -6.83 1.24 13.81
CA THR C 64 -8.13 1.81 14.12
C THR C 64 -9.22 0.78 13.81
N ASN C 65 -8.83 -0.30 13.17
CA ASN C 65 -9.71 -1.46 13.04
C ASN C 65 -9.53 -2.40 14.24
N PRO C 66 -10.63 -2.67 14.96
CA PRO C 66 -10.53 -3.46 16.19
C PRO C 66 -9.87 -4.82 16.00
N SER C 67 -10.27 -5.53 14.93
CA SER C 67 -9.73 -6.86 14.66
C SER C 67 -8.23 -6.76 14.34
N ASN C 68 -7.81 -5.71 13.64
CA ASN C 68 -6.37 -5.49 13.37
C ASN C 68 -5.58 -5.24 14.63
N ALA C 69 -6.19 -4.50 15.55
CA ALA C 69 -5.56 -4.18 16.83
C ALA C 69 -5.41 -5.47 17.65
N LYS C 70 -6.42 -6.34 17.59
CA LYS C 70 -6.44 -7.62 18.32
C LYS C 70 -5.22 -8.41 17.88
N SER C 71 -5.08 -8.53 16.57
CA SER C 71 -3.96 -9.24 15.99
C SER C 71 -2.59 -8.64 16.22
N TRP C 72 -2.50 -7.32 16.35
CA TRP C 72 -1.22 -6.67 16.62
C TRP C 72 -0.75 -7.00 18.05
N VAL C 73 -1.65 -6.82 19.00
CA VAL C 73 -1.40 -7.19 20.38
C VAL C 73 -1.10 -8.69 20.57
N GLN C 74 -1.83 -9.49 19.82
CA GLN C 74 -1.62 -10.89 19.92
C GLN C 74 -0.17 -11.18 19.42
N LYS C 75 0.13 -10.69 18.21
CA LYS C 75 1.39 -10.96 17.53
C LYS C 75 2.64 -10.34 18.12
N ASN C 76 2.52 -9.07 18.48
CA ASN C 76 3.66 -8.26 18.84
C ASN C 76 3.87 -8.11 20.32
N VAL C 77 2.86 -8.45 21.10
CA VAL C 77 2.99 -8.34 22.53
C VAL C 77 2.88 -9.71 23.19
N ARG C 78 1.73 -10.36 23.05
CA ARG C 78 1.44 -11.64 23.72
C ARG C 78 2.35 -12.77 23.28
N GLY C 79 2.87 -12.66 22.07
CA GLY C 79 3.77 -13.65 21.51
C GLY C 79 5.12 -13.60 22.20
N PHE C 80 5.32 -12.61 23.07
CA PHE C 80 6.63 -12.32 23.67
C PHE C 80 6.54 -12.02 25.18
N TRP C 81 5.32 -11.91 25.75
CA TRP C 81 5.16 -11.49 27.15
C TRP C 81 5.83 -12.39 28.19
N SER C 82 5.92 -13.68 27.89
CA SER C 82 6.72 -14.58 28.73
C SER C 82 8.13 -14.06 29.06
N SER C 83 8.81 -13.50 28.07
CA SER C 83 10.24 -13.31 28.16
C SER C 83 10.70 -11.88 27.85
N VAL C 84 9.76 -11.01 27.50
CA VAL C 84 10.04 -9.60 27.18
C VAL C 84 9.24 -8.69 28.12
N ARG C 85 9.95 -7.77 28.76
CA ARG C 85 9.34 -6.90 29.75
C ARG C 85 8.72 -5.62 29.10
N PHE C 86 7.60 -5.78 28.41
CA PHE C 86 6.77 -4.65 27.91
C PHE C 86 6.33 -3.73 29.02
N ARG C 87 6.58 -2.44 28.83
CA ARG C 87 6.16 -1.45 29.83
C ARG C 87 5.08 -0.48 29.36
N TYR C 88 5.35 0.17 28.24
CA TYR C 88 4.39 1.06 27.59
C TYR C 88 4.29 0.70 26.10
N ILE C 89 3.10 0.90 25.55
CA ILE C 89 2.94 0.92 24.11
C ILE C 89 2.77 2.38 23.65
N ALA C 90 3.69 2.87 22.82
CA ALA C 90 3.66 4.26 22.35
C ALA C 90 2.91 4.33 21.02
N VAL C 91 1.63 4.61 21.09
CA VAL C 91 0.81 4.61 19.91
C VAL C 91 0.97 5.96 19.18
N GLY C 92 1.89 6.01 18.22
CA GLY C 92 2.24 7.22 17.51
C GLY C 92 3.36 7.98 18.20
N ASN C 93 4.14 8.76 17.44
CA ASN C 93 5.30 9.50 17.96
C ASN C 93 5.24 10.88 17.30
N GLU C 94 5.22 11.93 18.12
CA GLU C 94 5.14 13.32 17.62
C GLU C 94 3.93 13.59 16.71
N ILE C 95 2.77 13.02 17.06
CA ILE C 95 1.59 13.31 16.26
C ILE C 95 1.03 14.64 16.72
N SER C 96 0.78 15.49 15.74
CA SER C 96 0.12 16.78 15.87
C SER C 96 -0.95 16.99 14.83
N PRO C 97 -2.08 17.59 15.21
CA PRO C 97 -3.16 17.84 14.24
C PRO C 97 -2.94 19.04 13.34
N VAL C 98 -1.83 19.71 13.52
CA VAL C 98 -1.51 20.92 12.79
C VAL C 98 -0.14 20.86 12.19
N ASN C 99 0.60 19.78 12.44
CA ASN C 99 1.87 19.69 11.77
C ASN C 99 1.68 18.99 10.42
N ARG C 100 2.32 19.58 9.40
CA ARG C 100 2.16 19.09 8.05
C ARG C 100 2.46 17.62 7.94
N GLY C 101 3.48 17.16 8.65
CA GLY C 101 3.85 15.76 8.56
C GLY C 101 2.76 14.84 9.08
N THR C 102 1.98 15.32 10.05
CA THR C 102 1.01 14.47 10.73
C THR C 102 -0.43 14.97 10.84
N ALA C 103 -0.75 16.17 10.35
CA ALA C 103 -2.09 16.70 10.54
C ALA C 103 -3.13 15.67 10.10
N TRP C 104 -2.88 15.11 8.92
CA TRP C 104 -3.69 14.04 8.33
C TRP C 104 -3.65 12.67 9.04
N LEU C 105 -2.93 12.58 10.17
CA LEU C 105 -2.84 11.33 10.91
C LEU C 105 -3.51 11.38 12.29
N ALA C 106 -3.77 12.60 12.76
CA ALA C 106 -4.28 12.85 14.11
C ALA C 106 -5.58 12.12 14.53
N GLN C 107 -6.58 12.12 13.64
CA GLN C 107 -7.84 11.38 13.81
C GLN C 107 -7.70 9.94 14.28
N PHE C 108 -6.61 9.29 13.87
CA PHE C 108 -6.44 7.86 14.08
C PHE C 108 -5.94 7.51 15.47
N VAL C 109 -5.32 8.47 16.14
CA VAL C 109 -4.52 8.18 17.32
C VAL C 109 -5.37 7.59 18.46
N LEU C 110 -6.33 8.38 18.94
CA LEU C 110 -7.23 7.89 19.99
C LEU C 110 -7.99 6.60 19.61
N PRO C 111 -8.50 6.50 18.36
CA PRO C 111 -9.19 5.22 18.11
C PRO C 111 -8.28 3.99 18.16
N ALA C 112 -7.09 4.10 17.57
CA ALA C 112 -6.03 3.09 17.67
C ALA C 112 -5.70 2.78 19.13
N MET C 113 -5.50 3.85 19.88
CA MET C 113 -5.25 3.78 21.31
C MET C 113 -6.40 3.04 22.02
N ARG C 114 -7.63 3.32 21.61
CA ARG C 114 -8.79 2.68 22.21
C ARG C 114 -8.84 1.18 21.93
N ASN C 115 -8.67 0.81 20.67
CA ASN C 115 -8.69 -0.60 20.25
C ASN C 115 -7.57 -1.39 20.93
N ILE C 116 -6.38 -0.79 20.94
CA ILE C 116 -5.20 -1.37 21.57
C ILE C 116 -5.45 -1.60 23.05
N HIS C 117 -6.02 -0.60 23.71
CA HIS C 117 -6.33 -0.73 25.13
C HIS C 117 -7.30 -1.91 25.36
N ASP C 118 -8.25 -2.09 24.45
CA ASP C 118 -9.23 -3.15 24.59
C ASP C 118 -8.66 -4.55 24.57
N ALA C 119 -7.79 -4.80 23.61
CA ALA C 119 -7.15 -6.10 23.51
C ALA C 119 -6.36 -6.37 24.77
N ILE C 120 -5.58 -5.36 25.17
CA ILE C 120 -4.87 -5.43 26.44
C ILE C 120 -5.84 -5.71 27.58
N ARG C 121 -6.99 -5.04 27.55
CA ARG C 121 -7.95 -5.22 28.61
C ARG C 121 -8.52 -6.65 28.49
N SER C 122 -8.79 -7.07 27.25
CA SER C 122 -9.20 -8.44 26.92
C SER C 122 -8.26 -9.56 27.40
N ALA C 123 -6.97 -9.29 27.40
CA ALA C 123 -6.00 -10.27 27.85
C ALA C 123 -5.75 -10.21 29.37
N GLY C 124 -6.36 -9.22 30.02
CA GLY C 124 -6.22 -9.01 31.45
C GLY C 124 -4.83 -8.46 31.81
N LEU C 125 -4.30 -7.62 30.92
CA LEU C 125 -2.94 -7.07 31.03
C LEU C 125 -2.88 -5.56 31.29
N GLN C 126 -3.99 -5.01 31.78
CA GLN C 126 -4.19 -3.55 31.92
C GLN C 126 -3.37 -3.03 33.09
N ASP C 127 -2.92 -3.94 33.96
CA ASP C 127 -2.12 -3.57 35.12
C ASP C 127 -0.61 -3.62 34.84
N GLN C 128 -0.22 -4.21 33.72
CA GLN C 128 1.21 -4.27 33.30
C GLN C 128 1.67 -3.33 32.20
N ILE C 129 0.88 -3.28 31.13
CA ILE C 129 1.25 -2.53 29.95
C ILE C 129 0.35 -1.31 29.83
N LYS C 130 0.89 -0.12 30.08
CA LYS C 130 0.08 1.10 30.06
C LYS C 130 0.15 1.62 28.63
N VAL C 131 -0.99 1.69 27.95
CA VAL C 131 -1.03 2.18 26.58
C VAL C 131 -0.99 3.70 26.52
N SER C 132 -0.14 4.25 25.66
CA SER C 132 -0.07 5.72 25.55
C SER C 132 0.43 6.24 24.19
N THR C 133 0.73 7.53 24.15
CA THR C 133 1.33 8.10 22.93
C THR C 133 2.39 9.13 23.32
N ALA C 134 3.34 9.30 22.42
CA ALA C 134 4.49 10.19 22.63
C ALA C 134 4.31 11.47 21.84
N ILE C 135 4.23 12.61 22.57
CA ILE C 135 4.07 13.91 21.92
C ILE C 135 5.43 14.65 21.82
N ASP C 136 5.48 15.69 20.99
CA ASP C 136 6.54 16.67 21.12
C ASP C 136 5.93 17.92 21.73
N LEU C 137 6.77 18.90 22.03
CA LEU C 137 6.28 20.06 22.73
C LEU C 137 5.90 21.22 21.81
N THR C 138 5.76 20.89 20.53
CA THR C 138 5.18 21.82 19.58
C THR C 138 3.71 22.08 19.96
N LEU C 139 3.12 21.12 20.65
CA LEU C 139 1.74 21.23 21.14
C LEU C 139 1.57 22.25 22.27
N VAL C 140 2.63 22.49 23.01
CA VAL C 140 2.64 23.51 24.07
C VAL C 140 2.87 24.89 23.41
N GLY C 141 1.94 25.80 23.59
CA GLY C 141 2.00 27.11 22.99
C GLY C 141 2.74 28.14 23.84
N ASN C 142 2.70 27.93 25.15
CA ASN C 142 3.36 28.83 26.09
C ASN C 142 4.03 28.00 27.18
N SER C 143 5.25 28.39 27.55
CA SER C 143 6.11 27.64 28.47
C SER C 143 6.90 28.63 29.34
N TYR C 144 6.58 29.92 29.26
CA TYR C 144 7.21 30.96 30.10
C TYR C 144 6.26 31.85 30.88
N PRO C 145 6.36 31.80 32.21
CA PRO C 145 7.25 30.94 32.99
C PRO C 145 6.59 29.57 33.08
N PRO C 146 7.33 28.53 33.47
CA PRO C 146 6.80 27.15 33.38
C PRO C 146 5.40 26.99 33.96
N SER C 147 5.07 27.75 35.00
CA SER C 147 3.71 27.68 35.56
C SER C 147 2.61 28.12 34.59
N ALA C 148 2.99 28.96 33.62
CA ALA C 148 2.09 29.49 32.57
C ALA C 148 2.00 28.54 31.39
N GLY C 149 2.65 27.40 31.55
CA GLY C 149 2.67 26.38 30.51
C GLY C 149 1.27 26.06 30.09
N ALA C 150 1.01 26.14 28.78
CA ALA C 150 -0.31 25.92 28.22
C ALA C 150 -0.24 25.37 26.79
N PHE C 151 -1.19 24.46 26.47
CA PHE C 151 -1.28 23.90 25.12
C PHE C 151 -1.81 24.94 24.11
N ARG C 152 -1.38 24.77 22.86
CA ARG C 152 -1.87 25.59 21.76
C ARG C 152 -3.38 25.49 21.66
N ASP C 153 -4.02 26.63 21.50
CA ASP C 153 -5.47 26.61 21.37
C ASP C 153 -5.98 25.66 20.27
N ASP C 154 -5.31 25.72 19.10
CA ASP C 154 -5.68 24.91 17.95
C ASP C 154 -5.32 23.41 18.02
N VAL C 155 -4.81 22.95 19.16
CA VAL C 155 -4.59 21.51 19.33
C VAL C 155 -5.42 20.89 20.45
N ARG C 156 -6.23 21.68 21.13
CA ARG C 156 -7.07 21.16 22.21
C ARG C 156 -8.07 20.07 21.81
N SER C 157 -8.67 20.22 20.64
CA SER C 157 -9.69 19.31 20.12
C SER C 157 -9.10 17.90 19.96
N TYR C 158 -7.83 17.88 19.61
CA TYR C 158 -7.05 16.68 19.48
C TYR C 158 -6.73 16.16 20.89
N LEU C 159 -6.08 17.00 21.69
CA LEU C 159 -5.57 16.63 22.99
C LEU C 159 -6.59 16.29 24.08
N ASN C 160 -7.68 17.06 24.12
CA ASN C 160 -8.64 16.94 25.19
C ASN C 160 -9.11 15.51 25.40
N PRO C 161 -9.66 14.85 24.35
CA PRO C 161 -10.14 13.49 24.65
C PRO C 161 -9.01 12.48 24.87
N ILE C 162 -7.82 12.78 24.35
CA ILE C 162 -6.66 11.92 24.51
C ILE C 162 -6.17 12.04 25.96
N ILE C 163 -6.07 13.28 26.42
CA ILE C 163 -5.84 13.57 27.82
C ILE C 163 -6.82 12.86 28.71
N ARG C 164 -8.08 13.06 28.38
CA ARG C 164 -9.17 12.43 29.10
C ARG C 164 -9.00 10.92 29.14
N PHE C 165 -8.84 10.32 27.97
CA PHE C 165 -8.58 8.90 27.86
C PHE C 165 -7.42 8.38 28.74
N LEU C 166 -6.25 9.02 28.69
CA LEU C 166 -5.11 8.56 29.48
C LEU C 166 -5.39 8.57 30.97
N SER C 167 -6.10 9.61 31.42
CA SER C 167 -6.43 9.70 32.81
C SER C 167 -7.28 8.50 33.18
N SER C 168 -8.18 8.15 32.26
CA SER C 168 -9.17 7.13 32.52
C SER C 168 -8.57 5.75 32.57
N ILE C 169 -7.46 5.54 31.87
CA ILE C 169 -6.84 4.24 31.89
C ILE C 169 -5.60 4.28 32.76
N ARG C 170 -5.37 5.45 33.36
CA ARG C 170 -4.22 5.69 34.23
C ARG C 170 -2.92 5.35 33.51
N SER C 171 -2.78 5.85 32.29
CA SER C 171 -1.51 5.73 31.58
C SER C 171 -0.76 7.06 31.76
N PRO C 172 0.60 7.01 31.76
CA PRO C 172 1.25 8.32 31.75
C PRO C 172 1.22 8.92 30.35
N LEU C 173 1.62 10.18 30.22
CA LEU C 173 1.80 10.76 28.90
C LEU C 173 3.29 10.66 28.59
N LEU C 174 3.64 10.27 27.38
CA LEU C 174 5.04 10.25 26.96
C LEU C 174 5.39 11.57 26.24
N ALA C 175 6.52 12.19 26.60
CA ALA C 175 6.91 13.45 25.98
C ALA C 175 8.36 13.42 25.56
N ASN C 176 8.60 13.82 24.32
CA ASN C 176 9.96 14.04 23.87
C ASN C 176 10.39 15.44 24.25
N ILE C 177 11.53 15.60 24.93
CA ILE C 177 11.90 16.92 25.48
C ILE C 177 13.41 17.16 25.24
N TYR C 178 13.72 18.19 24.46
CA TYR C 178 15.09 18.47 24.07
C TYR C 178 15.49 19.93 24.28
N PRO C 179 16.05 20.23 25.46
CA PRO C 179 16.66 21.55 25.66
C PRO C 179 17.66 21.96 24.57
N TYR C 180 18.36 21.02 23.96
CA TYR C 180 19.31 21.33 22.88
C TYR C 180 18.79 22.22 21.73
N PHE C 181 17.65 21.86 21.19
CA PHE C 181 17.11 22.54 20.02
C PHE C 181 16.66 23.92 20.40
N THR C 182 16.14 24.02 21.62
CA THR C 182 15.74 25.30 22.20
C THR C 182 16.92 26.27 22.32
N TYR C 183 18.02 25.81 22.92
CA TYR C 183 19.22 26.63 23.08
C TYR C 183 19.80 27.08 21.73
N ALA C 184 20.00 26.14 20.80
CA ALA C 184 20.61 26.43 19.49
C ALA C 184 19.89 27.50 18.63
N GLY C 185 18.57 27.55 18.73
CA GLY C 185 17.78 28.54 18.03
C GLY C 185 17.83 29.91 18.69
N ASN C 186 18.04 29.98 20.00
CA ASN C 186 18.06 31.29 20.67
C ASN C 186 19.10 31.37 21.81
N PRO C 187 20.39 31.25 21.47
CA PRO C 187 21.44 31.22 22.49
C PRO C 187 21.63 32.58 23.16
N ARG C 188 21.14 33.62 22.49
CA ARG C 188 21.10 34.96 23.05
C ARG C 188 20.22 35.02 24.34
N ASP C 189 19.06 34.35 24.37
CA ASP C 189 18.18 34.40 25.54
C ASP C 189 18.36 33.20 26.44
N ILE C 190 18.89 32.14 25.86
CA ILE C 190 19.15 30.92 26.60
C ILE C 190 20.66 30.74 26.82
N SER C 191 21.06 30.66 28.08
CA SER C 191 22.45 30.49 28.36
C SER C 191 22.74 28.99 28.35
N LEU C 192 23.94 28.62 27.95
CA LEU C 192 24.34 27.23 27.90
C LEU C 192 24.28 26.54 29.30
N PRO C 193 24.81 27.19 30.36
CA PRO C 193 24.74 26.56 31.69
C PRO C 193 23.31 26.24 32.09
N TYR C 194 22.40 27.12 31.70
CA TYR C 194 20.98 26.91 31.95
C TYR C 194 20.54 25.62 31.29
N ALA C 195 21.01 25.41 30.07
CA ALA C 195 20.65 24.21 29.33
C ALA C 195 21.32 22.93 29.82
N LEU C 196 22.46 23.08 30.49
CA LEU C 196 23.30 21.93 30.83
C LEU C 196 23.27 21.48 32.30
N PHE C 197 22.40 22.09 33.12
CA PHE C 197 22.36 21.89 34.58
C PHE C 197 23.67 22.36 35.25
N THR C 198 24.35 23.34 34.67
CA THR C 198 25.63 23.76 35.26
C THR C 198 25.56 25.19 35.80
N SER C 199 24.33 25.70 35.88
CA SER C 199 24.08 27.03 36.41
C SER C 199 23.78 26.88 37.90
N PRO C 200 24.59 27.51 38.78
CA PRO C 200 24.41 27.49 40.24
C PRO C 200 23.20 28.29 40.73
N SER C 201 22.95 29.43 40.09
CA SER C 201 21.82 30.30 40.41
C SER C 201 20.56 30.11 39.52
N VAL C 202 19.42 30.62 40.01
CA VAL C 202 18.13 30.64 39.29
C VAL C 202 18.20 31.52 38.03
N VAL C 203 17.56 31.10 36.94
CA VAL C 203 17.67 31.88 35.71
C VAL C 203 16.32 32.49 35.36
N VAL C 204 15.28 31.74 35.67
CA VAL C 204 13.93 32.16 35.37
C VAL C 204 13.22 31.95 36.71
N TRP C 205 12.58 33.02 37.16
CA TRP C 205 11.84 33.02 38.41
C TRP C 205 10.35 32.78 38.23
N ASP C 206 9.87 31.78 38.96
CA ASP C 206 8.48 31.45 38.83
C ASP C 206 7.79 31.42 40.20
N GLY C 207 7.35 32.59 40.64
CA GLY C 207 6.89 32.76 42.00
C GLY C 207 7.80 32.27 43.08
N GLN C 208 7.30 31.29 43.84
CA GLN C 208 8.06 30.79 44.98
C GLN C 208 8.91 29.61 44.45
N ARG C 209 8.81 29.38 43.14
CA ARG C 209 9.48 28.28 42.44
C ARG C 209 10.68 28.82 41.67
N GLY C 210 11.88 28.29 41.92
CA GLY C 210 13.05 28.72 41.17
C GLY C 210 13.52 27.73 40.10
N TYR C 211 13.63 28.15 38.84
CA TYR C 211 14.09 27.19 37.83
C TYR C 211 15.55 27.41 37.48
N LYS C 212 16.38 26.38 37.71
CA LYS C 212 17.85 26.38 37.47
C LYS C 212 18.29 25.83 36.10
N ASN C 213 17.46 24.96 35.53
CA ASN C 213 17.76 24.36 34.24
C ASN C 213 16.56 24.30 33.29
N LEU C 214 16.88 24.28 32.00
CA LEU C 214 15.90 24.34 30.93
C LEU C 214 14.97 23.13 30.90
N PHE C 215 15.46 21.98 31.34
CA PHE C 215 14.69 20.74 31.27
C PHE C 215 13.49 20.85 32.23
N ASP C 216 13.71 21.31 33.46
CA ASP C 216 12.65 21.46 34.45
C ASP C 216 11.64 22.47 33.95
N ALA C 217 12.18 23.58 33.45
CA ALA C 217 11.44 24.66 32.84
C ALA C 217 10.55 24.15 31.70
N THR C 218 11.10 23.30 30.87
CA THR C 218 10.42 22.83 29.67
C THR C 218 9.32 21.85 30.04
N LEU C 219 9.69 20.94 30.93
CA LEU C 219 8.80 19.91 31.47
C LEU C 219 7.65 20.45 32.30
N ASP C 220 7.97 21.35 33.21
CA ASP C 220 6.96 21.88 34.11
C ASP C 220 5.90 22.69 33.40
N ALA C 221 6.30 23.36 32.33
CA ALA C 221 5.33 24.05 31.49
C ALA C 221 4.32 23.03 30.93
N LEU C 222 4.78 21.83 30.59
CA LEU C 222 3.89 20.79 30.09
C LEU C 222 2.89 20.40 31.17
N TYR C 223 3.39 20.19 32.39
CA TYR C 223 2.52 19.85 33.52
C TYR C 223 1.47 20.98 33.70
N SER C 224 1.94 22.22 33.58
CA SER C 224 1.06 23.36 33.70
C SER C 224 0.05 23.37 32.57
N ALA C 225 0.45 22.95 31.37
CA ALA C 225 -0.46 22.94 30.22
C ALA C 225 -1.56 21.90 30.39
N LEU C 226 -1.20 20.76 30.94
CA LEU C 226 -2.17 19.71 31.24
C LEU C 226 -3.21 20.18 32.23
N GLU C 227 -2.76 20.89 33.26
CA GLU C 227 -3.64 21.42 34.29
C GLU C 227 -4.71 22.35 33.74
N ARG C 228 -4.30 23.24 32.83
CA ARG C 228 -5.22 24.12 32.10
C ARG C 228 -6.11 23.41 31.06
N ALA C 229 -5.79 22.16 30.75
CA ALA C 229 -6.54 21.42 29.73
C ALA C 229 -7.21 20.20 30.34
N SER C 230 -7.53 20.32 31.63
CA SER C 230 -8.27 19.33 32.41
C SER C 230 -7.50 18.00 32.46
N GLY C 231 -6.17 18.10 32.44
CA GLY C 231 -5.30 16.95 32.62
C GLY C 231 -4.33 17.16 33.76
N GLY C 232 -4.78 17.91 34.74
CA GLY C 232 -3.94 18.25 35.87
C GLY C 232 -3.45 17.06 36.65
N SER C 233 -4.05 15.89 36.44
CA SER C 233 -3.54 14.72 37.11
C SER C 233 -2.66 13.78 36.29
N LEU C 234 -2.35 14.13 35.06
CA LEU C 234 -1.50 13.22 34.31
C LEU C 234 -0.05 13.42 34.71
N GLU C 235 0.63 12.29 34.92
CA GLU C 235 2.09 12.20 35.04
C GLU C 235 2.70 12.26 33.62
N VAL C 236 3.88 12.86 33.48
CA VAL C 236 4.65 12.80 32.22
C VAL C 236 5.92 11.91 32.28
N VAL C 237 5.99 10.95 31.36
CA VAL C 237 7.19 10.19 31.06
C VAL C 237 7.97 10.87 29.96
N VAL C 238 9.22 11.22 30.23
CA VAL C 238 10.05 11.80 29.19
C VAL C 238 10.59 10.71 28.28
N SER C 239 9.92 10.56 27.12
CA SER C 239 10.14 9.40 26.25
C SER C 239 11.24 9.58 25.21
N GLU C 240 11.76 10.80 25.09
CA GLU C 240 13.03 11.02 24.39
C GLU C 240 13.64 12.25 25.02
N SER C 241 14.96 12.20 25.16
CA SER C 241 15.77 13.39 25.46
C SER C 241 17.22 13.07 25.16
N GLY C 242 17.90 13.99 24.49
CA GLY C 242 19.27 13.73 24.09
C GLY C 242 19.98 14.99 23.63
N TRP C 243 21.29 14.89 23.45
CA TRP C 243 22.08 16.01 22.98
C TRP C 243 23.09 15.46 21.98
N PRO C 244 23.19 16.07 20.79
CA PRO C 244 24.05 15.51 19.72
C PRO C 244 25.55 15.82 19.95
N SER C 245 26.44 14.88 19.65
CA SER C 245 27.89 15.08 19.86
C SER C 245 28.60 15.86 18.75
N ALA C 246 27.96 15.95 17.59
CA ALA C 246 28.48 16.68 16.44
C ALA C 246 27.37 16.98 15.42
N GLY C 247 27.68 17.81 14.44
CA GLY C 247 26.82 17.90 13.26
C GLY C 247 26.08 19.22 13.15
N ALA C 248 26.23 20.07 14.15
CA ALA C 248 25.50 21.31 14.22
C ALA C 248 25.96 22.11 15.42
N PHE C 249 25.50 23.37 15.48
CA PHE C 249 25.82 24.30 16.54
C PHE C 249 25.62 23.69 17.93
N ALA C 250 26.66 23.76 18.75
CA ALA C 250 26.63 23.31 20.14
C ALA C 250 26.53 21.79 20.28
N ALA C 251 26.64 21.08 19.16
CA ALA C 251 26.76 19.63 19.20
C ALA C 251 28.21 19.19 19.44
N THR C 252 28.55 18.93 20.70
CA THR C 252 29.91 18.57 21.10
C THR C 252 29.92 17.45 22.15
N PHE C 253 31.03 16.71 22.17
CA PHE C 253 31.26 15.68 23.18
C PHE C 253 31.13 16.23 24.57
N ASP C 254 31.73 17.40 24.81
CA ASP C 254 31.71 17.96 26.14
C ASP C 254 30.29 18.35 26.54
N ASN C 255 29.59 19.07 25.67
CA ASN C 255 28.16 19.36 25.92
C ASN C 255 27.31 18.13 26.10
N GLY C 256 27.47 17.18 25.17
CA GLY C 256 26.84 15.89 25.24
C GLY C 256 27.04 15.13 26.53
N ARG C 257 28.31 15.04 26.95
CA ARG C 257 28.69 14.26 28.12
C ARG C 257 28.07 14.87 29.36
N THR C 258 28.19 16.19 29.41
CA THR C 258 27.64 17.01 30.49
C THR C 258 26.15 16.88 30.61
N TYR C 259 25.43 17.24 29.55
CA TYR C 259 23.98 17.20 29.59
C TYR C 259 23.42 15.86 30.04
N LEU C 260 23.86 14.83 29.35
CA LEU C 260 23.33 13.47 29.55
C LEU C 260 23.72 12.89 30.91
N SER C 261 24.95 13.16 31.36
CA SER C 261 25.40 12.70 32.67
C SER C 261 24.60 13.51 33.72
N ASN C 262 24.52 14.83 33.53
CA ASN C 262 23.71 15.68 34.41
C ASN C 262 22.25 15.31 34.39
N LEU C 263 21.78 14.93 33.21
CA LEU C 263 20.40 14.52 33.02
C LEU C 263 20.13 13.30 33.89
N ILE C 264 21.03 12.32 33.81
CA ILE C 264 20.92 11.09 34.59
C ILE C 264 20.79 11.36 36.11
N GLN C 265 21.53 12.36 36.58
CA GLN C 265 21.47 12.75 37.98
C GLN C 265 20.22 13.54 38.37
N HIS C 266 19.88 14.52 37.55
CA HIS C 266 18.72 15.34 37.84
C HIS C 266 17.42 14.56 38.05
N VAL C 267 17.12 13.64 37.14
CA VAL C 267 15.80 12.97 37.10
C VAL C 267 15.53 11.87 38.13
N LYS C 268 16.45 11.64 39.07
CA LYS C 268 16.23 10.73 40.21
C LYS C 268 15.26 11.32 41.22
N ARG C 269 15.11 12.63 41.13
CA ARG C 269 14.15 13.39 41.93
C ARG C 269 13.27 14.18 40.95
N GLY C 270 12.43 15.08 41.44
CA GLY C 270 11.48 15.73 40.58
C GLY C 270 11.70 17.19 40.19
N THR C 271 10.60 17.87 39.88
CA THR C 271 10.70 19.22 39.36
C THR C 271 10.22 20.18 40.42
N PRO C 272 10.48 21.48 40.22
CA PRO C 272 9.91 22.40 41.18
C PRO C 272 8.40 22.27 41.31
N LYS C 273 7.73 21.68 40.32
CA LYS C 273 6.28 21.52 40.39
C LYS C 273 5.91 20.13 40.96
N ARG C 274 6.79 19.14 40.72
CA ARG C 274 6.62 17.76 41.21
C ARG C 274 8.00 17.25 41.66
N PRO C 275 8.39 17.64 42.88
CA PRO C 275 9.76 17.51 43.43
C PRO C 275 10.17 16.13 43.94
N LYS C 276 9.20 15.37 44.42
CA LYS C 276 9.53 14.13 45.11
C LYS C 276 10.06 13.07 44.15
N ARG C 277 9.22 12.72 43.18
CA ARG C 277 9.37 11.54 42.34
C ARG C 277 10.42 11.67 41.27
N ALA C 278 11.17 10.58 41.04
CA ALA C 278 12.10 10.53 39.91
C ALA C 278 11.33 10.79 38.62
N ILE C 279 11.98 11.41 37.64
CA ILE C 279 11.36 11.65 36.34
C ILE C 279 11.80 10.56 35.40
N GLU C 280 10.86 9.69 35.04
CA GLU C 280 11.18 8.67 34.08
C GLU C 280 11.61 9.17 32.71
N THR C 281 12.81 8.79 32.29
CA THR C 281 13.45 9.35 31.11
C THR C 281 14.09 8.24 30.27
N TYR C 282 13.88 8.28 28.96
CA TYR C 282 14.54 7.35 28.05
C TYR C 282 15.51 8.20 27.21
N LEU C 283 16.80 7.95 27.41
CA LEU C 283 17.82 8.69 26.68
C LEU C 283 17.86 8.39 25.19
N PHE C 284 17.94 9.46 24.41
CA PHE C 284 18.06 9.35 22.96
C PHE C 284 19.43 9.79 22.46
N ALA C 285 20.22 8.85 21.94
CA ALA C 285 19.82 7.45 21.79
C ALA C 285 21.06 6.56 21.91
N MET C 286 20.87 5.24 21.90
CA MET C 286 21.93 4.29 22.18
C MET C 286 23.04 4.40 21.18
N PHE C 287 22.68 4.40 19.91
CA PHE C 287 23.72 4.47 18.91
C PHE C 287 23.54 5.64 17.97
N ASP C 288 24.66 6.15 17.50
CA ASP C 288 24.60 7.04 16.35
C ASP C 288 23.83 6.33 15.26
N GLU C 289 23.19 7.11 14.41
CA GLU C 289 22.37 6.52 13.39
C GLU C 289 22.79 7.22 12.11
N ASN C 290 23.86 6.68 11.51
CA ASN C 290 24.51 7.34 10.38
C ASN C 290 23.65 7.48 9.12
N LYS C 291 22.46 6.85 9.15
CA LYS C 291 21.55 6.90 8.02
C LYS C 291 20.54 8.04 8.19
N LYS C 292 20.53 8.68 9.34
CA LYS C 292 19.56 9.74 9.62
C LYS C 292 20.01 11.09 9.02
N GLN C 293 19.06 12.00 8.77
CA GLN C 293 19.36 13.36 8.27
C GLN C 293 18.66 14.45 9.09
N PRO C 294 19.34 15.60 9.32
CA PRO C 294 20.68 15.97 8.85
C PRO C 294 21.76 15.42 9.76
N GLU C 295 22.95 15.99 9.60
CA GLU C 295 24.17 15.47 10.21
C GLU C 295 23.97 15.34 11.70
N VAL C 296 23.24 16.28 12.27
CA VAL C 296 23.14 16.37 13.71
C VAL C 296 22.32 15.17 14.22
N GLU C 297 21.46 14.63 13.36
CA GLU C 297 20.63 13.46 13.73
C GLU C 297 21.42 12.16 13.70
N LYS C 298 22.72 12.26 13.43
CA LYS C 298 23.61 11.10 13.46
C LYS C 298 24.47 11.03 14.71
N HIS C 299 24.20 11.91 15.68
CA HIS C 299 25.07 12.02 16.84
C HIS C 299 24.34 12.03 18.17
N PHE C 300 23.17 11.42 18.20
CA PHE C 300 22.49 11.39 19.48
C PHE C 300 22.93 10.14 20.19
N GLY C 301 23.79 9.38 19.51
CA GLY C 301 24.31 8.15 20.06
C GLY C 301 24.97 8.32 21.39
N LEU C 302 24.80 7.32 22.24
CA LEU C 302 25.44 7.27 23.53
C LEU C 302 26.66 6.40 23.34
N PHE C 303 26.59 5.56 22.30
CA PHE C 303 27.65 4.62 21.94
C PHE C 303 28.19 4.84 20.55
N PHE C 304 29.49 4.55 20.43
CA PHE C 304 30.16 4.42 19.17
C PHE C 304 29.70 3.09 18.66
N PRO C 305 29.95 2.80 17.38
CA PRO C 305 29.53 1.51 16.86
C PRO C 305 30.38 0.34 17.40
N ASN C 306 31.57 0.64 17.92
CA ASN C 306 32.38 -0.37 18.58
C ASN C 306 31.95 -0.78 20.00
N LYS C 307 30.82 -0.23 20.44
CA LYS C 307 30.14 -0.52 21.72
C LYS C 307 30.80 0.15 22.94
N TRP C 308 31.75 1.05 22.70
CA TRP C 308 32.31 1.91 23.77
C TRP C 308 31.53 3.20 23.94
N GLN C 309 31.34 3.57 25.20
CA GLN C 309 30.59 4.77 25.50
C GLN C 309 31.35 5.99 24.99
N LYS C 310 30.59 6.92 24.43
CA LYS C 310 31.12 8.22 24.05
C LYS C 310 31.54 8.97 25.30
N TYR C 311 30.71 8.83 26.33
CA TYR C 311 30.72 9.74 27.45
C TYR C 311 31.03 9.10 28.82
N ASN C 312 31.12 7.76 28.90
CA ASN C 312 31.48 7.05 30.15
C ASN C 312 30.51 7.27 31.30
N LEU C 313 29.27 6.78 31.13
CA LEU C 313 28.21 7.03 32.10
C LEU C 313 27.86 5.84 33.04
N ASN C 314 27.53 6.14 34.30
CA ASN C 314 26.89 5.16 35.19
C ASN C 314 25.37 5.24 35.06
N PHE C 315 24.73 4.13 34.69
CA PHE C 315 23.26 4.11 34.58
C PHE C 315 22.40 3.65 35.78
N SER C 316 23.02 3.06 36.81
CA SER C 316 22.24 2.74 38.01
C SER C 316 22.07 3.94 38.97
N PCA D 1 -8.74 -36.32 13.71
CA PCA D 1 -7.58 -35.48 14.01
CB PCA D 1 -6.32 -36.35 14.24
CG PCA D 1 -6.62 -37.70 13.63
CD PCA D 1 -8.13 -37.64 13.45
OE PCA D 1 -8.78 -38.66 13.15
C PCA D 1 -7.29 -34.51 12.84
O PCA D 1 -7.16 -34.91 11.67
N VAL D 2 -7.29 -33.20 13.13
CA VAL D 2 -7.04 -32.25 12.06
C VAL D 2 -5.54 -32.26 11.69
N GLY D 3 -5.21 -31.96 10.43
CA GLY D 3 -3.81 -31.83 10.01
C GLY D 3 -3.52 -30.36 9.73
N VAL D 4 -2.27 -29.97 9.49
CA VAL D 4 -1.98 -28.58 9.17
C VAL D 4 -0.94 -28.51 8.03
N CYS D 5 -1.16 -27.67 7.02
CA CYS D 5 -0.16 -27.53 5.96
C CYS D 5 1.07 -26.69 6.33
N TYR D 6 2.23 -27.25 6.02
CA TYR D 6 3.47 -26.58 6.28
C TYR D 6 3.94 -26.03 4.94
N GLY D 7 3.53 -24.79 4.69
CA GLY D 7 4.00 -24.01 3.55
C GLY D 7 5.22 -23.22 3.97
N MET D 8 6.18 -23.16 3.07
CA MET D 8 7.45 -22.56 3.41
C MET D 8 7.72 -21.23 2.66
N GLN D 9 6.69 -20.69 2.03
CA GLN D 9 6.87 -19.49 1.19
C GLN D 9 6.85 -18.17 2.00
N GLY D 10 7.71 -18.10 3.01
CA GLY D 10 7.96 -16.89 3.80
C GLY D 10 9.47 -16.69 3.96
N ASN D 11 9.94 -15.48 4.20
CA ASN D 11 11.40 -15.27 4.34
C ASN D 11 11.85 -15.27 5.83
N ASN D 12 10.91 -15.49 6.74
CA ASN D 12 11.14 -15.31 8.19
C ASN D 12 10.66 -16.47 9.09
N LEU D 13 10.57 -17.68 8.54
CA LEU D 13 10.03 -18.82 9.31
C LEU D 13 11.07 -19.56 10.13
N PRO D 14 10.61 -20.18 11.25
CA PRO D 14 11.49 -20.99 12.10
C PRO D 14 12.11 -22.16 11.37
N PRO D 15 13.27 -22.64 11.86
CA PRO D 15 13.90 -23.83 11.34
C PRO D 15 12.96 -25.00 11.39
N VAL D 16 13.15 -25.88 10.41
CA VAL D 16 12.39 -27.11 10.23
C VAL D 16 12.22 -27.76 11.59
N SER D 17 13.31 -27.82 12.33
CA SER D 17 13.35 -28.52 13.61
C SER D 17 12.33 -27.92 14.54
N GLU D 18 12.21 -26.60 14.50
CA GLU D 18 11.23 -25.94 15.36
C GLU D 18 9.83 -26.21 14.86
N VAL D 19 9.65 -26.29 13.54
CA VAL D 19 8.34 -26.56 13.02
C VAL D 19 7.82 -27.95 13.40
N ILE D 20 8.67 -28.97 13.29
CA ILE D 20 8.34 -30.32 13.73
C ILE D 20 8.07 -30.33 15.25
N ALA D 21 9.02 -29.74 15.99
CA ALA D 21 8.92 -29.48 17.43
C ALA D 21 7.61 -28.79 17.81
N LEU D 22 7.33 -27.74 17.05
CA LEU D 22 6.13 -26.93 17.22
C LEU D 22 4.86 -27.71 16.92
N TYR D 23 4.96 -28.70 16.03
CA TYR D 23 3.78 -29.52 15.77
C TYR D 23 3.46 -30.38 16.98
N LYS D 24 4.47 -31.11 17.49
CA LYS D 24 4.31 -31.99 18.65
C LYS D 24 3.88 -31.14 19.81
N LYS D 25 4.57 -30.02 20.00
CA LYS D 25 4.22 -29.08 21.06
C LYS D 25 2.75 -28.70 20.95
N SER D 26 2.29 -28.40 19.74
CA SER D 26 0.91 -27.95 19.58
C SER D 26 -0.07 -29.13 19.47
N ASN D 27 0.47 -30.35 19.53
CA ASN D 27 -0.31 -31.58 19.38
C ASN D 27 -1.06 -31.76 18.04
N ILE D 28 -0.43 -31.30 16.97
CA ILE D 28 -0.82 -31.52 15.58
C ILE D 28 -0.24 -32.81 15.02
N THR D 29 -1.08 -33.80 14.73
CA THR D 29 -0.54 -35.09 14.31
C THR D 29 -0.56 -35.38 12.78
N ARG D 30 -0.95 -34.40 11.97
CA ARG D 30 -0.97 -34.60 10.52
C ARG D 30 -0.47 -33.38 9.73
N MET D 31 0.40 -33.66 8.78
CA MET D 31 1.01 -32.61 7.99
C MET D 31 0.92 -32.88 6.47
N ARG D 32 0.74 -31.81 5.69
CA ARG D 32 0.87 -31.91 4.25
C ARG D 32 2.01 -31.03 3.73
N ILE D 33 2.96 -31.61 3.00
CA ILE D 33 3.94 -30.79 2.27
C ILE D 33 3.72 -30.95 0.78
N TYR D 34 4.23 -29.98 0.02
CA TYR D 34 3.93 -29.89 -1.41
C TYR D 34 5.08 -30.36 -2.30
N ASP D 35 6.21 -30.67 -1.69
CA ASP D 35 7.29 -31.30 -2.42
C ASP D 35 8.04 -32.21 -1.45
N PRO D 36 8.85 -33.13 -1.96
CA PRO D 36 9.56 -33.98 -1.01
C PRO D 36 10.87 -33.35 -0.49
N ASN D 37 10.74 -32.28 0.30
CA ASN D 37 11.90 -31.63 0.90
C ASN D 37 12.62 -32.61 1.84
N GLN D 38 13.89 -32.90 1.53
CA GLN D 38 14.66 -33.88 2.26
C GLN D 38 14.81 -33.43 3.72
N ALA D 39 15.13 -32.16 3.89
CA ALA D 39 15.34 -31.56 5.21
C ALA D 39 14.12 -31.76 6.10
N VAL D 40 12.92 -31.50 5.56
CA VAL D 40 11.69 -31.70 6.33
C VAL D 40 11.58 -33.16 6.68
N LEU D 41 11.91 -33.98 5.70
CA LEU D 41 11.91 -35.43 5.81
C LEU D 41 12.96 -35.90 6.84
N GLU D 42 14.14 -35.29 6.80
CA GLU D 42 15.14 -35.60 7.80
C GLU D 42 14.69 -35.18 9.21
N ALA D 43 13.91 -34.12 9.27
CA ALA D 43 13.47 -33.58 10.56
C ALA D 43 12.29 -34.40 11.07
N LEU D 44 11.68 -35.18 10.17
CA LEU D 44 10.50 -35.96 10.51
C LEU D 44 10.75 -37.38 11.04
N ARG D 45 12.01 -37.74 11.24
CA ARG D 45 12.35 -39.11 11.63
C ARG D 45 11.86 -39.40 13.04
N GLY D 46 10.96 -40.38 13.19
CA GLY D 46 10.42 -40.68 14.51
C GLY D 46 9.47 -39.64 15.06
N SER D 47 9.13 -38.65 14.25
CA SER D 47 8.30 -37.55 14.72
C SER D 47 6.84 -37.99 14.93
N ASN D 48 6.44 -39.08 14.27
CA ASN D 48 5.05 -39.60 14.25
C ASN D 48 3.95 -38.68 13.65
N ILE D 49 4.35 -37.63 12.94
CA ILE D 49 3.38 -36.75 12.30
C ILE D 49 2.99 -37.42 10.97
N GLU D 50 1.71 -37.78 10.80
CA GLU D 50 1.29 -38.39 9.55
C GLU D 50 1.41 -37.39 8.40
N LEU D 51 1.95 -37.82 7.28
CA LEU D 51 2.28 -36.87 6.22
C LEU D 51 1.55 -37.07 4.91
N ILE D 52 1.03 -35.97 4.37
CA ILE D 52 0.66 -35.96 2.96
C ILE D 52 1.85 -35.45 2.19
N LEU D 53 2.43 -36.34 1.40
CA LEU D 53 3.59 -35.93 0.63
C LEU D 53 3.21 -35.54 -0.80
N GLY D 54 3.56 -34.32 -1.19
CA GLY D 54 3.16 -33.83 -2.50
C GLY D 54 4.25 -34.04 -3.54
N VAL D 55 3.84 -34.45 -4.72
CA VAL D 55 4.68 -34.42 -5.90
C VAL D 55 4.52 -33.09 -6.64
N PRO D 56 5.61 -32.36 -6.84
CA PRO D 56 5.35 -31.08 -7.49
C PRO D 56 4.97 -31.23 -8.98
N ASN D 57 4.09 -30.34 -9.43
CA ASN D 57 3.53 -30.35 -10.78
C ASN D 57 4.64 -30.35 -11.84
N SER D 58 5.71 -29.66 -11.52
CA SER D 58 6.87 -29.52 -12.39
C SER D 58 7.59 -30.83 -12.67
N ASP D 59 7.35 -31.82 -11.80
CA ASP D 59 7.97 -33.13 -11.92
C ASP D 59 7.04 -34.16 -12.58
N LEU D 60 5.78 -33.78 -12.83
CA LEU D 60 4.82 -34.73 -13.42
C LEU D 60 5.31 -35.34 -14.72
N GLN D 61 5.90 -34.51 -15.58
CA GLN D 61 6.36 -34.95 -16.91
C GLN D 61 7.44 -36.00 -16.72
N SER D 62 8.46 -35.61 -15.94
CA SER D 62 9.57 -36.50 -15.60
C SER D 62 9.04 -37.87 -15.10
N LEU D 63 7.94 -37.85 -14.35
CA LEU D 63 7.41 -39.02 -13.66
C LEU D 63 6.54 -39.87 -14.57
N THR D 64 6.36 -39.44 -15.83
CA THR D 64 5.64 -40.30 -16.77
C THR D 64 6.56 -41.43 -17.20
N ASN D 65 7.83 -41.31 -16.82
CA ASN D 65 8.79 -42.41 -16.93
C ASN D 65 8.79 -43.27 -15.66
N PRO D 66 8.49 -44.59 -15.82
CA PRO D 66 8.34 -45.51 -14.70
C PRO D 66 9.59 -45.55 -13.82
N SER D 67 10.73 -45.65 -14.47
CA SER D 67 12.00 -45.73 -13.78
C SER D 67 12.35 -44.46 -13.02
N ASN D 68 12.00 -43.32 -13.61
CA ASN D 68 12.17 -42.03 -12.94
C ASN D 68 11.27 -41.99 -11.72
N ALA D 69 10.07 -42.55 -11.88
CA ALA D 69 9.08 -42.63 -10.81
C ALA D 69 9.59 -43.58 -9.73
N LYS D 70 10.19 -44.69 -10.17
CA LYS D 70 10.76 -45.69 -9.26
C LYS D 70 11.82 -45.02 -8.41
N SER D 71 12.71 -44.32 -9.10
CA SER D 71 13.80 -43.61 -8.46
C SER D 71 13.30 -42.50 -7.55
N TRP D 72 12.15 -41.93 -7.89
CA TRP D 72 11.52 -40.92 -7.05
C TRP D 72 11.00 -41.52 -5.76
N VAL D 73 10.25 -42.59 -5.93
CA VAL D 73 9.71 -43.41 -4.84
C VAL D 73 10.78 -43.98 -3.95
N GLN D 74 11.87 -44.39 -4.58
CA GLN D 74 12.99 -44.92 -3.85
C GLN D 74 13.62 -43.93 -2.90
N LYS D 75 13.96 -42.76 -3.44
CA LYS D 75 14.69 -41.77 -2.68
C LYS D 75 13.93 -41.10 -1.54
N ASN D 76 12.70 -40.73 -1.85
CA ASN D 76 11.91 -39.86 -1.01
C ASN D 76 10.89 -40.59 -0.13
N VAL D 77 10.61 -41.85 -0.48
CA VAL D 77 9.63 -42.65 0.29
C VAL D 77 10.38 -43.84 0.92
N ARG D 78 10.95 -44.73 0.09
CA ARG D 78 11.59 -45.93 0.64
C ARG D 78 12.79 -45.51 1.49
N GLY D 79 13.35 -44.35 1.15
CA GLY D 79 14.51 -43.83 1.84
C GLY D 79 14.17 -43.36 3.24
N PHE D 80 12.87 -43.35 3.58
CA PHE D 80 12.37 -42.76 4.84
C PHE D 80 11.30 -43.58 5.57
N TRP D 81 10.80 -44.65 4.95
CA TRP D 81 9.66 -45.40 5.50
C TRP D 81 9.87 -46.02 6.91
N SER D 82 11.10 -46.38 7.24
CA SER D 82 11.39 -46.77 8.62
C SER D 82 10.85 -45.79 9.67
N SER D 83 10.96 -44.49 9.42
CA SER D 83 10.80 -43.49 10.49
C SER D 83 9.82 -42.36 10.16
N VAL D 84 9.25 -42.37 8.97
CA VAL D 84 8.32 -41.31 8.60
C VAL D 84 6.98 -41.90 8.25
N ARG D 85 5.93 -41.41 8.92
CA ARG D 85 4.58 -41.93 8.76
C ARG D 85 3.88 -41.24 7.57
N PHE D 86 4.32 -41.63 6.37
CA PHE D 86 3.71 -41.29 5.10
C PHE D 86 2.26 -41.77 5.18
N ARG D 87 1.29 -40.92 4.85
CA ARG D 87 -0.11 -41.35 4.88
C ARG D 87 -0.71 -41.34 3.47
N TYR D 88 -0.61 -40.19 2.80
CA TYR D 88 -1.03 -40.03 1.41
C TYR D 88 0.06 -39.37 0.55
N ILE D 89 0.11 -39.76 -0.73
CA ILE D 89 0.86 -39.01 -1.76
C ILE D 89 0.00 -38.20 -2.74
N ALA D 90 0.22 -36.89 -2.79
CA ALA D 90 -0.56 -35.99 -3.64
C ALA D 90 0.12 -35.84 -5.00
N VAL D 91 -0.27 -36.66 -5.98
CA VAL D 91 0.44 -36.60 -7.24
C VAL D 91 -0.10 -35.45 -8.06
N GLY D 92 0.53 -34.30 -7.92
CA GLY D 92 0.03 -33.13 -8.59
C GLY D 92 -0.96 -32.41 -7.70
N ASN D 93 -1.09 -31.10 -7.88
CA ASN D 93 -2.01 -30.34 -7.05
C ASN D 93 -2.77 -29.29 -7.89
N GLU D 94 -4.10 -29.35 -7.82
CA GLU D 94 -4.99 -28.43 -8.51
C GLU D 94 -4.82 -28.29 -10.03
N ILE D 95 -4.57 -29.43 -10.64
CA ILE D 95 -4.42 -29.56 -12.08
C ILE D 95 -5.82 -29.65 -12.74
N SER D 96 -6.00 -28.86 -13.79
CA SER D 96 -7.17 -28.87 -14.64
C SER D 96 -6.81 -28.89 -16.11
N PRO D 97 -7.56 -29.64 -16.94
CA PRO D 97 -7.27 -29.70 -18.36
C PRO D 97 -7.79 -28.47 -19.08
N VAL D 98 -8.39 -27.54 -18.34
CA VAL D 98 -8.99 -26.35 -18.92
C VAL D 98 -8.51 -25.10 -18.19
N ASN D 99 -7.72 -25.25 -17.12
CA ASN D 99 -7.12 -24.06 -16.49
C ASN D 99 -5.78 -23.83 -17.13
N ARG D 100 -5.52 -22.58 -17.45
CA ARG D 100 -4.32 -22.18 -18.18
C ARG D 100 -3.00 -22.66 -17.57
N GLY D 101 -2.93 -22.58 -16.24
CA GLY D 101 -1.72 -22.94 -15.54
C GLY D 101 -1.32 -24.40 -15.62
N THR D 102 -2.31 -25.28 -15.78
CA THR D 102 -2.12 -26.71 -15.70
C THR D 102 -2.70 -27.55 -16.85
N ALA D 103 -3.32 -26.91 -17.84
CA ALA D 103 -3.97 -27.66 -18.93
C ALA D 103 -3.01 -28.67 -19.58
N TRP D 104 -1.83 -28.16 -19.88
CA TRP D 104 -0.72 -28.92 -20.45
C TRP D 104 -0.09 -29.97 -19.56
N LEU D 105 -0.62 -30.15 -18.35
CA LEU D 105 -0.07 -31.13 -17.42
C LEU D 105 -0.99 -32.32 -17.11
N ALA D 106 -2.27 -32.13 -17.42
CA ALA D 106 -3.31 -33.10 -17.07
C ALA D 106 -2.95 -34.45 -17.62
N GLN D 107 -2.48 -34.43 -18.87
CA GLN D 107 -1.98 -35.63 -19.53
C GLN D 107 -1.03 -36.47 -18.64
N PHE D 108 -0.25 -35.82 -17.81
CA PHE D 108 0.84 -36.48 -17.06
C PHE D 108 0.36 -37.14 -15.76
N VAL D 109 -0.78 -36.69 -15.23
CA VAL D 109 -1.21 -37.00 -13.86
C VAL D 109 -1.50 -38.49 -13.67
N LEU D 110 -2.48 -39.00 -14.40
CA LEU D 110 -2.80 -40.41 -14.30
C LEU D 110 -1.60 -41.35 -14.59
N PRO D 111 -0.77 -41.07 -15.63
CA PRO D 111 0.37 -41.98 -15.80
C PRO D 111 1.35 -41.92 -14.64
N ALA D 112 1.62 -40.70 -14.19
CA ALA D 112 2.39 -40.42 -12.98
C ALA D 112 1.83 -41.14 -11.77
N MET D 113 0.52 -41.03 -11.57
CA MET D 113 -0.15 -41.71 -10.47
C MET D 113 0.04 -43.24 -10.44
N ARG D 114 -0.02 -43.88 -11.61
CA ARG D 114 0.23 -45.33 -11.77
C ARG D 114 1.69 -45.76 -11.50
N ASN D 115 2.65 -45.07 -12.07
CA ASN D 115 4.05 -45.41 -11.88
C ASN D 115 4.44 -45.36 -10.39
N ILE D 116 4.02 -44.31 -9.70
CA ILE D 116 4.24 -44.16 -8.27
C ILE D 116 3.56 -45.32 -7.53
N HIS D 117 2.31 -45.57 -7.90
CA HIS D 117 1.52 -46.63 -7.28
C HIS D 117 2.16 -48.00 -7.49
N ASP D 118 2.71 -48.24 -8.67
CA ASP D 118 3.33 -49.52 -8.99
C ASP D 118 4.53 -49.78 -8.10
N ALA D 119 5.35 -48.75 -7.99
CA ALA D 119 6.53 -48.72 -7.14
C ALA D 119 6.19 -48.88 -5.66
N ILE D 120 5.20 -48.11 -5.18
CA ILE D 120 4.69 -48.25 -3.81
C ILE D 120 4.30 -49.71 -3.58
N ARG D 121 3.61 -50.26 -4.57
CA ARG D 121 3.11 -51.64 -4.56
C ARG D 121 4.25 -52.64 -4.64
N SER D 122 5.25 -52.32 -5.47
CA SER D 122 6.50 -53.08 -5.55
C SER D 122 7.17 -53.23 -4.19
N ALA D 123 7.04 -52.21 -3.36
CA ALA D 123 7.63 -52.25 -2.04
C ALA D 123 6.62 -52.91 -1.10
N GLY D 124 5.43 -53.18 -1.64
CA GLY D 124 4.34 -53.84 -0.93
C GLY D 124 3.69 -52.97 0.14
N LEU D 125 3.62 -51.67 -0.15
CA LEU D 125 3.12 -50.69 0.81
C LEU D 125 1.81 -50.02 0.45
N GLN D 126 1.08 -50.65 -0.45
CA GLN D 126 -0.09 -50.02 -1.05
C GLN D 126 -1.28 -49.96 -0.10
N ASP D 127 -1.22 -50.75 0.97
CA ASP D 127 -2.30 -50.75 1.95
C ASP D 127 -2.03 -49.73 3.04
N GLN D 128 -0.82 -49.16 3.03
CA GLN D 128 -0.45 -48.13 3.98
C GLN D 128 -0.49 -46.72 3.32
N ILE D 129 0.10 -46.60 2.14
CA ILE D 129 0.27 -45.32 1.44
C ILE D 129 -0.63 -45.27 0.20
N LYS D 130 -1.66 -44.44 0.27
CA LYS D 130 -2.66 -44.34 -0.79
C LYS D 130 -2.18 -43.28 -1.78
N VAL D 131 -1.97 -43.67 -3.02
CA VAL D 131 -1.54 -42.72 -4.04
C VAL D 131 -2.77 -41.91 -4.51
N SER D 132 -2.67 -40.57 -4.60
CA SER D 132 -3.84 -39.77 -5.04
C SER D 132 -3.46 -38.44 -5.71
N THR D 133 -4.47 -37.59 -5.90
CA THR D 133 -4.22 -36.26 -6.41
C THR D 133 -5.16 -35.30 -5.67
N ALA D 134 -4.73 -34.05 -5.53
CA ALA D 134 -5.52 -33.07 -4.80
C ALA D 134 -6.14 -32.11 -5.79
N ILE D 135 -7.47 -32.08 -5.85
CA ILE D 135 -8.09 -31.19 -6.81
C ILE D 135 -8.54 -29.91 -6.13
N ASP D 136 -8.84 -28.89 -6.94
CA ASP D 136 -9.66 -27.81 -6.45
C ASP D 136 -11.02 -27.96 -7.07
N LEU D 137 -11.95 -27.13 -6.66
CA LEU D 137 -13.30 -27.31 -7.15
C LEU D 137 -13.59 -26.45 -8.38
N THR D 138 -12.57 -25.92 -9.05
CA THR D 138 -12.87 -25.31 -10.34
C THR D 138 -13.37 -26.45 -11.20
N LEU D 139 -12.99 -27.68 -10.85
CA LEU D 139 -13.45 -28.86 -11.59
C LEU D 139 -14.93 -29.13 -11.43
N VAL D 140 -15.51 -28.70 -10.32
CA VAL D 140 -16.95 -28.81 -10.13
C VAL D 140 -17.59 -27.64 -10.88
N GLY D 141 -18.41 -27.98 -11.88
CA GLY D 141 -19.07 -27.05 -12.78
C GLY D 141 -20.42 -26.49 -12.42
N ASN D 142 -21.13 -27.28 -11.65
CA ASN D 142 -22.45 -26.89 -11.21
C ASN D 142 -22.59 -27.30 -9.75
N SER D 143 -23.15 -26.45 -8.91
CA SER D 143 -23.16 -26.74 -7.49
C SER D 143 -24.40 -26.23 -6.77
N TYR D 144 -25.39 -25.75 -7.49
CA TYR D 144 -26.60 -25.31 -6.81
C TYR D 144 -27.79 -26.00 -7.47
N PRO D 145 -28.52 -26.82 -6.68
CA PRO D 145 -28.38 -27.18 -5.26
C PRO D 145 -27.35 -28.30 -5.05
N PRO D 146 -26.83 -28.54 -3.81
CA PRO D 146 -25.70 -29.49 -3.62
C PRO D 146 -25.96 -30.85 -4.29
N SER D 147 -27.21 -31.29 -4.30
CA SER D 147 -27.58 -32.55 -4.97
C SER D 147 -27.30 -32.55 -6.48
N ALA D 148 -27.27 -31.36 -7.06
CA ALA D 148 -26.96 -31.11 -8.48
C ALA D 148 -25.45 -31.02 -8.75
N GLY D 149 -24.63 -31.30 -7.72
CA GLY D 149 -23.18 -31.25 -7.85
C GLY D 149 -22.75 -32.10 -9.02
N ALA D 150 -21.97 -31.47 -9.92
CA ALA D 150 -21.54 -32.11 -11.14
C ALA D 150 -20.23 -31.55 -11.60
N PHE D 151 -19.40 -32.41 -12.17
CA PHE D 151 -18.12 -31.99 -12.76
C PHE D 151 -18.35 -31.21 -14.03
N ARG D 152 -17.42 -30.31 -14.33
CA ARG D 152 -17.46 -29.60 -15.60
C ARG D 152 -17.42 -30.59 -16.77
N ASP D 153 -18.25 -30.35 -17.78
CA ASP D 153 -18.26 -31.22 -18.94
C ASP D 153 -16.88 -31.47 -19.53
N ASP D 154 -16.11 -30.38 -19.59
CA ASP D 154 -14.77 -30.38 -20.14
C ASP D 154 -13.72 -31.05 -19.25
N VAL D 155 -14.10 -31.61 -18.12
CA VAL D 155 -13.10 -32.36 -17.37
C VAL D 155 -13.43 -33.83 -17.18
N ARG D 156 -14.58 -34.26 -17.66
CA ARG D 156 -14.93 -35.67 -17.49
C ARG D 156 -13.93 -36.61 -18.16
N SER D 157 -13.44 -36.21 -19.33
CA SER D 157 -12.49 -37.05 -20.07
C SER D 157 -11.22 -37.23 -19.26
N TYR D 158 -10.86 -36.16 -18.56
CA TYR D 158 -9.75 -36.14 -17.66
C TYR D 158 -10.00 -36.90 -16.35
N LEU D 159 -11.05 -36.49 -15.66
CA LEU D 159 -11.40 -36.96 -14.34
C LEU D 159 -11.86 -38.43 -14.14
N ASN D 160 -12.64 -38.93 -15.09
CA ASN D 160 -13.26 -40.25 -14.97
C ASN D 160 -12.28 -41.41 -14.67
N PRO D 161 -11.22 -41.60 -15.52
CA PRO D 161 -10.35 -42.76 -15.26
C PRO D 161 -9.53 -42.58 -14.01
N ILE D 162 -9.38 -41.33 -13.57
CA ILE D 162 -8.65 -41.04 -12.34
C ILE D 162 -9.50 -41.48 -11.16
N ILE D 163 -10.77 -41.09 -11.24
CA ILE D 163 -11.86 -41.55 -10.37
C ILE D 163 -11.93 -43.07 -10.30
N ARG D 164 -11.94 -43.69 -11.47
CA ARG D 164 -11.97 -45.12 -11.60
C ARG D 164 -10.83 -45.83 -10.81
N PHE D 165 -9.60 -45.39 -11.08
CA PHE D 165 -8.39 -45.84 -10.37
C PHE D 165 -8.41 -45.83 -8.84
N LEU D 166 -8.79 -44.69 -8.27
CA LEU D 166 -8.80 -44.53 -6.83
C LEU D 166 -9.72 -45.52 -6.11
N SER D 167 -10.86 -45.80 -6.71
CA SER D 167 -11.83 -46.74 -6.15
C SER D 167 -11.32 -48.16 -6.04
N SER D 168 -10.59 -48.60 -7.08
CA SER D 168 -10.13 -49.98 -7.22
C SER D 168 -8.97 -50.31 -6.27
N ILE D 169 -8.25 -49.27 -5.87
CA ILE D 169 -7.11 -49.40 -4.98
C ILE D 169 -7.50 -48.96 -3.57
N ARG D 170 -8.79 -48.65 -3.38
CA ARG D 170 -9.32 -48.19 -2.09
C ARG D 170 -8.63 -46.94 -1.55
N SER D 171 -8.44 -45.93 -2.39
CA SER D 171 -7.98 -44.60 -1.93
C SER D 171 -9.13 -43.55 -1.78
N PRO D 172 -9.00 -42.62 -0.82
CA PRO D 172 -9.96 -41.51 -0.82
C PRO D 172 -9.57 -40.49 -1.91
N LEU D 173 -10.44 -39.52 -2.15
CA LEU D 173 -10.04 -38.41 -2.99
C LEU D 173 -9.64 -37.22 -2.10
N LEU D 174 -8.55 -36.53 -2.42
CA LEU D 174 -8.21 -35.34 -1.65
C LEU D 174 -8.75 -34.05 -2.32
N ALA D 175 -9.40 -33.18 -1.54
CA ALA D 175 -9.99 -31.92 -2.04
C ALA D 175 -9.68 -30.68 -1.21
N ASN D 176 -9.20 -29.62 -1.86
CA ASN D 176 -9.08 -28.31 -1.23
C ASN D 176 -10.39 -27.53 -1.30
N ILE D 177 -10.86 -27.04 -0.15
CA ILE D 177 -12.21 -26.46 -0.08
C ILE D 177 -12.22 -25.19 0.76
N TYR D 178 -12.57 -24.07 0.15
CA TYR D 178 -12.48 -22.80 0.86
C TYR D 178 -13.77 -22.02 0.78
N PRO D 179 -14.66 -22.21 1.77
CA PRO D 179 -15.83 -21.33 1.86
C PRO D 179 -15.44 -19.85 1.81
N TYR D 180 -14.26 -19.50 2.32
CA TYR D 180 -13.81 -18.11 2.24
C TYR D 180 -13.85 -17.44 0.85
N PHE D 181 -13.28 -18.07 -0.15
CA PHE D 181 -13.16 -17.43 -1.43
C PHE D 181 -14.52 -17.30 -2.07
N THR D 182 -15.35 -18.32 -1.81
CA THR D 182 -16.73 -18.34 -2.26
C THR D 182 -17.49 -17.18 -1.69
N TYR D 183 -17.43 -17.05 -0.36
CA TYR D 183 -18.11 -15.97 0.33
C TYR D 183 -17.61 -14.61 -0.15
N ALA D 184 -16.30 -14.47 -0.17
CA ALA D 184 -15.65 -13.21 -0.53
C ALA D 184 -16.04 -12.74 -1.91
N GLY D 185 -16.29 -13.70 -2.82
CA GLY D 185 -16.73 -13.40 -4.16
C GLY D 185 -18.19 -13.01 -4.31
N ASN D 186 -19.05 -13.50 -3.41
CA ASN D 186 -20.50 -13.27 -3.49
C ASN D 186 -21.21 -13.05 -2.15
N PRO D 187 -20.84 -11.98 -1.44
CA PRO D 187 -21.37 -11.72 -0.09
C PRO D 187 -22.83 -11.28 -0.08
N ARG D 188 -23.29 -10.80 -1.24
CA ARG D 188 -24.68 -10.44 -1.45
C ARG D 188 -25.60 -11.70 -1.34
N ASP D 189 -25.17 -12.82 -1.91
CA ASP D 189 -25.95 -14.06 -1.92
C ASP D 189 -25.55 -15.07 -0.85
N ILE D 190 -24.33 -14.95 -0.33
CA ILE D 190 -23.84 -15.84 0.73
C ILE D 190 -23.75 -15.12 2.06
N SER D 191 -24.40 -15.66 3.08
CA SER D 191 -24.34 -14.97 4.36
C SER D 191 -23.09 -15.38 5.09
N LEU D 192 -22.54 -14.43 5.81
CA LEU D 192 -21.34 -14.69 6.56
C LEU D 192 -21.52 -15.82 7.61
N PRO D 193 -22.61 -15.81 8.41
CA PRO D 193 -22.76 -16.94 9.36
C PRO D 193 -22.75 -18.30 8.67
N TYR D 194 -23.34 -18.31 7.49
CA TYR D 194 -23.43 -19.51 6.67
C TYR D 194 -21.98 -19.96 6.38
N ALA D 195 -21.10 -19.03 6.07
CA ALA D 195 -19.73 -19.40 5.79
C ALA D 195 -18.94 -19.79 7.05
N LEU D 196 -19.39 -19.33 8.21
CA LEU D 196 -18.62 -19.45 9.45
C LEU D 196 -19.10 -20.50 10.46
N PHE D 197 -20.12 -21.29 10.08
CA PHE D 197 -20.84 -22.26 10.92
C PHE D 197 -21.61 -21.59 12.08
N THR D 198 -22.05 -20.35 11.89
CA THR D 198 -22.71 -19.61 12.96
C THR D 198 -24.16 -19.36 12.54
N SER D 199 -24.62 -20.09 11.54
CA SER D 199 -25.98 -19.91 11.02
C SER D 199 -26.95 -20.77 11.83
N PRO D 200 -27.95 -20.12 12.47
CA PRO D 200 -28.99 -20.73 13.30
C PRO D 200 -30.06 -21.55 12.55
N SER D 201 -30.56 -21.06 11.42
CA SER D 201 -31.51 -21.85 10.66
C SER D 201 -30.78 -22.50 9.49
N VAL D 202 -31.37 -23.54 8.92
CA VAL D 202 -30.83 -24.16 7.71
C VAL D 202 -30.95 -23.07 6.61
N VAL D 203 -30.02 -22.97 5.66
CA VAL D 203 -30.07 -21.85 4.69
C VAL D 203 -30.51 -22.41 3.34
N VAL D 204 -30.19 -23.66 3.09
CA VAL D 204 -30.61 -24.23 1.84
C VAL D 204 -31.27 -25.60 2.11
N TRP D 205 -32.52 -25.81 1.63
CA TRP D 205 -33.15 -27.13 1.68
C TRP D 205 -32.99 -27.77 0.34
N ASP D 206 -32.40 -28.95 0.40
CA ASP D 206 -32.05 -29.73 -0.77
C ASP D 206 -32.64 -31.08 -0.48
N GLY D 207 -33.90 -31.24 -0.88
CA GLY D 207 -34.74 -32.34 -0.51
C GLY D 207 -34.79 -32.53 0.99
N GLN D 208 -34.32 -33.68 1.48
CA GLN D 208 -34.44 -33.99 2.90
C GLN D 208 -33.25 -33.53 3.72
N ARG D 209 -32.32 -32.87 3.06
CA ARG D 209 -31.10 -32.42 3.70
C ARG D 209 -31.08 -30.91 3.94
N GLY D 210 -30.90 -30.48 5.18
CA GLY D 210 -30.85 -29.05 5.46
C GLY D 210 -29.40 -28.65 5.66
N TYR D 211 -28.97 -27.67 4.88
CA TYR D 211 -27.59 -27.22 4.95
C TYR D 211 -27.48 -25.92 5.74
N LYS D 212 -26.71 -26.03 6.81
CA LYS D 212 -26.47 -24.92 7.73
C LYS D 212 -25.20 -24.11 7.43
N ASN D 213 -24.21 -24.74 6.81
CA ASN D 213 -22.99 -24.05 6.51
C ASN D 213 -22.45 -24.33 5.10
N LEU D 214 -21.67 -23.38 4.61
CA LEU D 214 -21.15 -23.41 3.26
C LEU D 214 -20.20 -24.54 3.03
N PHE D 215 -19.52 -24.97 4.07
CA PHE D 215 -18.53 -26.01 3.91
C PHE D 215 -19.23 -27.34 3.57
N ASP D 216 -20.28 -27.66 4.31
CA ASP D 216 -21.06 -28.88 4.10
C ASP D 216 -21.72 -28.89 2.73
N ALA D 217 -22.31 -27.74 2.36
CA ALA D 217 -22.92 -27.52 1.04
C ALA D 217 -21.95 -27.79 -0.12
N THR D 218 -20.72 -27.29 0.05
CA THR D 218 -19.67 -27.29 -0.96
C THR D 218 -19.13 -28.70 -1.11
N LEU D 219 -18.95 -29.33 0.03
CA LEU D 219 -18.46 -30.71 0.11
C LEU D 219 -19.44 -31.71 -0.52
N ASP D 220 -20.71 -31.57 -0.20
CA ASP D 220 -21.70 -32.49 -0.69
C ASP D 220 -21.90 -32.40 -2.19
N ALA D 221 -21.71 -31.21 -2.77
CA ALA D 221 -21.73 -31.07 -4.23
C ALA D 221 -20.64 -31.93 -4.84
N LEU D 222 -19.51 -31.98 -4.16
CA LEU D 222 -18.41 -32.83 -4.61
C LEU D 222 -18.85 -34.32 -4.52
N TYR D 223 -19.47 -34.71 -3.41
CA TYR D 223 -19.94 -36.08 -3.23
C TYR D 223 -20.91 -36.38 -4.40
N SER D 224 -21.78 -35.42 -4.68
CA SER D 224 -22.79 -35.54 -5.76
C SER D 224 -22.12 -35.63 -7.14
N ALA D 225 -21.03 -34.88 -7.31
CA ALA D 225 -20.27 -34.86 -8.55
C ALA D 225 -19.51 -36.17 -8.76
N LEU D 226 -18.99 -36.77 -7.68
CA LEU D 226 -18.33 -38.07 -7.77
C LEU D 226 -19.30 -39.17 -8.26
N GLU D 227 -20.51 -39.16 -7.66
CA GLU D 227 -21.58 -40.09 -8.01
C GLU D 227 -22.02 -40.01 -9.46
N ARG D 228 -22.15 -38.78 -9.97
CA ARG D 228 -22.44 -38.60 -11.39
C ARG D 228 -21.33 -39.01 -12.36
N ALA D 229 -20.12 -39.21 -11.85
CA ALA D 229 -19.03 -39.57 -12.74
C ALA D 229 -18.52 -40.94 -12.35
N SER D 230 -19.42 -41.76 -11.80
CA SER D 230 -19.14 -43.16 -11.45
C SER D 230 -18.04 -43.29 -10.39
N GLY D 231 -18.00 -42.33 -9.47
CA GLY D 231 -17.11 -42.41 -8.33
C GLY D 231 -17.84 -42.25 -7.01
N GLY D 232 -19.08 -42.71 -6.96
CA GLY D 232 -19.95 -42.59 -5.79
C GLY D 232 -19.43 -43.26 -4.53
N SER D 233 -18.41 -44.09 -4.67
CA SER D 233 -17.81 -44.69 -3.50
C SER D 233 -16.52 -44.03 -3.00
N LEU D 234 -16.06 -42.94 -3.61
CA LEU D 234 -14.84 -42.34 -3.10
C LEU D 234 -15.14 -41.51 -1.85
N GLU D 235 -14.32 -41.71 -0.81
CA GLU D 235 -14.28 -40.82 0.35
C GLU D 235 -13.52 -39.55 -0.01
N VAL D 236 -13.90 -38.40 0.55
CA VAL D 236 -13.08 -37.20 0.39
C VAL D 236 -12.34 -36.79 1.65
N VAL D 237 -11.03 -36.70 1.51
CA VAL D 237 -10.16 -36.08 2.49
C VAL D 237 -10.01 -34.60 2.12
N VAL D 238 -10.36 -33.70 3.03
CA VAL D 238 -10.19 -32.29 2.76
C VAL D 238 -8.73 -31.89 2.94
N SER D 239 -8.00 -31.76 1.82
CA SER D 239 -6.55 -31.64 1.91
C SER D 239 -6.02 -30.20 2.10
N GLU D 240 -6.91 -29.22 1.98
CA GLU D 240 -6.69 -27.83 2.43
C GLU D 240 -7.99 -27.16 2.81
N SER D 241 -7.99 -26.35 3.85
CA SER D 241 -9.08 -25.40 4.10
C SER D 241 -8.65 -24.38 5.13
N GLY D 242 -8.97 -23.12 4.89
CA GLY D 242 -8.51 -22.05 5.77
C GLY D 242 -9.18 -20.71 5.58
N TRP D 243 -8.88 -19.79 6.50
CA TRP D 243 -9.40 -18.43 6.45
C TRP D 243 -8.26 -17.45 6.81
N PRO D 244 -8.02 -16.42 5.98
CA PRO D 244 -6.90 -15.47 6.13
C PRO D 244 -7.13 -14.41 7.20
N SER D 245 -6.08 -14.03 7.95
CA SER D 245 -6.31 -13.03 8.99
C SER D 245 -6.30 -11.61 8.43
N ALA D 246 -5.77 -11.41 7.23
CA ALA D 246 -5.75 -10.06 6.61
C ALA D 246 -5.50 -10.03 5.09
N GLY D 247 -5.66 -8.86 4.48
CA GLY D 247 -5.16 -8.66 3.14
C GLY D 247 -6.19 -8.49 2.05
N ALA D 248 -7.44 -8.66 2.45
CA ALA D 248 -8.53 -8.64 1.51
C ALA D 248 -9.82 -8.78 2.26
N PHE D 249 -10.89 -8.54 1.51
CA PHE D 249 -12.26 -8.60 2.01
C PHE D 249 -12.53 -9.86 2.83
N ALA D 250 -13.06 -9.64 4.02
CA ALA D 250 -13.48 -10.68 4.94
C ALA D 250 -12.31 -11.46 5.52
N ALA D 251 -11.09 -11.00 5.25
CA ALA D 251 -9.92 -11.53 5.92
C ALA D 251 -9.76 -10.74 7.25
N THR D 252 -10.28 -11.24 8.36
CA THR D 252 -10.23 -10.50 9.63
C THR D 252 -9.91 -11.41 10.80
N PHE D 253 -9.44 -10.87 11.90
CA PHE D 253 -9.09 -11.69 13.02
C PHE D 253 -10.28 -12.44 13.56
N ASP D 254 -11.40 -11.76 13.64
CA ASP D 254 -12.60 -12.35 14.17
C ASP D 254 -13.20 -13.45 13.31
N ASN D 255 -13.29 -13.19 12.01
CA ASN D 255 -13.73 -14.17 10.98
C ASN D 255 -12.82 -15.37 10.89
N GLY D 256 -11.53 -15.08 10.82
CA GLY D 256 -10.47 -16.06 10.84
C GLY D 256 -10.63 -17.03 12.00
N ARG D 257 -10.79 -16.47 13.17
CA ARG D 257 -10.89 -17.20 14.42
C ARG D 257 -12.15 -18.06 14.54
N THR D 258 -13.25 -17.51 14.09
CA THR D 258 -14.53 -18.17 13.99
C THR D 258 -14.52 -19.37 13.04
N TYR D 259 -14.19 -19.13 11.78
CA TYR D 259 -14.21 -20.20 10.79
C TYR D 259 -13.42 -21.40 11.26
N LEU D 260 -12.17 -21.14 11.63
CA LEU D 260 -11.23 -22.16 11.99
C LEU D 260 -11.57 -22.89 13.30
N SER D 261 -12.07 -22.18 14.29
CA SER D 261 -12.43 -22.80 15.55
C SER D 261 -13.67 -23.70 15.40
N ASN D 262 -14.69 -23.19 14.70
CA ASN D 262 -15.87 -24.01 14.41
C ASN D 262 -15.57 -25.25 13.57
N LEU D 263 -14.68 -25.10 12.62
CA LEU D 263 -14.29 -26.16 11.72
C LEU D 263 -13.69 -27.36 12.46
N ILE D 264 -12.74 -27.13 13.38
CA ILE D 264 -12.10 -28.25 14.14
C ILE D 264 -13.11 -29.18 14.84
N GLN D 265 -14.17 -28.59 15.37
CA GLN D 265 -15.24 -29.35 15.99
C GLN D 265 -16.13 -30.02 14.94
N HIS D 266 -16.47 -29.22 13.93
CA HIS D 266 -17.31 -29.68 12.84
C HIS D 266 -16.79 -30.96 12.19
N VAL D 267 -15.51 -31.04 11.87
CA VAL D 267 -15.03 -32.16 11.05
C VAL D 267 -14.91 -33.47 11.83
N LYS D 268 -15.37 -33.46 13.08
CA LYS D 268 -15.53 -34.67 13.87
C LYS D 268 -16.75 -35.50 13.41
N ARG D 269 -17.68 -34.83 12.73
CA ARG D 269 -18.87 -35.45 12.15
C ARG D 269 -18.90 -35.13 10.67
N GLY D 270 -19.97 -35.52 10.01
CA GLY D 270 -20.06 -35.42 8.57
C GLY D 270 -20.99 -34.34 8.09
N THR D 271 -21.52 -34.53 6.88
CA THR D 271 -22.35 -33.57 6.17
C THR D 271 -23.80 -34.05 6.14
N PRO D 272 -24.73 -33.17 5.73
CA PRO D 272 -26.09 -33.70 5.60
C PRO D 272 -26.22 -34.90 4.66
N LYS D 273 -25.27 -35.13 3.76
CA LYS D 273 -25.36 -36.27 2.89
C LYS D 273 -24.63 -37.46 3.47
N ARG D 274 -23.61 -37.19 4.28
CA ARG D 274 -22.83 -38.28 4.87
C ARG D 274 -22.49 -38.01 6.30
N PRO D 275 -23.44 -38.30 7.17
CA PRO D 275 -23.42 -37.88 8.57
C PRO D 275 -22.50 -38.77 9.41
N LYS D 276 -22.32 -40.03 9.07
CA LYS D 276 -21.58 -40.88 9.99
C LYS D 276 -20.07 -40.58 10.05
N ARG D 277 -19.37 -40.73 8.93
CA ARG D 277 -17.93 -40.81 9.07
C ARG D 277 -17.36 -39.39 9.35
N ALA D 278 -16.39 -39.29 10.26
CA ALA D 278 -15.64 -38.04 10.55
C ALA D 278 -14.95 -37.52 9.29
N ILE D 279 -14.82 -36.21 9.10
CA ILE D 279 -14.12 -35.72 7.90
C ILE D 279 -12.65 -35.35 8.14
N GLU D 280 -11.75 -36.18 7.61
CA GLU D 280 -10.34 -35.90 7.69
C GLU D 280 -9.94 -34.63 6.95
N THR D 281 -9.36 -33.67 7.66
CA THR D 281 -9.16 -32.33 7.09
C THR D 281 -7.76 -31.75 7.41
N TYR D 282 -7.08 -31.17 6.42
CA TYR D 282 -5.80 -30.48 6.66
C TYR D 282 -5.94 -28.98 6.47
N LEU D 283 -5.80 -28.23 7.56
CA LEU D 283 -5.88 -26.77 7.56
C LEU D 283 -4.72 -26.11 6.83
N PHE D 284 -5.05 -25.08 6.04
CA PHE D 284 -4.09 -24.25 5.33
C PHE D 284 -4.08 -22.83 5.94
N ALA D 285 -2.98 -22.41 6.56
CA ALA D 285 -1.70 -23.11 6.69
C ALA D 285 -1.00 -22.74 7.99
N MET D 286 0.12 -23.38 8.25
CA MET D 286 0.75 -23.22 9.56
C MET D 286 1.21 -21.81 9.90
N PHE D 287 1.94 -21.18 8.99
CA PHE D 287 2.46 -19.83 9.22
C PHE D 287 1.98 -18.87 8.15
N ASP D 288 1.84 -17.60 8.51
CA ASP D 288 1.72 -16.60 7.45
C ASP D 288 2.94 -16.79 6.55
N GLU D 289 2.77 -16.45 5.29
CA GLU D 289 3.84 -16.65 4.36
C GLU D 289 4.10 -15.42 3.50
N ASN D 290 4.93 -14.52 4.03
CA ASN D 290 5.14 -13.18 3.44
C ASN D 290 5.77 -13.12 2.04
N LYS D 291 6.19 -14.26 1.51
CA LYS D 291 6.78 -14.28 0.16
C LYS D 291 5.70 -14.61 -0.88
N LYS D 292 4.52 -14.98 -0.40
CA LYS D 292 3.40 -15.37 -1.27
C LYS D 292 2.67 -14.17 -1.82
N GLN D 293 1.99 -14.39 -2.94
CA GLN D 293 1.17 -13.36 -3.57
C GLN D 293 -0.24 -13.90 -3.89
N PRO D 294 -1.27 -13.05 -3.75
CA PRO D 294 -1.19 -11.65 -3.34
C PRO D 294 -1.15 -11.46 -1.84
N GLU D 295 -1.43 -10.25 -1.38
CA GLU D 295 -1.19 -9.87 0.01
C GLU D 295 -1.90 -10.81 0.94
N VAL D 296 -3.10 -11.24 0.55
CA VAL D 296 -3.98 -12.00 1.41
C VAL D 296 -3.38 -13.39 1.62
N GLU D 297 -2.53 -13.84 0.69
CA GLU D 297 -1.89 -15.15 0.81
C GLU D 297 -0.75 -15.13 1.82
N LYS D 298 -0.54 -13.97 2.43
CA LYS D 298 0.47 -13.83 3.47
C LYS D 298 -0.17 -13.84 4.85
N HIS D 299 -1.47 -14.15 4.88
CA HIS D 299 -2.19 -14.06 6.11
C HIS D 299 -3.07 -15.28 6.42
N PHE D 300 -2.71 -16.46 5.87
CA PHE D 300 -3.49 -17.67 6.13
C PHE D 300 -3.01 -18.41 7.37
N GLY D 301 -1.94 -17.92 7.98
CA GLY D 301 -1.36 -18.54 9.15
C GLY D 301 -2.25 -18.78 10.36
N LEU D 302 -1.98 -19.90 11.03
CA LEU D 302 -2.66 -20.24 12.26
C LEU D 302 -1.76 -19.78 13.38
N PHE D 303 -0.47 -19.70 13.03
CA PHE D 303 0.63 -19.34 13.89
C PHE D 303 1.32 -18.12 13.30
N PHE D 304 1.83 -17.21 14.14
CA PHE D 304 2.74 -16.20 13.62
C PHE D 304 4.09 -16.90 13.39
N PRO D 305 5.03 -16.24 12.69
CA PRO D 305 6.32 -16.91 12.49
C PRO D 305 7.18 -17.00 13.76
N ASN D 306 6.87 -16.20 14.77
CA ASN D 306 7.51 -16.31 16.09
C ASN D 306 6.96 -17.49 16.92
N LYS D 307 6.11 -18.29 16.27
CA LYS D 307 5.51 -19.54 16.79
C LYS D 307 4.41 -19.28 17.80
N TRP D 308 3.97 -18.02 17.89
CA TRP D 308 2.79 -17.75 18.69
C TRP D 308 1.56 -17.93 17.84
N GLN D 309 0.55 -18.61 18.40
CA GLN D 309 -0.70 -18.86 17.69
C GLN D 309 -1.49 -17.56 17.51
N LYS D 310 -2.09 -17.35 16.34
CA LYS D 310 -3.00 -16.23 16.18
C LYS D 310 -4.24 -16.36 17.06
N TYR D 311 -4.78 -17.58 17.09
CA TYR D 311 -6.15 -17.80 17.53
C TYR D 311 -6.38 -18.70 18.73
N ASN D 312 -5.34 -19.39 19.20
CA ASN D 312 -5.46 -20.24 20.38
C ASN D 312 -6.46 -21.37 20.14
N LEU D 313 -6.12 -22.30 19.23
CA LEU D 313 -7.04 -23.38 18.83
C LEU D 313 -6.65 -24.68 19.52
N ASN D 314 -7.65 -25.47 19.90
CA ASN D 314 -7.42 -26.83 20.33
C ASN D 314 -7.44 -27.89 19.23
N PHE D 315 -6.31 -28.57 19.11
CA PHE D 315 -6.06 -29.68 18.21
C PHE D 315 -6.35 -31.00 18.97
N SER D 316 -7.61 -31.24 19.34
CA SER D 316 -7.99 -32.50 19.98
C SER D 316 -9.47 -32.57 20.32
C1 NAG E . 27.14 -1.54 35.85
C2 NAG E . 28.31 -0.58 35.38
C3 NAG E . 29.70 -1.08 35.85
C4 NAG E . 29.73 -1.62 37.28
C5 NAG E . 28.58 -2.60 37.51
C6 NAG E . 28.48 -3.08 38.95
C7 NAG E . 28.32 0.80 33.35
C8 NAG E . 28.47 0.80 31.86
N2 NAG E . 28.33 -0.41 33.94
O3 NAG E . 30.61 0.02 35.70
O4 NAG E . 30.99 -2.24 37.53
O5 NAG E . 27.34 -1.92 37.23
O6 NAG E . 27.13 -3.21 39.40
O7 NAG E . 28.16 1.84 33.99
C1 NAG E . 31.99 -1.24 37.95
C2 NAG E . 32.91 -1.67 39.09
C3 NAG E . 33.56 -0.43 39.71
C4 NAG E . 34.31 0.34 38.63
C5 NAG E . 33.49 0.57 37.34
C6 NAG E . 34.35 1.03 36.18
C7 NAG E . 32.12 -3.78 40.03
C8 NAG E . 31.28 -4.45 41.08
N2 NAG E . 32.19 -2.45 40.09
O3 NAG E . 34.47 -0.82 40.74
O4 NAG E . 34.72 1.61 39.12
O5 NAG E . 32.79 -0.62 36.90
O6 NAG E . 33.63 0.98 34.96
O7 NAG E . 32.72 -4.42 39.16
CAC FLC F . -31.11 -18.52 -18.36
CA FLC F . -31.43 -17.81 -17.08
CB FLC F . -31.87 -18.83 -16.06
CBC FLC F . -31.00 -20.08 -16.12
CG FLC F . -31.78 -18.25 -14.65
CGC FLC F . -32.19 -19.18 -13.51
OA1 FLC F . -32.02 -19.01 -19.11
OA2 FLC F . -29.90 -18.65 -18.66
OB1 FLC F . -31.36 -21.15 -16.72
OB2 FLC F . -29.88 -20.06 -15.51
OG1 FLC F . -31.67 -20.34 -13.36
OG2 FLC F . -33.06 -18.78 -12.67
OHB FLC F . -33.20 -19.09 -16.38
CAC FLC G . -3.55 -9.16 -15.10
CA FLC G . -2.92 -9.00 -16.46
CB FLC G . -1.50 -9.44 -16.63
CBC FLC G . -1.35 -10.95 -16.55
CG FLC G . -1.14 -8.91 -18.01
CGC FLC G . -0.17 -9.71 -18.83
OA1 FLC G . -3.53 -8.21 -14.25
OA2 FLC G . -4.15 -10.26 -14.82
OB1 FLC G . -0.41 -11.49 -15.88
OB2 FLC G . -2.14 -11.72 -17.17
OG1 FLC G . 1.06 -9.38 -18.92
OG2 FLC G . -0.57 -10.74 -19.47
OHB FLC G . -0.73 -8.79 -15.69
AS CAC H . -18.14 -34.56 -24.39
O1 CAC H . -18.15 -34.07 -26.06
O2 CAC H . -18.85 -33.25 -23.48
C1 CAC H . -19.14 -36.26 -24.24
C2 CAC H . -16.28 -34.94 -23.87
NA NA I . 10.91 34.96 27.56
CAC FLC J . 2.72 -25.45 -4.36
CA FLC J . 3.59 -25.25 -5.56
CB FLC J . 3.79 -23.79 -5.76
CBC FLC J . 5.00 -23.43 -4.93
CG FLC J . 4.06 -23.50 -7.23
CGC FLC J . 3.85 -22.06 -7.63
OA1 FLC J . 3.12 -25.09 -3.20
OA2 FLC J . 1.57 -25.96 -4.51
OB1 FLC J . 4.96 -22.44 -4.15
OB2 FLC J . 6.05 -24.11 -5.01
OG1 FLC J . 2.77 -21.73 -8.22
OG2 FLC J . 4.74 -21.18 -7.40
OHB FLC J . 2.66 -23.09 -5.31
#